data_1T4A
# 
_entry.id   1T4A 
# 
_audit_conform.dict_name       mmcif_pdbx.dic 
_audit_conform.dict_version    5.397 
_audit_conform.dict_location   http://mmcif.pdb.org/dictionaries/ascii/mmcif_pdbx.dic 
# 
loop_
_database_2.database_id 
_database_2.database_code 
_database_2.pdbx_database_accession 
_database_2.pdbx_DOI 
PDB   1T4A         pdb_00001t4a 10.2210/pdb1t4a/pdb 
RCSB  RCSB022293   ?            ?                   
WWPDB D_1000022293 ?            ?                   
# 
loop_
_pdbx_audit_revision_history.ordinal 
_pdbx_audit_revision_history.data_content_type 
_pdbx_audit_revision_history.major_revision 
_pdbx_audit_revision_history.minor_revision 
_pdbx_audit_revision_history.revision_date 
1 'Structure model' 1 0 2004-09-14 
2 'Structure model' 1 1 2008-04-30 
3 'Structure model' 1 2 2011-07-13 
4 'Structure model' 1 3 2024-10-16 
# 
_pdbx_audit_revision_details.ordinal             1 
_pdbx_audit_revision_details.revision_ordinal    1 
_pdbx_audit_revision_details.data_content_type   'Structure model' 
_pdbx_audit_revision_details.provider            repository 
_pdbx_audit_revision_details.type                'Initial release' 
_pdbx_audit_revision_details.description         ? 
_pdbx_audit_revision_details.details             ? 
# 
loop_
_pdbx_audit_revision_group.ordinal 
_pdbx_audit_revision_group.revision_ordinal 
_pdbx_audit_revision_group.data_content_type 
_pdbx_audit_revision_group.group 
1 2 'Structure model' 'Version format compliance' 
2 3 'Structure model' 'Derived calculations'      
3 3 'Structure model' 'Version format compliance' 
4 4 'Structure model' 'Data collection'           
5 4 'Structure model' 'Database references'       
6 4 'Structure model' 'Derived calculations'      
7 4 'Structure model' 'Structure summary'         
# 
loop_
_pdbx_audit_revision_category.ordinal 
_pdbx_audit_revision_category.revision_ordinal 
_pdbx_audit_revision_category.data_content_type 
_pdbx_audit_revision_category.category 
1 4 'Structure model' chem_comp_atom            
2 4 'Structure model' chem_comp_bond            
3 4 'Structure model' database_2                
4 4 'Structure model' pdbx_entry_details        
5 4 'Structure model' pdbx_modification_feature 
6 4 'Structure model' struct_conn               
7 4 'Structure model' struct_ref_seq_dif        
# 
loop_
_pdbx_audit_revision_item.ordinal 
_pdbx_audit_revision_item.revision_ordinal 
_pdbx_audit_revision_item.data_content_type 
_pdbx_audit_revision_item.item 
1 4 'Structure model' '_database_2.pdbx_DOI'                
2 4 'Structure model' '_database_2.pdbx_database_accession' 
3 4 'Structure model' '_struct_conn.pdbx_leaving_atom_flag' 
4 4 'Structure model' '_struct_ref_seq_dif.details'         
# 
_pdbx_database_status.status_code                     REL 
_pdbx_database_status.entry_id                        1T4A 
_pdbx_database_status.recvd_initial_deposition_date   2004-04-28 
_pdbx_database_status.deposit_site                    RCSB 
_pdbx_database_status.process_site                    RCSB 
_pdbx_database_status.status_code_sf                  REL 
_pdbx_database_status.SG_entry                        . 
_pdbx_database_status.pdb_format_compatible           Y 
_pdbx_database_status.status_code_mr                  ? 
_pdbx_database_status.status_code_cs                  ? 
_pdbx_database_status.status_code_nmr_data            ? 
_pdbx_database_status.methods_development_category    ? 
# 
_pdbx_database_related.db_name        PDB 
_pdbx_database_related.db_id          1GTD 
_pdbx_database_related.details        . 
_pdbx_database_related.content_type   unspecified 
# 
loop_
_audit_author.name 
_audit_author.pdbx_ordinal 
'Anand, R.'      1 
'Hoskins, A.A.'  2 
'Bennett, E.M.'  3 
'Sintchak, M.D.' 4 
'Stubbe, J.'     5 
'Ealick, S.E.'   6 
# 
_citation.id                        primary 
_citation.title                     
'A model for the Bacillus subtilis formylglycinamide ribonucleotide amidotransferase multiprotein complex.' 
_citation.journal_abbrev            Biochemistry 
_citation.journal_volume            43 
_citation.page_first                10343 
_citation.page_last                 10352 
_citation.year                      2004 
_citation.journal_id_ASTM           BICHAW 
_citation.country                   US 
_citation.journal_id_ISSN           0006-2960 
_citation.journal_id_CSD            0033 
_citation.book_publisher            ? 
_citation.pdbx_database_id_PubMed   15301532 
_citation.pdbx_database_id_DOI      10.1021/bi0491292 
# 
loop_
_citation_author.citation_id 
_citation_author.name 
_citation_author.ordinal 
_citation_author.identifier_ORCID 
primary 'Anand, R.'      1 ? 
primary 'Hoskins, A.A.'  2 ? 
primary 'Bennett, E.M.'  3 ? 
primary 'Sintchak, M.D.' 4 ? 
primary 'Stubbe, J.'     5 ? 
primary 'Ealick, S.E.'   6 ? 
# 
loop_
_entity.id 
_entity.type 
_entity.src_method 
_entity.pdbx_description 
_entity.formula_weight 
_entity.pdbx_number_of_molecules 
_entity.pdbx_ec 
_entity.pdbx_mutation 
_entity.pdbx_fragment 
_entity.details 
1 polymer man PurS  9954.749 2   ? ? ? ? 
2 water   nat water 18.015   184 ? ? ? ? 
# 
_entity_poly.entity_id                      1 
_entity_poly.type                           'polypeptide(L)' 
_entity_poly.nstd_linkage                   no 
_entity_poly.nstd_monomer                   yes 
_entity_poly.pdbx_seq_one_letter_code       
;(MSE)YKVKVYVSLKESVLDPQGSAVQHALHS(MSE)TYNEVQDVRIGKY(MSE)ELTIEKSDRDLDVLVKE(MSE)CEK
LLANTVIEDYRYEVEEVVAQ
;
_entity_poly.pdbx_seq_one_letter_code_can   
;MYKVKVYVSLKESVLDPQGSAVQHALHSMTYNEVQDVRIGKYMELTIEKSDRDLDVLVKEMCEKLLANTVIEDYRYEVEE
VVAQ
;
_entity_poly.pdbx_strand_id                 A,B 
_entity_poly.pdbx_target_identifier         ? 
# 
_pdbx_entity_nonpoly.entity_id   2 
_pdbx_entity_nonpoly.name        water 
_pdbx_entity_nonpoly.comp_id     HOH 
# 
loop_
_entity_poly_seq.entity_id 
_entity_poly_seq.num 
_entity_poly_seq.mon_id 
_entity_poly_seq.hetero 
1 1  MSE n 
1 2  TYR n 
1 3  LYS n 
1 4  VAL n 
1 5  LYS n 
1 6  VAL n 
1 7  TYR n 
1 8  VAL n 
1 9  SER n 
1 10 LEU n 
1 11 LYS n 
1 12 GLU n 
1 13 SER n 
1 14 VAL n 
1 15 LEU n 
1 16 ASP n 
1 17 PRO n 
1 18 GLN n 
1 19 GLY n 
1 20 SER n 
1 21 ALA n 
1 22 VAL n 
1 23 GLN n 
1 24 HIS n 
1 25 ALA n 
1 26 LEU n 
1 27 HIS n 
1 28 SER n 
1 29 MSE n 
1 30 THR n 
1 31 TYR n 
1 32 ASN n 
1 33 GLU n 
1 34 VAL n 
1 35 GLN n 
1 36 ASP n 
1 37 VAL n 
1 38 ARG n 
1 39 ILE n 
1 40 GLY n 
1 41 LYS n 
1 42 TYR n 
1 43 MSE n 
1 44 GLU n 
1 45 LEU n 
1 46 THR n 
1 47 ILE n 
1 48 GLU n 
1 49 LYS n 
1 50 SER n 
1 51 ASP n 
1 52 ARG n 
1 53 ASP n 
1 54 LEU n 
1 55 ASP n 
1 56 VAL n 
1 57 LEU n 
1 58 VAL n 
1 59 LYS n 
1 60 GLU n 
1 61 MSE n 
1 62 CYS n 
1 63 GLU n 
1 64 LYS n 
1 65 LEU n 
1 66 LEU n 
1 67 ALA n 
1 68 ASN n 
1 69 THR n 
1 70 VAL n 
1 71 ILE n 
1 72 GLU n 
1 73 ASP n 
1 74 TYR n 
1 75 ARG n 
1 76 TYR n 
1 77 GLU n 
1 78 VAL n 
1 79 GLU n 
1 80 GLU n 
1 81 VAL n 
1 82 VAL n 
1 83 ALA n 
1 84 GLN n 
# 
_entity_src_gen.entity_id                          1 
_entity_src_gen.pdbx_src_id                        1 
_entity_src_gen.pdbx_alt_source_flag               sample 
_entity_src_gen.pdbx_seq_type                      ? 
_entity_src_gen.pdbx_beg_seq_num                   ? 
_entity_src_gen.pdbx_end_seq_num                   ? 
_entity_src_gen.gene_src_common_name               ? 
_entity_src_gen.gene_src_genus                     Bacillus 
_entity_src_gen.pdbx_gene_src_gene                 'YEXA, BSU06460' 
_entity_src_gen.gene_src_species                   ? 
_entity_src_gen.gene_src_strain                    ? 
_entity_src_gen.gene_src_tissue                    ? 
_entity_src_gen.gene_src_tissue_fraction           ? 
_entity_src_gen.gene_src_details                   ? 
_entity_src_gen.pdbx_gene_src_fragment             ? 
_entity_src_gen.pdbx_gene_src_scientific_name      'Bacillus subtilis' 
_entity_src_gen.pdbx_gene_src_ncbi_taxonomy_id     1423 
_entity_src_gen.pdbx_gene_src_variant              ? 
_entity_src_gen.pdbx_gene_src_cell_line            ? 
_entity_src_gen.pdbx_gene_src_atcc                 ? 
_entity_src_gen.pdbx_gene_src_organ                ? 
_entity_src_gen.pdbx_gene_src_organelle            ? 
_entity_src_gen.pdbx_gene_src_cell                 ? 
_entity_src_gen.pdbx_gene_src_cellular_location    ? 
_entity_src_gen.host_org_common_name               ? 
_entity_src_gen.pdbx_host_org_scientific_name      'Escherichia coli BL21(DE3)' 
_entity_src_gen.pdbx_host_org_ncbi_taxonomy_id     469008 
_entity_src_gen.host_org_genus                     Escherichia 
_entity_src_gen.pdbx_host_org_gene                 ? 
_entity_src_gen.pdbx_host_org_organ                ? 
_entity_src_gen.host_org_species                   'Escherichia coli' 
_entity_src_gen.pdbx_host_org_tissue               ? 
_entity_src_gen.pdbx_host_org_tissue_fraction      ? 
_entity_src_gen.pdbx_host_org_strain               'Bl21(DE3)' 
_entity_src_gen.pdbx_host_org_variant              ? 
_entity_src_gen.pdbx_host_org_cell_line            ? 
_entity_src_gen.pdbx_host_org_atcc                 ? 
_entity_src_gen.pdbx_host_org_culture_collection   ? 
_entity_src_gen.pdbx_host_org_cell                 ? 
_entity_src_gen.pdbx_host_org_organelle            ? 
_entity_src_gen.pdbx_host_org_cellular_location    ? 
_entity_src_gen.pdbx_host_org_vector_type          plasmid 
_entity_src_gen.pdbx_host_org_vector               ? 
_entity_src_gen.host_org_details                   ? 
_entity_src_gen.expression_system_id               ? 
_entity_src_gen.plasmid_name                       'pET 11a' 
_entity_src_gen.plasmid_details                    ? 
_entity_src_gen.pdbx_description                   ? 
# 
loop_
_chem_comp.id 
_chem_comp.type 
_chem_comp.mon_nstd_flag 
_chem_comp.name 
_chem_comp.pdbx_synonyms 
_chem_comp.formula 
_chem_comp.formula_weight 
ALA 'L-peptide linking' y ALANINE          ? 'C3 H7 N O2'     89.093  
ARG 'L-peptide linking' y ARGININE         ? 'C6 H15 N4 O2 1' 175.209 
ASN 'L-peptide linking' y ASPARAGINE       ? 'C4 H8 N2 O3'    132.118 
ASP 'L-peptide linking' y 'ASPARTIC ACID'  ? 'C4 H7 N O4'     133.103 
CYS 'L-peptide linking' y CYSTEINE         ? 'C3 H7 N O2 S'   121.158 
GLN 'L-peptide linking' y GLUTAMINE        ? 'C5 H10 N2 O3'   146.144 
GLU 'L-peptide linking' y 'GLUTAMIC ACID'  ? 'C5 H9 N O4'     147.129 
GLY 'peptide linking'   y GLYCINE          ? 'C2 H5 N O2'     75.067  
HIS 'L-peptide linking' y HISTIDINE        ? 'C6 H10 N3 O2 1' 156.162 
HOH non-polymer         . WATER            ? 'H2 O'           18.015  
ILE 'L-peptide linking' y ISOLEUCINE       ? 'C6 H13 N O2'    131.173 
LEU 'L-peptide linking' y LEUCINE          ? 'C6 H13 N O2'    131.173 
LYS 'L-peptide linking' y LYSINE           ? 'C6 H15 N2 O2 1' 147.195 
MET 'L-peptide linking' y METHIONINE       ? 'C5 H11 N O2 S'  149.211 
MSE 'L-peptide linking' n SELENOMETHIONINE ? 'C5 H11 N O2 Se' 196.106 
PRO 'L-peptide linking' y PROLINE          ? 'C5 H9 N O2'     115.130 
SER 'L-peptide linking' y SERINE           ? 'C3 H7 N O3'     105.093 
THR 'L-peptide linking' y THREONINE        ? 'C4 H9 N O3'     119.119 
TYR 'L-peptide linking' y TYROSINE         ? 'C9 H11 N O3'    181.189 
VAL 'L-peptide linking' y VALINE           ? 'C5 H11 N O2'    117.146 
# 
loop_
_pdbx_poly_seq_scheme.asym_id 
_pdbx_poly_seq_scheme.entity_id 
_pdbx_poly_seq_scheme.seq_id 
_pdbx_poly_seq_scheme.mon_id 
_pdbx_poly_seq_scheme.ndb_seq_num 
_pdbx_poly_seq_scheme.pdb_seq_num 
_pdbx_poly_seq_scheme.auth_seq_num 
_pdbx_poly_seq_scheme.pdb_mon_id 
_pdbx_poly_seq_scheme.auth_mon_id 
_pdbx_poly_seq_scheme.pdb_strand_id 
_pdbx_poly_seq_scheme.pdb_ins_code 
_pdbx_poly_seq_scheme.hetero 
A 1 1  MSE 1  1  1  MSE MSE A . n 
A 1 2  TYR 2  2  2  TYR TYR A . n 
A 1 3  LYS 3  3  3  LYS LYS A . n 
A 1 4  VAL 4  4  4  VAL VAL A . n 
A 1 5  LYS 5  5  5  LYS LYS A . n 
A 1 6  VAL 6  6  6  VAL VAL A . n 
A 1 7  TYR 7  7  7  TYR TYR A . n 
A 1 8  VAL 8  8  8  VAL VAL A . n 
A 1 9  SER 9  9  9  SER SER A . n 
A 1 10 LEU 10 10 10 LEU LEU A . n 
A 1 11 LYS 11 11 11 LYS LYS A . n 
A 1 12 GLU 12 12 12 GLU GLU A . n 
A 1 13 SER 13 13 13 SER SER A . n 
A 1 14 VAL 14 14 14 VAL VAL A . n 
A 1 15 LEU 15 15 15 LEU LEU A . n 
A 1 16 ASP 16 16 16 ASP ASP A . n 
A 1 17 PRO 17 17 17 PRO PRO A . n 
A 1 18 GLN 18 18 18 GLN GLN A . n 
A 1 19 GLY 19 19 19 GLY GLY A . n 
A 1 20 SER 20 20 20 SER SER A . n 
A 1 21 ALA 21 21 21 ALA ALA A . n 
A 1 22 VAL 22 22 22 VAL VAL A . n 
A 1 23 GLN 23 23 23 GLN GLN A . n 
A 1 24 HIS 24 24 24 HIS HIS A . n 
A 1 25 ALA 25 25 25 ALA ALA A . n 
A 1 26 LEU 26 26 26 LEU LEU A . n 
A 1 27 HIS 27 27 27 HIS HIS A . n 
A 1 28 SER 28 28 28 SER SER A . n 
A 1 29 MSE 29 29 29 MSE MSE A . n 
A 1 30 THR 30 30 30 THR THR A . n 
A 1 31 TYR 31 31 31 TYR TYR A . n 
A 1 32 ASN 32 32 32 ASN ASN A . n 
A 1 33 GLU 33 33 33 GLU GLU A . n 
A 1 34 VAL 34 34 34 VAL VAL A . n 
A 1 35 GLN 35 35 35 GLN GLN A . n 
A 1 36 ASP 36 36 36 ASP ASP A . n 
A 1 37 VAL 37 37 37 VAL VAL A . n 
A 1 38 ARG 38 38 38 ARG ARG A . n 
A 1 39 ILE 39 39 39 ILE ILE A . n 
A 1 40 GLY 40 40 40 GLY GLY A . n 
A 1 41 LYS 41 41 41 LYS LYS A . n 
A 1 42 TYR 42 42 42 TYR TYR A . n 
A 1 43 MSE 43 43 43 MSE MSE A . n 
A 1 44 GLU 44 44 44 GLU GLU A . n 
A 1 45 LEU 45 45 45 LEU LEU A . n 
A 1 46 THR 46 46 46 THR THR A . n 
A 1 47 ILE 47 47 47 ILE ILE A . n 
A 1 48 GLU 48 48 48 GLU GLU A . n 
A 1 49 LYS 49 49 49 LYS LYS A . n 
A 1 50 SER 50 50 50 SER SER A . n 
A 1 51 ASP 51 51 51 ASP ASP A . n 
A 1 52 ARG 52 52 52 ARG ARG A . n 
A 1 53 ASP 53 53 53 ASP ASP A . n 
A 1 54 LEU 54 54 54 LEU LEU A . n 
A 1 55 ASP 55 55 55 ASP ASP A . n 
A 1 56 VAL 56 56 56 VAL VAL A . n 
A 1 57 LEU 57 57 57 LEU LEU A . n 
A 1 58 VAL 58 58 58 VAL VAL A . n 
A 1 59 LYS 59 59 59 LYS LYS A . n 
A 1 60 GLU 60 60 60 GLU GLU A . n 
A 1 61 MSE 61 61 61 MSE MSE A . n 
A 1 62 CYS 62 62 62 CYS CYS A . n 
A 1 63 GLU 63 63 63 GLU GLU A . n 
A 1 64 LYS 64 64 64 LYS LYS A . n 
A 1 65 LEU 65 65 65 LEU LEU A . n 
A 1 66 LEU 66 66 66 LEU LEU A . n 
A 1 67 ALA 67 67 67 ALA ALA A . n 
A 1 68 ASN 68 68 68 ASN ASN A . n 
A 1 69 THR 69 69 69 THR THR A . n 
A 1 70 VAL 70 70 70 VAL VAL A . n 
A 1 71 ILE 71 71 71 ILE ILE A . n 
A 1 72 GLU 72 72 72 GLU GLU A . n 
A 1 73 ASP 73 73 73 ASP ASP A . n 
A 1 74 TYR 74 74 74 TYR TYR A . n 
A 1 75 ARG 75 75 75 ARG ARG A . n 
A 1 76 TYR 76 76 76 TYR TYR A . n 
A 1 77 GLU 77 77 77 GLU GLU A . n 
A 1 78 VAL 78 78 78 VAL VAL A . n 
A 1 79 GLU 79 79 79 GLU GLU A . n 
A 1 80 GLU 80 80 80 GLU GLU A . n 
A 1 81 VAL 81 81 ?  ?   ?   A . n 
A 1 82 VAL 82 82 ?  ?   ?   A . n 
A 1 83 ALA 83 83 ?  ?   ?   A . n 
A 1 84 GLN 84 84 ?  ?   ?   A . n 
B 1 1  MSE 1  1  1  MSE MSE B . n 
B 1 2  TYR 2  2  2  TYR TYR B . n 
B 1 3  LYS 3  3  3  LYS LYS B . n 
B 1 4  VAL 4  4  4  VAL VAL B . n 
B 1 5  LYS 5  5  5  LYS LYS B . n 
B 1 6  VAL 6  6  6  VAL VAL B . n 
B 1 7  TYR 7  7  7  TYR TYR B . n 
B 1 8  VAL 8  8  8  VAL VAL B . n 
B 1 9  SER 9  9  9  SER SER B . n 
B 1 10 LEU 10 10 10 LEU LEU B . n 
B 1 11 LYS 11 11 11 LYS LYS B . n 
B 1 12 GLU 12 12 12 GLU GLU B . n 
B 1 13 SER 13 13 13 SER SER B . n 
B 1 14 VAL 14 14 14 VAL VAL B . n 
B 1 15 LEU 15 15 15 LEU LEU B . n 
B 1 16 ASP 16 16 16 ASP ASP B . n 
B 1 17 PRO 17 17 17 PRO PRO B . n 
B 1 18 GLN 18 18 18 GLN GLN B . n 
B 1 19 GLY 19 19 19 GLY GLY B . n 
B 1 20 SER 20 20 20 SER SER B . n 
B 1 21 ALA 21 21 21 ALA ALA B . n 
B 1 22 VAL 22 22 22 VAL VAL B . n 
B 1 23 GLN 23 23 23 GLN GLN B . n 
B 1 24 HIS 24 24 24 HIS HIS B . n 
B 1 25 ALA 25 25 25 ALA ALA B . n 
B 1 26 LEU 26 26 26 LEU LEU B . n 
B 1 27 HIS 27 27 27 HIS HIS B . n 
B 1 28 SER 28 28 28 SER SER B . n 
B 1 29 MSE 29 29 29 MSE MSE B . n 
B 1 30 THR 30 30 30 THR THR B . n 
B 1 31 TYR 31 31 31 TYR TYR B . n 
B 1 32 ASN 32 32 32 ASN ASN B . n 
B 1 33 GLU 33 33 33 GLU GLU B . n 
B 1 34 VAL 34 34 34 VAL VAL B . n 
B 1 35 GLN 35 35 35 GLN GLN B . n 
B 1 36 ASP 36 36 36 ASP ASP B . n 
B 1 37 VAL 37 37 37 VAL VAL B . n 
B 1 38 ARG 38 38 38 ARG ARG B . n 
B 1 39 ILE 39 39 39 ILE ILE B . n 
B 1 40 GLY 40 40 40 GLY GLY B . n 
B 1 41 LYS 41 41 41 LYS LYS B . n 
B 1 42 TYR 42 42 42 TYR TYR B . n 
B 1 43 MSE 43 43 43 MSE MSE B . n 
B 1 44 GLU 44 44 44 GLU GLU B . n 
B 1 45 LEU 45 45 45 LEU LEU B . n 
B 1 46 THR 46 46 46 THR THR B . n 
B 1 47 ILE 47 47 47 ILE ILE B . n 
B 1 48 GLU 48 48 48 GLU GLU B . n 
B 1 49 LYS 49 49 49 LYS LYS B . n 
B 1 50 SER 50 50 50 SER SER B . n 
B 1 51 ASP 51 51 51 ASP ASP B . n 
B 1 52 ARG 52 52 52 ARG ARG B . n 
B 1 53 ASP 53 53 53 ASP ASP B . n 
B 1 54 LEU 54 54 54 LEU LEU B . n 
B 1 55 ASP 55 55 55 ASP ASP B . n 
B 1 56 VAL 56 56 56 VAL VAL B . n 
B 1 57 LEU 57 57 57 LEU LEU B . n 
B 1 58 VAL 58 58 58 VAL VAL B . n 
B 1 59 LYS 59 59 59 LYS LYS B . n 
B 1 60 GLU 60 60 60 GLU GLU B . n 
B 1 61 MSE 61 61 61 MSE MSE B . n 
B 1 62 CYS 62 62 62 CYS CYS B . n 
B 1 63 GLU 63 63 63 GLU GLU B . n 
B 1 64 LYS 64 64 64 LYS LYS B . n 
B 1 65 LEU 65 65 65 LEU LEU B . n 
B 1 66 LEU 66 66 66 LEU LEU B . n 
B 1 67 ALA 67 67 67 ALA ALA B . n 
B 1 68 ASN 68 68 68 ASN ASN B . n 
B 1 69 THR 69 69 69 THR THR B . n 
B 1 70 VAL 70 70 70 VAL VAL B . n 
B 1 71 ILE 71 71 71 ILE ILE B . n 
B 1 72 GLU 72 72 72 GLU GLU B . n 
B 1 73 ASP 73 73 73 ASP ASP B . n 
B 1 74 TYR 74 74 74 TYR TYR B . n 
B 1 75 ARG 75 75 75 ARG ARG B . n 
B 1 76 TYR 76 76 76 TYR TYR B . n 
B 1 77 GLU 77 77 77 GLU GLU B . n 
B 1 78 VAL 78 78 78 VAL VAL B . n 
B 1 79 GLU 79 79 79 GLU GLU B . n 
B 1 80 GLU 80 80 80 GLU GLU B . n 
B 1 81 VAL 81 81 ?  ?   ?   B . n 
B 1 82 VAL 82 82 ?  ?   ?   B . n 
B 1 83 ALA 83 83 ?  ?   ?   B . n 
B 1 84 GLN 84 84 ?  ?   ?   B . n 
# 
loop_
_pdbx_nonpoly_scheme.asym_id 
_pdbx_nonpoly_scheme.entity_id 
_pdbx_nonpoly_scheme.mon_id 
_pdbx_nonpoly_scheme.ndb_seq_num 
_pdbx_nonpoly_scheme.pdb_seq_num 
_pdbx_nonpoly_scheme.auth_seq_num 
_pdbx_nonpoly_scheme.pdb_mon_id 
_pdbx_nonpoly_scheme.auth_mon_id 
_pdbx_nonpoly_scheme.pdb_strand_id 
_pdbx_nonpoly_scheme.pdb_ins_code 
C 2 HOH 1  85  1   HOH HOH A . 
C 2 HOH 2  86  2   HOH HOH A . 
C 2 HOH 3  87  8   HOH HOH A . 
C 2 HOH 4  88  9   HOH HOH A . 
C 2 HOH 5  89  10  HOH HOH A . 
C 2 HOH 6  90  11  HOH HOH A . 
C 2 HOH 7  91  12  HOH HOH A . 
C 2 HOH 8  92  14  HOH HOH A . 
C 2 HOH 9  93  15  HOH HOH A . 
C 2 HOH 10 94  17  HOH HOH A . 
C 2 HOH 11 95  19  HOH HOH A . 
C 2 HOH 12 96  23  HOH HOH A . 
C 2 HOH 13 97  26  HOH HOH A . 
C 2 HOH 14 98  28  HOH HOH A . 
C 2 HOH 15 99  29  HOH HOH A . 
C 2 HOH 16 100 32  HOH HOH A . 
C 2 HOH 17 101 33  HOH HOH A . 
C 2 HOH 18 102 34  HOH HOH A . 
C 2 HOH 19 103 37  HOH HOH A . 
C 2 HOH 20 104 38  HOH HOH A . 
C 2 HOH 21 105 41  HOH HOH A . 
C 2 HOH 22 106 42  HOH HOH A . 
C 2 HOH 23 107 44  HOH HOH A . 
C 2 HOH 24 108 45  HOH HOH A . 
C 2 HOH 25 109 47  HOH HOH A . 
C 2 HOH 26 110 49  HOH HOH A . 
C 2 HOH 27 111 51  HOH HOH A . 
C 2 HOH 28 112 52  HOH HOH A . 
C 2 HOH 29 113 53  HOH HOH A . 
C 2 HOH 30 114 54  HOH HOH A . 
C 2 HOH 31 115 55  HOH HOH A . 
C 2 HOH 32 116 56  HOH HOH A . 
C 2 HOH 33 117 57  HOH HOH A . 
C 2 HOH 34 118 60  HOH HOH A . 
C 2 HOH 35 119 61  HOH HOH A . 
C 2 HOH 36 120 62  HOH HOH A . 
C 2 HOH 37 121 66  HOH HOH A . 
C 2 HOH 38 122 67  HOH HOH A . 
C 2 HOH 39 123 70  HOH HOH A . 
C 2 HOH 40 124 71  HOH HOH A . 
C 2 HOH 41 125 72  HOH HOH A . 
C 2 HOH 42 126 74  HOH HOH A . 
C 2 HOH 43 127 77  HOH HOH A . 
C 2 HOH 44 128 82  HOH HOH A . 
C 2 HOH 45 129 83  HOH HOH A . 
C 2 HOH 46 130 84  HOH HOH A . 
C 2 HOH 47 131 85  HOH HOH A . 
C 2 HOH 48 132 86  HOH HOH A . 
C 2 HOH 49 133 87  HOH HOH A . 
C 2 HOH 50 134 90  HOH HOH A . 
C 2 HOH 51 135 93  HOH HOH A . 
C 2 HOH 52 136 95  HOH HOH A . 
C 2 HOH 53 137 97  HOH HOH A . 
C 2 HOH 54 138 98  HOH HOH A . 
C 2 HOH 55 139 99  HOH HOH A . 
C 2 HOH 56 140 100 HOH HOH A . 
C 2 HOH 57 141 102 HOH HOH A . 
C 2 HOH 58 142 104 HOH HOH A . 
C 2 HOH 59 143 109 HOH HOH A . 
C 2 HOH 60 144 116 HOH HOH A . 
C 2 HOH 61 145 117 HOH HOH A . 
C 2 HOH 62 146 118 HOH HOH A . 
C 2 HOH 63 147 123 HOH HOH A . 
C 2 HOH 64 148 125 HOH HOH A . 
C 2 HOH 65 149 127 HOH HOH A . 
C 2 HOH 66 150 131 HOH HOH A . 
C 2 HOH 67 151 134 HOH HOH A . 
C 2 HOH 68 152 135 HOH HOH A . 
C 2 HOH 69 153 142 HOH HOH A . 
C 2 HOH 70 154 144 HOH HOH A . 
C 2 HOH 71 155 146 HOH HOH A . 
C 2 HOH 72 156 147 HOH HOH A . 
C 2 HOH 73 157 150 HOH HOH A . 
C 2 HOH 74 158 153 HOH HOH A . 
C 2 HOH 75 159 154 HOH HOH A . 
C 2 HOH 76 160 155 HOH HOH A . 
C 2 HOH 77 161 156 HOH HOH A . 
C 2 HOH 78 162 157 HOH HOH A . 
C 2 HOH 79 163 158 HOH HOH A . 
C 2 HOH 80 164 161 HOH HOH A . 
C 2 HOH 81 165 163 HOH HOH A . 
C 2 HOH 82 166 164 HOH HOH A . 
C 2 HOH 83 167 166 HOH HOH A . 
C 2 HOH 84 168 169 HOH HOH A . 
C 2 HOH 85 169 170 HOH HOH A . 
C 2 HOH 86 170 171 HOH HOH A . 
C 2 HOH 87 171 172 HOH HOH A . 
C 2 HOH 88 172 174 HOH HOH A . 
C 2 HOH 89 173 175 HOH HOH A . 
C 2 HOH 90 174 184 HOH HOH A . 
D 2 HOH 1  85  3   HOH HOH B . 
D 2 HOH 2  86  4   HOH HOH B . 
D 2 HOH 3  87  5   HOH HOH B . 
D 2 HOH 4  88  6   HOH HOH B . 
D 2 HOH 5  89  7   HOH HOH B . 
D 2 HOH 6  90  13  HOH HOH B . 
D 2 HOH 7  91  16  HOH HOH B . 
D 2 HOH 8  92  18  HOH HOH B . 
D 2 HOH 9  93  20  HOH HOH B . 
D 2 HOH 10 94  21  HOH HOH B . 
D 2 HOH 11 95  22  HOH HOH B . 
D 2 HOH 12 96  24  HOH HOH B . 
D 2 HOH 13 97  25  HOH HOH B . 
D 2 HOH 14 98  27  HOH HOH B . 
D 2 HOH 15 99  30  HOH HOH B . 
D 2 HOH 16 100 31  HOH HOH B . 
D 2 HOH 17 101 35  HOH HOH B . 
D 2 HOH 18 102 36  HOH HOH B . 
D 2 HOH 19 103 39  HOH HOH B . 
D 2 HOH 20 104 40  HOH HOH B . 
D 2 HOH 21 105 43  HOH HOH B . 
D 2 HOH 22 106 46  HOH HOH B . 
D 2 HOH 23 107 48  HOH HOH B . 
D 2 HOH 24 108 50  HOH HOH B . 
D 2 HOH 25 109 58  HOH HOH B . 
D 2 HOH 26 110 59  HOH HOH B . 
D 2 HOH 27 111 63  HOH HOH B . 
D 2 HOH 28 112 64  HOH HOH B . 
D 2 HOH 29 113 65  HOH HOH B . 
D 2 HOH 30 114 68  HOH HOH B . 
D 2 HOH 31 115 69  HOH HOH B . 
D 2 HOH 32 116 73  HOH HOH B . 
D 2 HOH 33 117 75  HOH HOH B . 
D 2 HOH 34 118 76  HOH HOH B . 
D 2 HOH 35 119 78  HOH HOH B . 
D 2 HOH 36 120 79  HOH HOH B . 
D 2 HOH 37 121 80  HOH HOH B . 
D 2 HOH 38 122 81  HOH HOH B . 
D 2 HOH 39 123 88  HOH HOH B . 
D 2 HOH 40 124 89  HOH HOH B . 
D 2 HOH 41 125 91  HOH HOH B . 
D 2 HOH 42 126 92  HOH HOH B . 
D 2 HOH 43 127 94  HOH HOH B . 
D 2 HOH 44 128 96  HOH HOH B . 
D 2 HOH 45 129 101 HOH HOH B . 
D 2 HOH 46 130 103 HOH HOH B . 
D 2 HOH 47 131 105 HOH HOH B . 
D 2 HOH 48 132 106 HOH HOH B . 
D 2 HOH 49 133 107 HOH HOH B . 
D 2 HOH 50 134 108 HOH HOH B . 
D 2 HOH 51 135 110 HOH HOH B . 
D 2 HOH 52 136 111 HOH HOH B . 
D 2 HOH 53 137 112 HOH HOH B . 
D 2 HOH 54 138 113 HOH HOH B . 
D 2 HOH 55 139 114 HOH HOH B . 
D 2 HOH 56 140 115 HOH HOH B . 
D 2 HOH 57 141 119 HOH HOH B . 
D 2 HOH 58 142 120 HOH HOH B . 
D 2 HOH 59 143 121 HOH HOH B . 
D 2 HOH 60 144 122 HOH HOH B . 
D 2 HOH 61 145 124 HOH HOH B . 
D 2 HOH 62 146 126 HOH HOH B . 
D 2 HOH 63 147 128 HOH HOH B . 
D 2 HOH 64 148 129 HOH HOH B . 
D 2 HOH 65 149 130 HOH HOH B . 
D 2 HOH 66 150 132 HOH HOH B . 
D 2 HOH 67 151 133 HOH HOH B . 
D 2 HOH 68 152 136 HOH HOH B . 
D 2 HOH 69 153 137 HOH HOH B . 
D 2 HOH 70 154 138 HOH HOH B . 
D 2 HOH 71 155 139 HOH HOH B . 
D 2 HOH 72 156 140 HOH HOH B . 
D 2 HOH 73 157 141 HOH HOH B . 
D 2 HOH 74 158 143 HOH HOH B . 
D 2 HOH 75 159 145 HOH HOH B . 
D 2 HOH 76 160 148 HOH HOH B . 
D 2 HOH 77 161 149 HOH HOH B . 
D 2 HOH 78 162 151 HOH HOH B . 
D 2 HOH 79 163 152 HOH HOH B . 
D 2 HOH 80 164 159 HOH HOH B . 
D 2 HOH 81 165 160 HOH HOH B . 
D 2 HOH 82 166 162 HOH HOH B . 
D 2 HOH 83 167 165 HOH HOH B . 
D 2 HOH 84 168 167 HOH HOH B . 
D 2 HOH 85 169 168 HOH HOH B . 
D 2 HOH 86 170 173 HOH HOH B . 
D 2 HOH 87 171 176 HOH HOH B . 
D 2 HOH 88 172 177 HOH HOH B . 
D 2 HOH 89 173 178 HOH HOH B . 
D 2 HOH 90 174 179 HOH HOH B . 
D 2 HOH 91 175 180 HOH HOH B . 
D 2 HOH 92 176 181 HOH HOH B . 
D 2 HOH 93 177 182 HOH HOH B . 
D 2 HOH 94 178 183 HOH HOH B . 
# 
loop_
_pdbx_unobs_or_zero_occ_atoms.id 
_pdbx_unobs_or_zero_occ_atoms.PDB_model_num 
_pdbx_unobs_or_zero_occ_atoms.polymer_flag 
_pdbx_unobs_or_zero_occ_atoms.occupancy_flag 
_pdbx_unobs_or_zero_occ_atoms.auth_asym_id 
_pdbx_unobs_or_zero_occ_atoms.auth_comp_id 
_pdbx_unobs_or_zero_occ_atoms.auth_seq_id 
_pdbx_unobs_or_zero_occ_atoms.PDB_ins_code 
_pdbx_unobs_or_zero_occ_atoms.auth_atom_id 
_pdbx_unobs_or_zero_occ_atoms.label_alt_id 
_pdbx_unobs_or_zero_occ_atoms.label_asym_id 
_pdbx_unobs_or_zero_occ_atoms.label_comp_id 
_pdbx_unobs_or_zero_occ_atoms.label_seq_id 
_pdbx_unobs_or_zero_occ_atoms.label_atom_id 
1  1 Y 0 A GLN 35 ? N   ? A GLN 35 N   
2  1 Y 0 A GLN 35 ? CA  ? A GLN 35 CA  
3  1 Y 0 A GLN 35 ? C   ? A GLN 35 C   
4  1 Y 0 A GLN 35 ? O   ? A GLN 35 O   
5  1 Y 1 B GLU 12 ? CG  ? B GLU 12 CG  
6  1 Y 1 B GLU 12 ? CD  ? B GLU 12 CD  
7  1 Y 1 B GLU 12 ? OE1 ? B GLU 12 OE1 
8  1 Y 1 B GLU 12 ? OE2 ? B GLU 12 OE2 
9  1 Y 0 B GLN 35 ? N   ? B GLN 35 N   
10 1 Y 0 B GLN 35 ? CA  ? B GLN 35 CA  
11 1 Y 0 B GLN 35 ? C   ? B GLN 35 C   
12 1 Y 0 B GLN 35 ? O   ? B GLN 35 O   
13 1 Y 0 B GLN 35 ? CB  ? B GLN 35 CB  
14 1 Y 1 B GLU 44 ? CG  ? B GLU 44 CG  
15 1 Y 1 B GLU 44 ? CD  ? B GLU 44 CD  
16 1 Y 1 B GLU 44 ? OE1 ? B GLU 44 OE1 
17 1 Y 1 B GLU 44 ? OE2 ? B GLU 44 OE2 
# 
loop_
_software.name 
_software.classification 
_software.version 
_software.citation_id 
_software.pdbx_ordinal 
CNS   refinement       1.1       ? 1 
DENZO 'data reduction' .         ? 2 
CCP4  'data scaling'   '(SCALA)' ? 3 
CNS   phasing          .         ? 4 
# 
_cell.entry_id           1T4A 
_cell.length_a           89.128 
_cell.length_b           42.206 
_cell.length_c           47.033 
_cell.angle_alpha        90.00 
_cell.angle_beta         118.22 
_cell.angle_gamma        90.00 
_cell.Z_PDB              8 
_cell.pdbx_unique_axis   ? 
# 
_symmetry.entry_id                         1T4A 
_symmetry.space_group_name_H-M             'C 1 2 1' 
_symmetry.pdbx_full_space_group_name_H-M   ? 
_symmetry.cell_setting                     ? 
_symmetry.Int_Tables_number                5 
_symmetry.space_group_name_Hall            ? 
# 
_exptl.entry_id          1T4A 
_exptl.method            'X-RAY DIFFRACTION' 
_exptl.crystals_number   1 
# 
_exptl_crystal.id                    1 
_exptl_crystal.density_meas          ? 
_exptl_crystal.density_percent_sol   47 
_exptl_crystal.description           'The number of observed reflections reported here include Friedel Pairs' 
_exptl_crystal.density_Matthews      2.5 
_exptl_crystal.F_000                 ? 
_exptl_crystal.preparation           ? 
# 
_exptl_crystal_grow.crystal_id      1 
_exptl_crystal_grow.method          'VAPOR DIFFUSION, HANGING DROP' 
_exptl_crystal_grow.temp            291 
_exptl_crystal_grow.temp_details    ? 
_exptl_crystal_grow.pH              5.6 
_exptl_crystal_grow.pdbx_details    
'20% PEG4K, 5% glycerol, 15% isopropanol, 100mM sodium citrate, pH 5.6, VAPOR DIFFUSION, HANGING DROP, temperature 291K' 
_exptl_crystal_grow.pdbx_pH_range   . 
# 
_diffrn.id                     1 
_diffrn.ambient_temp           180 
_diffrn.ambient_temp_details   ? 
_diffrn.crystal_id             1 
# 
_diffrn_detector.diffrn_id              1 
_diffrn_detector.detector               CCD 
_diffrn_detector.type                   'ADSC QUANTUM 310' 
_diffrn_detector.pdbx_collection_date   2003-08-19 
_diffrn_detector.details                ? 
# 
_diffrn_radiation.diffrn_id                        1 
_diffrn_radiation.wavelength_id                    1 
_diffrn_radiation.pdbx_monochromatic_or_laue_m_l   M 
_diffrn_radiation.monochromator                    ? 
_diffrn_radiation.pdbx_diffrn_protocol             'SINGLE WAVELENGTH' 
_diffrn_radiation.pdbx_scattering_type             x-ray 
# 
_diffrn_radiation_wavelength.id           1 
_diffrn_radiation_wavelength.wavelength   0.9791 
_diffrn_radiation_wavelength.wt           1.0 
# 
_diffrn_source.diffrn_id                   1 
_diffrn_source.source                      SYNCHROTRON 
_diffrn_source.type                        'APS BEAMLINE 8-BM' 
_diffrn_source.pdbx_synchrotron_site       APS 
_diffrn_source.pdbx_synchrotron_beamline   8-BM 
_diffrn_source.pdbx_wavelength             ? 
_diffrn_source.pdbx_wavelength_list        0.9791 
# 
_reflns.entry_id                     1T4A 
_reflns.observed_criterion_sigma_I   0 
_reflns.observed_criterion_sigma_F   0 
_reflns.d_resolution_low             25.0 
_reflns.d_resolution_high            2.0 
_reflns.number_obs                   19509 
_reflns.number_all                   19603 
_reflns.percent_possible_obs         100 
_reflns.pdbx_Rmerge_I_obs            0.11 
_reflns.pdbx_Rsym_value              0.11 
_reflns.pdbx_netI_over_sigmaI        20.0 
_reflns.B_iso_Wilson_estimate        7.7 
_reflns.pdbx_redundancy              12.0 
_reflns.R_free_details               ? 
_reflns.limit_h_max                  ? 
_reflns.limit_h_min                  ? 
_reflns.limit_k_max                  ? 
_reflns.limit_k_min                  ? 
_reflns.limit_l_max                  ? 
_reflns.limit_l_min                  ? 
_reflns.observed_criterion_F_max     ? 
_reflns.observed_criterion_F_min     ? 
_reflns.pdbx_chi_squared             ? 
_reflns.pdbx_scaling_rejects         ? 
_reflns.pdbx_ordinal                 1 
_reflns.pdbx_diffrn_id               1 
# 
_reflns_shell.d_res_high             2.0 
_reflns_shell.d_res_low              2.1 
_reflns_shell.percent_possible_all   100 
_reflns_shell.Rmerge_I_obs           0.287 
_reflns_shell.pdbx_Rsym_value        0.287 
_reflns_shell.meanI_over_sigI_obs    10.0 
_reflns_shell.pdbx_redundancy        12.0 
_reflns_shell.percent_possible_obs   ? 
_reflns_shell.number_unique_all      5325 
_reflns_shell.number_measured_all    ? 
_reflns_shell.number_measured_obs    ? 
_reflns_shell.number_unique_obs      ? 
_reflns_shell.pdbx_chi_squared       ? 
_reflns_shell.pdbx_ordinal           1 
_reflns_shell.pdbx_diffrn_id         1 
# 
_refine.entry_id                                 1T4A 
_refine.ls_number_reflns_obs                     19509 
_refine.ls_number_reflns_all                     19509 
_refine.pdbx_ls_sigma_I                          0.0 
_refine.pdbx_ls_sigma_F                          0.0 
_refine.pdbx_data_cutoff_high_absF               234685.81 
_refine.pdbx_data_cutoff_low_absF                0.000000 
_refine.pdbx_data_cutoff_high_rms_absF           ? 
_refine.ls_d_res_low                             19.62 
_refine.ls_d_res_high                            2.00 
_refine.ls_percent_reflns_obs                    95.4 
_refine.ls_R_factor_obs                          0.213 
_refine.ls_R_factor_all                          0.217 
_refine.ls_R_factor_R_work                       0.213 
_refine.ls_R_factor_R_free                       0.283 
_refine.ls_R_factor_R_free_error                 0.007 
_refine.ls_R_factor_R_free_error_details         ? 
_refine.ls_percent_reflns_R_free                 9.3 
_refine.ls_number_reflns_R_free                  1821 
_refine.ls_number_parameters                     ? 
_refine.ls_number_restraints                     ? 
_refine.occupancy_min                            ? 
_refine.occupancy_max                            ? 
_refine.correlation_coeff_Fo_to_Fc               ? 
_refine.correlation_coeff_Fo_to_Fc_free          ? 
_refine.B_iso_mean                               18.9 
_refine.aniso_B[1][1]                            1.73 
_refine.aniso_B[2][2]                            1.96 
_refine.aniso_B[3][3]                            -3.69 
_refine.aniso_B[1][2]                            0.00 
_refine.aniso_B[1][3]                            1.24 
_refine.aniso_B[2][3]                            0.00 
_refine.solvent_model_details                    'FLAT MODEL' 
_refine.solvent_model_param_ksol                 0.36583 
_refine.solvent_model_param_bsol                 74.562 
_refine.pdbx_solvent_vdw_probe_radii             ? 
_refine.pdbx_solvent_ion_probe_radii             ? 
_refine.pdbx_solvent_shrinkage_radii             ? 
_refine.pdbx_ls_cross_valid_method               THROUGHOUT 
_refine.details                                  'Reflections used for refinement include Friedel Pairs' 
_refine.pdbx_starting_model                      ? 
_refine.pdbx_method_to_determine_struct          'MOLECULAR REPLACEMENT' 
_refine.pdbx_isotropic_thermal_model             RESTRAINED 
_refine.pdbx_stereochemistry_target_values       'Engh & Huber' 
_refine.pdbx_stereochem_target_val_spec_case     ? 
_refine.pdbx_R_Free_selection_details            RANDOM 
_refine.pdbx_overall_ESU_R                       ? 
_refine.pdbx_overall_ESU_R_Free                  ? 
_refine.overall_SU_ML                            ? 
_refine.overall_SU_B                             ? 
_refine.ls_redundancy_reflns_obs                 ? 
_refine.B_iso_min                                ? 
_refine.B_iso_max                                ? 
_refine.overall_SU_R_Cruickshank_DPI             ? 
_refine.overall_SU_R_free                        ? 
_refine.ls_wR_factor_R_free                      ? 
_refine.ls_wR_factor_R_work                      ? 
_refine.overall_FOM_free_R_set                   ? 
_refine.overall_FOM_work_R_set                   ? 
_refine.pdbx_refine_id                           'X-RAY DIFFRACTION' 
_refine.pdbx_diffrn_id                           1 
_refine.pdbx_TLS_residual_ADP_flag               ? 
_refine.pdbx_overall_phase_error                 ? 
_refine.pdbx_overall_SU_R_free_Cruickshank_DPI   ? 
_refine.pdbx_overall_SU_R_Blow_DPI               ? 
_refine.pdbx_overall_SU_R_free_Blow_DPI          ? 
# 
_refine_analyze.entry_id                        1T4A 
_refine_analyze.Luzzati_coordinate_error_obs    0.23 
_refine_analyze.Luzzati_sigma_a_obs             0.03 
_refine_analyze.Luzzati_d_res_low_obs           5.00 
_refine_analyze.Luzzati_coordinate_error_free   0.32 
_refine_analyze.Luzzati_sigma_a_free            0.16 
_refine_analyze.Luzzati_d_res_low_free          ? 
_refine_analyze.number_disordered_residues      ? 
_refine_analyze.occupancy_sum_hydrogen          ? 
_refine_analyze.occupancy_sum_non_hydrogen      ? 
_refine_analyze.pdbx_Luzzati_d_res_high_obs     ? 
_refine_analyze.pdbx_refine_id                  'X-RAY DIFFRACTION' 
# 
_refine_hist.pdbx_refine_id                   'X-RAY DIFFRACTION' 
_refine_hist.cycle_id                         LAST 
_refine_hist.pdbx_number_atoms_protein        1298 
_refine_hist.pdbx_number_atoms_nucleic_acid   0 
_refine_hist.pdbx_number_atoms_ligand         0 
_refine_hist.number_atoms_solvent             184 
_refine_hist.number_atoms_total               1482 
_refine_hist.d_res_high                       2.00 
_refine_hist.d_res_low                        19.62 
# 
loop_
_refine_ls_restr.type 
_refine_ls_restr.dev_ideal 
_refine_ls_restr.dev_ideal_target 
_refine_ls_restr.weight 
_refine_ls_restr.number 
_refine_ls_restr.pdbx_refine_id 
_refine_ls_restr.pdbx_restraint_function 
c_bond_d           0.005 ? ? ? 'X-RAY DIFFRACTION' ? 
c_angle_deg        1.3   ? ? ? 'X-RAY DIFFRACTION' ? 
c_dihedral_angle_d 23.6  ? ? ? 'X-RAY DIFFRACTION' ? 
c_improper_angle_d 0.60  ? ? ? 'X-RAY DIFFRACTION' ? 
# 
_refine_ls_shell.pdbx_total_number_of_bins_used   6 
_refine_ls_shell.d_res_high                       2.00 
_refine_ls_shell.d_res_low                        2.13 
_refine_ls_shell.number_reflns_R_work             3022 
_refine_ls_shell.R_factor_R_work                  0.222 
_refine_ls_shell.percent_reflns_obs               97.1 
_refine_ls_shell.R_factor_R_free                  0.316 
_refine_ls_shell.R_factor_R_free_error            0.018 
_refine_ls_shell.percent_reflns_R_free            9.6 
_refine_ls_shell.number_reflns_R_free             321 
_refine_ls_shell.number_reflns_obs                ? 
_refine_ls_shell.redundancy_reflns_obs            ? 
_refine_ls_shell.number_reflns_all                ? 
_refine_ls_shell.pdbx_refine_id                   'X-RAY DIFFRACTION' 
_refine_ls_shell.R_factor_all                     ? 
# 
loop_
_pdbx_xplor_file.serial_no 
_pdbx_xplor_file.param_file 
_pdbx_xplor_file.topol_file 
_pdbx_xplor_file.pdbx_refine_id 
1 PROTEIN_REP.PARAM PROTEIN.TOP 'X-RAY DIFFRACTION' 
2 WATER_REP.PARAM   WATER.TOP   'X-RAY DIFFRACTION' 
# 
_struct.entry_id                  1T4A 
_struct.title                     'Structure of B. Subtilis PurS C2 Crystal Form' 
_struct.pdbx_model_details        ? 
_struct.pdbx_CASP_flag            ? 
_struct.pdbx_model_type_details   ? 
# 
_struct_keywords.entry_id        1T4A 
_struct_keywords.pdbx_keywords   'STRUCTURAL PROTEIN' 
_struct_keywords.text            'PurS, tetramer, complex formyl glycinamide synthetase, FGAR, FGAM, STRUCTURAL PROTEIN' 
# 
loop_
_struct_asym.id 
_struct_asym.pdbx_blank_PDB_chainid_flag 
_struct_asym.pdbx_modified 
_struct_asym.entity_id 
_struct_asym.details 
A N N 1 ? 
B N N 1 ? 
C N N 2 ? 
D N N 2 ? 
# 
_struct_ref.id                         1 
_struct_ref.db_name                    UNP 
_struct_ref.db_code                    YEXA_BACSU 
_struct_ref.pdbx_db_accession          P12049 
_struct_ref.entity_id                  1 
_struct_ref.pdbx_seq_one_letter_code   
;MYKVKVYVSLKESVLDPQGSAVQHALHSMTYNEVQDVRIGKYMELTIEKSDRDLDVLVKEMCEKLLANTVIEDYRYEVEE
VVAQ
;
_struct_ref.pdbx_align_begin           1 
_struct_ref.pdbx_db_isoform            ? 
# 
loop_
_struct_ref_seq.align_id 
_struct_ref_seq.ref_id 
_struct_ref_seq.pdbx_PDB_id_code 
_struct_ref_seq.pdbx_strand_id 
_struct_ref_seq.seq_align_beg 
_struct_ref_seq.pdbx_seq_align_beg_ins_code 
_struct_ref_seq.seq_align_end 
_struct_ref_seq.pdbx_seq_align_end_ins_code 
_struct_ref_seq.pdbx_db_accession 
_struct_ref_seq.db_align_beg 
_struct_ref_seq.pdbx_db_align_beg_ins_code 
_struct_ref_seq.db_align_end 
_struct_ref_seq.pdbx_db_align_end_ins_code 
_struct_ref_seq.pdbx_auth_seq_align_beg 
_struct_ref_seq.pdbx_auth_seq_align_end 
1 1 1T4A A 1 ? 84 ? P12049 1 ? 84 ? 1 84 
2 1 1T4A B 1 ? 84 ? P12049 1 ? 84 ? 1 84 
# 
loop_
_struct_ref_seq_dif.align_id 
_struct_ref_seq_dif.pdbx_pdb_id_code 
_struct_ref_seq_dif.mon_id 
_struct_ref_seq_dif.pdbx_pdb_strand_id 
_struct_ref_seq_dif.seq_num 
_struct_ref_seq_dif.pdbx_pdb_ins_code 
_struct_ref_seq_dif.pdbx_seq_db_name 
_struct_ref_seq_dif.pdbx_seq_db_accession_code 
_struct_ref_seq_dif.db_mon_id 
_struct_ref_seq_dif.pdbx_seq_db_seq_num 
_struct_ref_seq_dif.details 
_struct_ref_seq_dif.pdbx_auth_seq_num 
_struct_ref_seq_dif.pdbx_ordinal 
1 1T4A MSE A 1  ? UNP P12049 MET 1  'modified residue' 1  1 
1 1T4A MSE A 29 ? UNP P12049 MET 29 'modified residue' 29 2 
1 1T4A MSE A 43 ? UNP P12049 MET 43 'modified residue' 43 3 
1 1T4A MSE A 61 ? UNP P12049 MET 61 'modified residue' 61 4 
2 1T4A MSE B 1  ? UNP P12049 MET 1  'modified residue' 1  5 
2 1T4A MSE B 29 ? UNP P12049 MET 29 'modified residue' 29 6 
2 1T4A MSE B 43 ? UNP P12049 MET 43 'modified residue' 43 7 
2 1T4A MSE B 61 ? UNP P12049 MET 61 'modified residue' 61 8 
# 
_pdbx_struct_assembly.id                   1 
_pdbx_struct_assembly.details              author_and_software_defined_assembly 
_pdbx_struct_assembly.method_details       PISA,PQS 
_pdbx_struct_assembly.oligomeric_details   tetrameric 
_pdbx_struct_assembly.oligomeric_count     4 
# 
loop_
_pdbx_struct_assembly_prop.biol_id 
_pdbx_struct_assembly_prop.type 
_pdbx_struct_assembly_prop.value 
_pdbx_struct_assembly_prop.details 
1 'ABSA (A^2)' 8710  ? 
1 MORE         -66   ? 
1 'SSA (A^2)'  15870 ? 
# 
_pdbx_struct_assembly_gen.assembly_id       1 
_pdbx_struct_assembly_gen.oper_expression   1,2 
_pdbx_struct_assembly_gen.asym_id_list      A,B,C,D 
# 
loop_
_pdbx_struct_oper_list.id 
_pdbx_struct_oper_list.type 
_pdbx_struct_oper_list.name 
_pdbx_struct_oper_list.symmetry_operation 
_pdbx_struct_oper_list.matrix[1][1] 
_pdbx_struct_oper_list.matrix[1][2] 
_pdbx_struct_oper_list.matrix[1][3] 
_pdbx_struct_oper_list.vector[1] 
_pdbx_struct_oper_list.matrix[2][1] 
_pdbx_struct_oper_list.matrix[2][2] 
_pdbx_struct_oper_list.matrix[2][3] 
_pdbx_struct_oper_list.vector[2] 
_pdbx_struct_oper_list.matrix[3][1] 
_pdbx_struct_oper_list.matrix[3][2] 
_pdbx_struct_oper_list.matrix[3][3] 
_pdbx_struct_oper_list.vector[3] 
1 'identity operation'         1_555 x,y,z       1.0000000000  0.0000000000  0.0000000000  0.0000000000  0.0000000000  1.0000000000  0.0000000000 0.0000000000  0.0000000000  0.0000000000 1.0000000000 0.0000000000  
2 'crystal symmetry operation' 2_654 -x+1,y,-z-1 -0.9979124139 -0.0106808760 -0.0636924890 17.1265969490 -0.0106808760 -0.9453526207 0.3258747326 13.1846345865 -0.0636924890 0.3258747326 0.9432650346 -1.6496482082 
# 
_struct_biol.id   1 
# 
loop_
_struct_conf.conf_type_id 
_struct_conf.id 
_struct_conf.pdbx_PDB_helix_id 
_struct_conf.beg_label_comp_id 
_struct_conf.beg_label_asym_id 
_struct_conf.beg_label_seq_id 
_struct_conf.pdbx_beg_PDB_ins_code 
_struct_conf.end_label_comp_id 
_struct_conf.end_label_asym_id 
_struct_conf.end_label_seq_id 
_struct_conf.pdbx_end_PDB_ins_code 
_struct_conf.beg_auth_comp_id 
_struct_conf.beg_auth_asym_id 
_struct_conf.beg_auth_seq_id 
_struct_conf.end_auth_comp_id 
_struct_conf.end_auth_asym_id 
_struct_conf.end_auth_seq_id 
_struct_conf.pdbx_PDB_helix_class 
_struct_conf.details 
_struct_conf.pdbx_PDB_helix_length 
HELX_P HELX_P1 1 ASP A 16 ? MSE A 29 ? ASP A 16 MSE A 29 1 ? 14 
HELX_P HELX_P2 2 ASP A 53 ? LEU A 65 ? ASP A 53 LEU A 65 1 ? 13 
HELX_P HELX_P3 3 ASP B 16 ? MSE B 29 ? ASP B 16 MSE B 29 1 ? 14 
HELX_P HELX_P4 4 ASP B 53 ? LEU B 65 ? ASP B 53 LEU B 65 1 ? 13 
# 
_struct_conf_type.id          HELX_P 
_struct_conf_type.criteria    ? 
_struct_conf_type.reference   ? 
# 
loop_
_struct_conn.id 
_struct_conn.conn_type_id 
_struct_conn.pdbx_leaving_atom_flag 
_struct_conn.pdbx_PDB_id 
_struct_conn.ptnr1_label_asym_id 
_struct_conn.ptnr1_label_comp_id 
_struct_conn.ptnr1_label_seq_id 
_struct_conn.ptnr1_label_atom_id 
_struct_conn.pdbx_ptnr1_label_alt_id 
_struct_conn.pdbx_ptnr1_PDB_ins_code 
_struct_conn.pdbx_ptnr1_standard_comp_id 
_struct_conn.ptnr1_symmetry 
_struct_conn.ptnr2_label_asym_id 
_struct_conn.ptnr2_label_comp_id 
_struct_conn.ptnr2_label_seq_id 
_struct_conn.ptnr2_label_atom_id 
_struct_conn.pdbx_ptnr2_label_alt_id 
_struct_conn.pdbx_ptnr2_PDB_ins_code 
_struct_conn.ptnr1_auth_asym_id 
_struct_conn.ptnr1_auth_comp_id 
_struct_conn.ptnr1_auth_seq_id 
_struct_conn.ptnr2_auth_asym_id 
_struct_conn.ptnr2_auth_comp_id 
_struct_conn.ptnr2_auth_seq_id 
_struct_conn.ptnr2_symmetry 
_struct_conn.pdbx_ptnr3_label_atom_id 
_struct_conn.pdbx_ptnr3_label_seq_id 
_struct_conn.pdbx_ptnr3_label_comp_id 
_struct_conn.pdbx_ptnr3_label_asym_id 
_struct_conn.pdbx_ptnr3_label_alt_id 
_struct_conn.pdbx_ptnr3_PDB_ins_code 
_struct_conn.details 
_struct_conn.pdbx_dist_value 
_struct_conn.pdbx_value_order 
_struct_conn.pdbx_role 
covale1  covale both ? A MSE 1  C ? ? ? 1_555 A TYR 2  N ? ? A MSE 1  A TYR 2  1_555 ? ? ? ? ? ? ? 1.328 ? ? 
covale2  covale both ? A SER 28 C ? ? ? 1_555 A MSE 29 N ? ? A SER 28 A MSE 29 1_555 ? ? ? ? ? ? ? 1.330 ? ? 
covale3  covale both ? A MSE 29 C ? ? ? 1_555 A THR 30 N ? ? A MSE 29 A THR 30 1_555 ? ? ? ? ? ? ? 1.334 ? ? 
covale4  covale both ? A TYR 42 C ? ? ? 1_555 A MSE 43 N ? ? A TYR 42 A MSE 43 1_555 ? ? ? ? ? ? ? 1.323 ? ? 
covale5  covale both ? A MSE 43 C ? ? ? 1_555 A GLU 44 N ? ? A MSE 43 A GLU 44 1_555 ? ? ? ? ? ? ? 1.323 ? ? 
covale6  covale both ? A GLU 60 C ? ? ? 1_555 A MSE 61 N ? ? A GLU 60 A MSE 61 1_555 ? ? ? ? ? ? ? 1.329 ? ? 
covale7  covale both ? A MSE 61 C ? ? ? 1_555 A CYS 62 N ? ? A MSE 61 A CYS 62 1_555 ? ? ? ? ? ? ? 1.329 ? ? 
covale8  covale both ? B MSE 1  C ? ? ? 1_555 B TYR 2  N ? ? B MSE 1  B TYR 2  1_555 ? ? ? ? ? ? ? 1.332 ? ? 
covale9  covale both ? B SER 28 C ? ? ? 1_555 B MSE 29 N ? ? B SER 28 B MSE 29 1_555 ? ? ? ? ? ? ? 1.329 ? ? 
covale10 covale both ? B MSE 29 C ? ? ? 1_555 B THR 30 N ? ? B MSE 29 B THR 30 1_555 ? ? ? ? ? ? ? 1.331 ? ? 
covale11 covale both ? B TYR 42 C ? ? ? 1_555 B MSE 43 N ? ? B TYR 42 B MSE 43 1_555 ? ? ? ? ? ? ? 1.327 ? ? 
covale12 covale both ? B MSE 43 C ? ? ? 1_555 B GLU 44 N ? ? B MSE 43 B GLU 44 1_555 ? ? ? ? ? ? ? 1.328 ? ? 
covale13 covale both ? B GLU 60 C ? ? ? 1_555 B MSE 61 N ? ? B GLU 60 B MSE 61 1_555 ? ? ? ? ? ? ? 1.329 ? ? 
covale14 covale both ? B MSE 61 C ? ? ? 1_555 B CYS 62 N ? ? B MSE 61 B CYS 62 1_555 ? ? ? ? ? ? ? 1.332 ? ? 
# 
_struct_conn_type.id          covale 
_struct_conn_type.criteria    ? 
_struct_conn_type.reference   ? 
# 
loop_
_pdbx_modification_feature.ordinal 
_pdbx_modification_feature.label_comp_id 
_pdbx_modification_feature.label_asym_id 
_pdbx_modification_feature.label_seq_id 
_pdbx_modification_feature.label_alt_id 
_pdbx_modification_feature.modified_residue_label_comp_id 
_pdbx_modification_feature.modified_residue_label_asym_id 
_pdbx_modification_feature.modified_residue_label_seq_id 
_pdbx_modification_feature.modified_residue_label_alt_id 
_pdbx_modification_feature.auth_comp_id 
_pdbx_modification_feature.auth_asym_id 
_pdbx_modification_feature.auth_seq_id 
_pdbx_modification_feature.PDB_ins_code 
_pdbx_modification_feature.symmetry 
_pdbx_modification_feature.modified_residue_auth_comp_id 
_pdbx_modification_feature.modified_residue_auth_asym_id 
_pdbx_modification_feature.modified_residue_auth_seq_id 
_pdbx_modification_feature.modified_residue_PDB_ins_code 
_pdbx_modification_feature.modified_residue_symmetry 
_pdbx_modification_feature.comp_id_linking_atom 
_pdbx_modification_feature.modified_residue_id_linking_atom 
_pdbx_modification_feature.modified_residue_id 
_pdbx_modification_feature.ref_pcm_id 
_pdbx_modification_feature.ref_comp_id 
_pdbx_modification_feature.type 
_pdbx_modification_feature.category 
1 MSE A 1  ? . . . . MSE A 1  ? 1_555 . . . . . . . MET 1 MSE Selenomethionine 'Named protein modification' 
2 MSE A 29 ? . . . . MSE A 29 ? 1_555 . . . . . . . MET 1 MSE Selenomethionine 'Named protein modification' 
3 MSE A 43 ? . . . . MSE A 43 ? 1_555 . . . . . . . MET 1 MSE Selenomethionine 'Named protein modification' 
4 MSE A 61 ? . . . . MSE A 61 ? 1_555 . . . . . . . MET 1 MSE Selenomethionine 'Named protein modification' 
5 MSE B 1  ? . . . . MSE B 1  ? 1_555 . . . . . . . MET 1 MSE Selenomethionine 'Named protein modification' 
6 MSE B 29 ? . . . . MSE B 29 ? 1_555 . . . . . . . MET 1 MSE Selenomethionine 'Named protein modification' 
7 MSE B 43 ? . . . . MSE B 43 ? 1_555 . . . . . . . MET 1 MSE Selenomethionine 'Named protein modification' 
8 MSE B 61 ? . . . . MSE B 61 ? 1_555 . . . . . . . MET 1 MSE Selenomethionine 'Named protein modification' 
# 
_struct_sheet.id               A 
_struct_sheet.type             ? 
_struct_sheet.number_strands   6 
_struct_sheet.details          ? 
# 
loop_
_struct_sheet_order.sheet_id 
_struct_sheet_order.range_id_1 
_struct_sheet_order.range_id_2 
_struct_sheet_order.offset 
_struct_sheet_order.sense 
A 1 2 ? anti-parallel 
A 2 3 ? anti-parallel 
A 3 4 ? anti-parallel 
A 4 5 ? anti-parallel 
A 5 6 ? anti-parallel 
# 
loop_
_struct_sheet_range.sheet_id 
_struct_sheet_range.id 
_struct_sheet_range.beg_label_comp_id 
_struct_sheet_range.beg_label_asym_id 
_struct_sheet_range.beg_label_seq_id 
_struct_sheet_range.pdbx_beg_PDB_ins_code 
_struct_sheet_range.end_label_comp_id 
_struct_sheet_range.end_label_asym_id 
_struct_sheet_range.end_label_seq_id 
_struct_sheet_range.pdbx_end_PDB_ins_code 
_struct_sheet_range.beg_auth_comp_id 
_struct_sheet_range.beg_auth_asym_id 
_struct_sheet_range.beg_auth_seq_id 
_struct_sheet_range.end_auth_comp_id 
_struct_sheet_range.end_auth_asym_id 
_struct_sheet_range.end_auth_seq_id 
A 1 GLU A 72 ? GLU A 79 ? GLU A 72 GLU A 79 
A 2 TYR A 2  ? LEU A 10 ? TYR A 2  LEU A 10 
A 3 VAL A 34 ? ILE A 47 ? VAL A 34 ILE A 47 
A 4 VAL B 34 ? ILE B 47 ? VAL B 34 ILE B 47 
A 5 TYR B 2  ? LEU B 10 ? TYR B 2  LEU B 10 
A 6 GLU B 72 ? GLU B 79 ? GLU B 72 GLU B 79 
# 
loop_
_pdbx_struct_sheet_hbond.sheet_id 
_pdbx_struct_sheet_hbond.range_id_1 
_pdbx_struct_sheet_hbond.range_id_2 
_pdbx_struct_sheet_hbond.range_1_label_atom_id 
_pdbx_struct_sheet_hbond.range_1_label_comp_id 
_pdbx_struct_sheet_hbond.range_1_label_asym_id 
_pdbx_struct_sheet_hbond.range_1_label_seq_id 
_pdbx_struct_sheet_hbond.range_1_PDB_ins_code 
_pdbx_struct_sheet_hbond.range_1_auth_atom_id 
_pdbx_struct_sheet_hbond.range_1_auth_comp_id 
_pdbx_struct_sheet_hbond.range_1_auth_asym_id 
_pdbx_struct_sheet_hbond.range_1_auth_seq_id 
_pdbx_struct_sheet_hbond.range_2_label_atom_id 
_pdbx_struct_sheet_hbond.range_2_label_comp_id 
_pdbx_struct_sheet_hbond.range_2_label_asym_id 
_pdbx_struct_sheet_hbond.range_2_label_seq_id 
_pdbx_struct_sheet_hbond.range_2_PDB_ins_code 
_pdbx_struct_sheet_hbond.range_2_auth_atom_id 
_pdbx_struct_sheet_hbond.range_2_auth_comp_id 
_pdbx_struct_sheet_hbond.range_2_auth_asym_id 
_pdbx_struct_sheet_hbond.range_2_auth_seq_id 
A 1 2 O ASP A 73 ? O ASP A 73 N SER A 9  ? N SER A 9  
A 2 3 N VAL A 4  ? N VAL A 4  O LEU A 45 ? O LEU A 45 
A 3 4 N GLY A 40 ? N GLY A 40 O TYR B 42 ? O TYR B 42 
A 4 5 O LEU B 45 ? O LEU B 45 N VAL B 4  ? N VAL B 4  
A 5 6 N LYS B 3  ? N LYS B 3  O GLU B 79 ? O GLU B 79 
# 
_pdbx_entry_details.entry_id                   1T4A 
_pdbx_entry_details.compound_details           ? 
_pdbx_entry_details.source_details             ? 
_pdbx_entry_details.nonpolymer_details         ? 
_pdbx_entry_details.sequence_details           ? 
_pdbx_entry_details.has_ligand_of_interest     ? 
_pdbx_entry_details.has_protein_modification   Y 
# 
loop_
_pdbx_validate_torsion.id 
_pdbx_validate_torsion.PDB_model_num 
_pdbx_validate_torsion.auth_comp_id 
_pdbx_validate_torsion.auth_asym_id 
_pdbx_validate_torsion.auth_seq_id 
_pdbx_validate_torsion.PDB_ins_code 
_pdbx_validate_torsion.label_alt_id 
_pdbx_validate_torsion.phi 
_pdbx_validate_torsion.psi 
1 1 TYR A 31 ? ? -98.05  58.76  
2 1 LEU A 65 ? ? -138.90 -51.26 
3 1 THR A 69 ? ? -59.69  -0.62  
4 1 THR B 30 ? ? 83.60   13.79  
5 1 LEU B 65 ? ? -134.67 -43.74 
6 1 THR B 69 ? ? -59.88  -0.33  
# 
loop_
_pdbx_struct_mod_residue.id 
_pdbx_struct_mod_residue.label_asym_id 
_pdbx_struct_mod_residue.label_comp_id 
_pdbx_struct_mod_residue.label_seq_id 
_pdbx_struct_mod_residue.auth_asym_id 
_pdbx_struct_mod_residue.auth_comp_id 
_pdbx_struct_mod_residue.auth_seq_id 
_pdbx_struct_mod_residue.PDB_ins_code 
_pdbx_struct_mod_residue.parent_comp_id 
_pdbx_struct_mod_residue.details 
1 A MSE 1  A MSE 1  ? MET SELENOMETHIONINE 
2 A MSE 29 A MSE 29 ? MET SELENOMETHIONINE 
3 A MSE 43 A MSE 43 ? MET SELENOMETHIONINE 
4 A MSE 61 A MSE 61 ? MET SELENOMETHIONINE 
5 B MSE 1  B MSE 1  ? MET SELENOMETHIONINE 
6 B MSE 29 B MSE 29 ? MET SELENOMETHIONINE 
7 B MSE 43 B MSE 43 ? MET SELENOMETHIONINE 
8 B MSE 61 B MSE 61 ? MET SELENOMETHIONINE 
# 
loop_
_pdbx_unobs_or_zero_occ_residues.id 
_pdbx_unobs_or_zero_occ_residues.PDB_model_num 
_pdbx_unobs_or_zero_occ_residues.polymer_flag 
_pdbx_unobs_or_zero_occ_residues.occupancy_flag 
_pdbx_unobs_or_zero_occ_residues.auth_asym_id 
_pdbx_unobs_or_zero_occ_residues.auth_comp_id 
_pdbx_unobs_or_zero_occ_residues.auth_seq_id 
_pdbx_unobs_or_zero_occ_residues.PDB_ins_code 
_pdbx_unobs_or_zero_occ_residues.label_asym_id 
_pdbx_unobs_or_zero_occ_residues.label_comp_id 
_pdbx_unobs_or_zero_occ_residues.label_seq_id 
1 1 Y 1 A VAL 81 ? A VAL 81 
2 1 Y 1 A VAL 82 ? A VAL 82 
3 1 Y 1 A ALA 83 ? A ALA 83 
4 1 Y 1 A GLN 84 ? A GLN 84 
5 1 Y 1 B VAL 81 ? B VAL 81 
6 1 Y 1 B VAL 82 ? B VAL 82 
7 1 Y 1 B ALA 83 ? B ALA 83 
8 1 Y 1 B GLN 84 ? B GLN 84 
# 
loop_
_chem_comp_atom.comp_id 
_chem_comp_atom.atom_id 
_chem_comp_atom.type_symbol 
_chem_comp_atom.pdbx_aromatic_flag 
_chem_comp_atom.pdbx_stereo_config 
_chem_comp_atom.pdbx_ordinal 
ALA N    N  N N 1   
ALA CA   C  N S 2   
ALA C    C  N N 3   
ALA O    O  N N 4   
ALA CB   C  N N 5   
ALA OXT  O  N N 6   
ALA H    H  N N 7   
ALA H2   H  N N 8   
ALA HA   H  N N 9   
ALA HB1  H  N N 10  
ALA HB2  H  N N 11  
ALA HB3  H  N N 12  
ALA HXT  H  N N 13  
ARG N    N  N N 14  
ARG CA   C  N S 15  
ARG C    C  N N 16  
ARG O    O  N N 17  
ARG CB   C  N N 18  
ARG CG   C  N N 19  
ARG CD   C  N N 20  
ARG NE   N  N N 21  
ARG CZ   C  N N 22  
ARG NH1  N  N N 23  
ARG NH2  N  N N 24  
ARG OXT  O  N N 25  
ARG H    H  N N 26  
ARG H2   H  N N 27  
ARG HA   H  N N 28  
ARG HB2  H  N N 29  
ARG HB3  H  N N 30  
ARG HG2  H  N N 31  
ARG HG3  H  N N 32  
ARG HD2  H  N N 33  
ARG HD3  H  N N 34  
ARG HE   H  N N 35  
ARG HH11 H  N N 36  
ARG HH12 H  N N 37  
ARG HH21 H  N N 38  
ARG HH22 H  N N 39  
ARG HXT  H  N N 40  
ASN N    N  N N 41  
ASN CA   C  N S 42  
ASN C    C  N N 43  
ASN O    O  N N 44  
ASN CB   C  N N 45  
ASN CG   C  N N 46  
ASN OD1  O  N N 47  
ASN ND2  N  N N 48  
ASN OXT  O  N N 49  
ASN H    H  N N 50  
ASN H2   H  N N 51  
ASN HA   H  N N 52  
ASN HB2  H  N N 53  
ASN HB3  H  N N 54  
ASN HD21 H  N N 55  
ASN HD22 H  N N 56  
ASN HXT  H  N N 57  
ASP N    N  N N 58  
ASP CA   C  N S 59  
ASP C    C  N N 60  
ASP O    O  N N 61  
ASP CB   C  N N 62  
ASP CG   C  N N 63  
ASP OD1  O  N N 64  
ASP OD2  O  N N 65  
ASP OXT  O  N N 66  
ASP H    H  N N 67  
ASP H2   H  N N 68  
ASP HA   H  N N 69  
ASP HB2  H  N N 70  
ASP HB3  H  N N 71  
ASP HD2  H  N N 72  
ASP HXT  H  N N 73  
CYS N    N  N N 74  
CYS CA   C  N R 75  
CYS C    C  N N 76  
CYS O    O  N N 77  
CYS CB   C  N N 78  
CYS SG   S  N N 79  
CYS OXT  O  N N 80  
CYS H    H  N N 81  
CYS H2   H  N N 82  
CYS HA   H  N N 83  
CYS HB2  H  N N 84  
CYS HB3  H  N N 85  
CYS HG   H  N N 86  
CYS HXT  H  N N 87  
GLN N    N  N N 88  
GLN CA   C  N S 89  
GLN C    C  N N 90  
GLN O    O  N N 91  
GLN CB   C  N N 92  
GLN CG   C  N N 93  
GLN CD   C  N N 94  
GLN OE1  O  N N 95  
GLN NE2  N  N N 96  
GLN OXT  O  N N 97  
GLN H    H  N N 98  
GLN H2   H  N N 99  
GLN HA   H  N N 100 
GLN HB2  H  N N 101 
GLN HB3  H  N N 102 
GLN HG2  H  N N 103 
GLN HG3  H  N N 104 
GLN HE21 H  N N 105 
GLN HE22 H  N N 106 
GLN HXT  H  N N 107 
GLU N    N  N N 108 
GLU CA   C  N S 109 
GLU C    C  N N 110 
GLU O    O  N N 111 
GLU CB   C  N N 112 
GLU CG   C  N N 113 
GLU CD   C  N N 114 
GLU OE1  O  N N 115 
GLU OE2  O  N N 116 
GLU OXT  O  N N 117 
GLU H    H  N N 118 
GLU H2   H  N N 119 
GLU HA   H  N N 120 
GLU HB2  H  N N 121 
GLU HB3  H  N N 122 
GLU HG2  H  N N 123 
GLU HG3  H  N N 124 
GLU HE2  H  N N 125 
GLU HXT  H  N N 126 
GLY N    N  N N 127 
GLY CA   C  N N 128 
GLY C    C  N N 129 
GLY O    O  N N 130 
GLY OXT  O  N N 131 
GLY H    H  N N 132 
GLY H2   H  N N 133 
GLY HA2  H  N N 134 
GLY HA3  H  N N 135 
GLY HXT  H  N N 136 
HIS N    N  N N 137 
HIS CA   C  N S 138 
HIS C    C  N N 139 
HIS O    O  N N 140 
HIS CB   C  N N 141 
HIS CG   C  Y N 142 
HIS ND1  N  Y N 143 
HIS CD2  C  Y N 144 
HIS CE1  C  Y N 145 
HIS NE2  N  Y N 146 
HIS OXT  O  N N 147 
HIS H    H  N N 148 
HIS H2   H  N N 149 
HIS HA   H  N N 150 
HIS HB2  H  N N 151 
HIS HB3  H  N N 152 
HIS HD1  H  N N 153 
HIS HD2  H  N N 154 
HIS HE1  H  N N 155 
HIS HE2  H  N N 156 
HIS HXT  H  N N 157 
HOH O    O  N N 158 
HOH H1   H  N N 159 
HOH H2   H  N N 160 
ILE N    N  N N 161 
ILE CA   C  N S 162 
ILE C    C  N N 163 
ILE O    O  N N 164 
ILE CB   C  N S 165 
ILE CG1  C  N N 166 
ILE CG2  C  N N 167 
ILE CD1  C  N N 168 
ILE OXT  O  N N 169 
ILE H    H  N N 170 
ILE H2   H  N N 171 
ILE HA   H  N N 172 
ILE HB   H  N N 173 
ILE HG12 H  N N 174 
ILE HG13 H  N N 175 
ILE HG21 H  N N 176 
ILE HG22 H  N N 177 
ILE HG23 H  N N 178 
ILE HD11 H  N N 179 
ILE HD12 H  N N 180 
ILE HD13 H  N N 181 
ILE HXT  H  N N 182 
LEU N    N  N N 183 
LEU CA   C  N S 184 
LEU C    C  N N 185 
LEU O    O  N N 186 
LEU CB   C  N N 187 
LEU CG   C  N N 188 
LEU CD1  C  N N 189 
LEU CD2  C  N N 190 
LEU OXT  O  N N 191 
LEU H    H  N N 192 
LEU H2   H  N N 193 
LEU HA   H  N N 194 
LEU HB2  H  N N 195 
LEU HB3  H  N N 196 
LEU HG   H  N N 197 
LEU HD11 H  N N 198 
LEU HD12 H  N N 199 
LEU HD13 H  N N 200 
LEU HD21 H  N N 201 
LEU HD22 H  N N 202 
LEU HD23 H  N N 203 
LEU HXT  H  N N 204 
LYS N    N  N N 205 
LYS CA   C  N S 206 
LYS C    C  N N 207 
LYS O    O  N N 208 
LYS CB   C  N N 209 
LYS CG   C  N N 210 
LYS CD   C  N N 211 
LYS CE   C  N N 212 
LYS NZ   N  N N 213 
LYS OXT  O  N N 214 
LYS H    H  N N 215 
LYS H2   H  N N 216 
LYS HA   H  N N 217 
LYS HB2  H  N N 218 
LYS HB3  H  N N 219 
LYS HG2  H  N N 220 
LYS HG3  H  N N 221 
LYS HD2  H  N N 222 
LYS HD3  H  N N 223 
LYS HE2  H  N N 224 
LYS HE3  H  N N 225 
LYS HZ1  H  N N 226 
LYS HZ2  H  N N 227 
LYS HZ3  H  N N 228 
LYS HXT  H  N N 229 
MET N    N  N N 230 
MET CA   C  N S 231 
MET C    C  N N 232 
MET O    O  N N 233 
MET CB   C  N N 234 
MET CG   C  N N 235 
MET SD   S  N N 236 
MET CE   C  N N 237 
MET OXT  O  N N 238 
MET H    H  N N 239 
MET H2   H  N N 240 
MET HA   H  N N 241 
MET HB2  H  N N 242 
MET HB3  H  N N 243 
MET HG2  H  N N 244 
MET HG3  H  N N 245 
MET HE1  H  N N 246 
MET HE2  H  N N 247 
MET HE3  H  N N 248 
MET HXT  H  N N 249 
MSE N    N  N N 250 
MSE CA   C  N S 251 
MSE C    C  N N 252 
MSE O    O  N N 253 
MSE OXT  O  N N 254 
MSE CB   C  N N 255 
MSE CG   C  N N 256 
MSE SE   SE N N 257 
MSE CE   C  N N 258 
MSE H    H  N N 259 
MSE H2   H  N N 260 
MSE HA   H  N N 261 
MSE HXT  H  N N 262 
MSE HB2  H  N N 263 
MSE HB3  H  N N 264 
MSE HG2  H  N N 265 
MSE HG3  H  N N 266 
MSE HE1  H  N N 267 
MSE HE2  H  N N 268 
MSE HE3  H  N N 269 
PRO N    N  N N 270 
PRO CA   C  N S 271 
PRO C    C  N N 272 
PRO O    O  N N 273 
PRO CB   C  N N 274 
PRO CG   C  N N 275 
PRO CD   C  N N 276 
PRO OXT  O  N N 277 
PRO H    H  N N 278 
PRO HA   H  N N 279 
PRO HB2  H  N N 280 
PRO HB3  H  N N 281 
PRO HG2  H  N N 282 
PRO HG3  H  N N 283 
PRO HD2  H  N N 284 
PRO HD3  H  N N 285 
PRO HXT  H  N N 286 
SER N    N  N N 287 
SER CA   C  N S 288 
SER C    C  N N 289 
SER O    O  N N 290 
SER CB   C  N N 291 
SER OG   O  N N 292 
SER OXT  O  N N 293 
SER H    H  N N 294 
SER H2   H  N N 295 
SER HA   H  N N 296 
SER HB2  H  N N 297 
SER HB3  H  N N 298 
SER HG   H  N N 299 
SER HXT  H  N N 300 
THR N    N  N N 301 
THR CA   C  N S 302 
THR C    C  N N 303 
THR O    O  N N 304 
THR CB   C  N R 305 
THR OG1  O  N N 306 
THR CG2  C  N N 307 
THR OXT  O  N N 308 
THR H    H  N N 309 
THR H2   H  N N 310 
THR HA   H  N N 311 
THR HB   H  N N 312 
THR HG1  H  N N 313 
THR HG21 H  N N 314 
THR HG22 H  N N 315 
THR HG23 H  N N 316 
THR HXT  H  N N 317 
TYR N    N  N N 318 
TYR CA   C  N S 319 
TYR C    C  N N 320 
TYR O    O  N N 321 
TYR CB   C  N N 322 
TYR CG   C  Y N 323 
TYR CD1  C  Y N 324 
TYR CD2  C  Y N 325 
TYR CE1  C  Y N 326 
TYR CE2  C  Y N 327 
TYR CZ   C  Y N 328 
TYR OH   O  N N 329 
TYR OXT  O  N N 330 
TYR H    H  N N 331 
TYR H2   H  N N 332 
TYR HA   H  N N 333 
TYR HB2  H  N N 334 
TYR HB3  H  N N 335 
TYR HD1  H  N N 336 
TYR HD2  H  N N 337 
TYR HE1  H  N N 338 
TYR HE2  H  N N 339 
TYR HH   H  N N 340 
TYR HXT  H  N N 341 
VAL N    N  N N 342 
VAL CA   C  N S 343 
VAL C    C  N N 344 
VAL O    O  N N 345 
VAL CB   C  N N 346 
VAL CG1  C  N N 347 
VAL CG2  C  N N 348 
VAL OXT  O  N N 349 
VAL H    H  N N 350 
VAL H2   H  N N 351 
VAL HA   H  N N 352 
VAL HB   H  N N 353 
VAL HG11 H  N N 354 
VAL HG12 H  N N 355 
VAL HG13 H  N N 356 
VAL HG21 H  N N 357 
VAL HG22 H  N N 358 
VAL HG23 H  N N 359 
VAL HXT  H  N N 360 
# 
loop_
_chem_comp_bond.comp_id 
_chem_comp_bond.atom_id_1 
_chem_comp_bond.atom_id_2 
_chem_comp_bond.value_order 
_chem_comp_bond.pdbx_aromatic_flag 
_chem_comp_bond.pdbx_stereo_config 
_chem_comp_bond.pdbx_ordinal 
ALA N   CA   sing N N 1   
ALA N   H    sing N N 2   
ALA N   H2   sing N N 3   
ALA CA  C    sing N N 4   
ALA CA  CB   sing N N 5   
ALA CA  HA   sing N N 6   
ALA C   O    doub N N 7   
ALA C   OXT  sing N N 8   
ALA CB  HB1  sing N N 9   
ALA CB  HB2  sing N N 10  
ALA CB  HB3  sing N N 11  
ALA OXT HXT  sing N N 12  
ARG N   CA   sing N N 13  
ARG N   H    sing N N 14  
ARG N   H2   sing N N 15  
ARG CA  C    sing N N 16  
ARG CA  CB   sing N N 17  
ARG CA  HA   sing N N 18  
ARG C   O    doub N N 19  
ARG C   OXT  sing N N 20  
ARG CB  CG   sing N N 21  
ARG CB  HB2  sing N N 22  
ARG CB  HB3  sing N N 23  
ARG CG  CD   sing N N 24  
ARG CG  HG2  sing N N 25  
ARG CG  HG3  sing N N 26  
ARG CD  NE   sing N N 27  
ARG CD  HD2  sing N N 28  
ARG CD  HD3  sing N N 29  
ARG NE  CZ   sing N N 30  
ARG NE  HE   sing N N 31  
ARG CZ  NH1  sing N N 32  
ARG CZ  NH2  doub N N 33  
ARG NH1 HH11 sing N N 34  
ARG NH1 HH12 sing N N 35  
ARG NH2 HH21 sing N N 36  
ARG NH2 HH22 sing N N 37  
ARG OXT HXT  sing N N 38  
ASN N   CA   sing N N 39  
ASN N   H    sing N N 40  
ASN N   H2   sing N N 41  
ASN CA  C    sing N N 42  
ASN CA  CB   sing N N 43  
ASN CA  HA   sing N N 44  
ASN C   O    doub N N 45  
ASN C   OXT  sing N N 46  
ASN CB  CG   sing N N 47  
ASN CB  HB2  sing N N 48  
ASN CB  HB3  sing N N 49  
ASN CG  OD1  doub N N 50  
ASN CG  ND2  sing N N 51  
ASN ND2 HD21 sing N N 52  
ASN ND2 HD22 sing N N 53  
ASN OXT HXT  sing N N 54  
ASP N   CA   sing N N 55  
ASP N   H    sing N N 56  
ASP N   H2   sing N N 57  
ASP CA  C    sing N N 58  
ASP CA  CB   sing N N 59  
ASP CA  HA   sing N N 60  
ASP C   O    doub N N 61  
ASP C   OXT  sing N N 62  
ASP CB  CG   sing N N 63  
ASP CB  HB2  sing N N 64  
ASP CB  HB3  sing N N 65  
ASP CG  OD1  doub N N 66  
ASP CG  OD2  sing N N 67  
ASP OD2 HD2  sing N N 68  
ASP OXT HXT  sing N N 69  
CYS N   CA   sing N N 70  
CYS N   H    sing N N 71  
CYS N   H2   sing N N 72  
CYS CA  C    sing N N 73  
CYS CA  CB   sing N N 74  
CYS CA  HA   sing N N 75  
CYS C   O    doub N N 76  
CYS C   OXT  sing N N 77  
CYS CB  SG   sing N N 78  
CYS CB  HB2  sing N N 79  
CYS CB  HB3  sing N N 80  
CYS SG  HG   sing N N 81  
CYS OXT HXT  sing N N 82  
GLN N   CA   sing N N 83  
GLN N   H    sing N N 84  
GLN N   H2   sing N N 85  
GLN CA  C    sing N N 86  
GLN CA  CB   sing N N 87  
GLN CA  HA   sing N N 88  
GLN C   O    doub N N 89  
GLN C   OXT  sing N N 90  
GLN CB  CG   sing N N 91  
GLN CB  HB2  sing N N 92  
GLN CB  HB3  sing N N 93  
GLN CG  CD   sing N N 94  
GLN CG  HG2  sing N N 95  
GLN CG  HG3  sing N N 96  
GLN CD  OE1  doub N N 97  
GLN CD  NE2  sing N N 98  
GLN NE2 HE21 sing N N 99  
GLN NE2 HE22 sing N N 100 
GLN OXT HXT  sing N N 101 
GLU N   CA   sing N N 102 
GLU N   H    sing N N 103 
GLU N   H2   sing N N 104 
GLU CA  C    sing N N 105 
GLU CA  CB   sing N N 106 
GLU CA  HA   sing N N 107 
GLU C   O    doub N N 108 
GLU C   OXT  sing N N 109 
GLU CB  CG   sing N N 110 
GLU CB  HB2  sing N N 111 
GLU CB  HB3  sing N N 112 
GLU CG  CD   sing N N 113 
GLU CG  HG2  sing N N 114 
GLU CG  HG3  sing N N 115 
GLU CD  OE1  doub N N 116 
GLU CD  OE2  sing N N 117 
GLU OE2 HE2  sing N N 118 
GLU OXT HXT  sing N N 119 
GLY N   CA   sing N N 120 
GLY N   H    sing N N 121 
GLY N   H2   sing N N 122 
GLY CA  C    sing N N 123 
GLY CA  HA2  sing N N 124 
GLY CA  HA3  sing N N 125 
GLY C   O    doub N N 126 
GLY C   OXT  sing N N 127 
GLY OXT HXT  sing N N 128 
HIS N   CA   sing N N 129 
HIS N   H    sing N N 130 
HIS N   H2   sing N N 131 
HIS CA  C    sing N N 132 
HIS CA  CB   sing N N 133 
HIS CA  HA   sing N N 134 
HIS C   O    doub N N 135 
HIS C   OXT  sing N N 136 
HIS CB  CG   sing N N 137 
HIS CB  HB2  sing N N 138 
HIS CB  HB3  sing N N 139 
HIS CG  ND1  sing Y N 140 
HIS CG  CD2  doub Y N 141 
HIS ND1 CE1  doub Y N 142 
HIS ND1 HD1  sing N N 143 
HIS CD2 NE2  sing Y N 144 
HIS CD2 HD2  sing N N 145 
HIS CE1 NE2  sing Y N 146 
HIS CE1 HE1  sing N N 147 
HIS NE2 HE2  sing N N 148 
HIS OXT HXT  sing N N 149 
HOH O   H1   sing N N 150 
HOH O   H2   sing N N 151 
ILE N   CA   sing N N 152 
ILE N   H    sing N N 153 
ILE N   H2   sing N N 154 
ILE CA  C    sing N N 155 
ILE CA  CB   sing N N 156 
ILE CA  HA   sing N N 157 
ILE C   O    doub N N 158 
ILE C   OXT  sing N N 159 
ILE CB  CG1  sing N N 160 
ILE CB  CG2  sing N N 161 
ILE CB  HB   sing N N 162 
ILE CG1 CD1  sing N N 163 
ILE CG1 HG12 sing N N 164 
ILE CG1 HG13 sing N N 165 
ILE CG2 HG21 sing N N 166 
ILE CG2 HG22 sing N N 167 
ILE CG2 HG23 sing N N 168 
ILE CD1 HD11 sing N N 169 
ILE CD1 HD12 sing N N 170 
ILE CD1 HD13 sing N N 171 
ILE OXT HXT  sing N N 172 
LEU N   CA   sing N N 173 
LEU N   H    sing N N 174 
LEU N   H2   sing N N 175 
LEU CA  C    sing N N 176 
LEU CA  CB   sing N N 177 
LEU CA  HA   sing N N 178 
LEU C   O    doub N N 179 
LEU C   OXT  sing N N 180 
LEU CB  CG   sing N N 181 
LEU CB  HB2  sing N N 182 
LEU CB  HB3  sing N N 183 
LEU CG  CD1  sing N N 184 
LEU CG  CD2  sing N N 185 
LEU CG  HG   sing N N 186 
LEU CD1 HD11 sing N N 187 
LEU CD1 HD12 sing N N 188 
LEU CD1 HD13 sing N N 189 
LEU CD2 HD21 sing N N 190 
LEU CD2 HD22 sing N N 191 
LEU CD2 HD23 sing N N 192 
LEU OXT HXT  sing N N 193 
LYS N   CA   sing N N 194 
LYS N   H    sing N N 195 
LYS N   H2   sing N N 196 
LYS CA  C    sing N N 197 
LYS CA  CB   sing N N 198 
LYS CA  HA   sing N N 199 
LYS C   O    doub N N 200 
LYS C   OXT  sing N N 201 
LYS CB  CG   sing N N 202 
LYS CB  HB2  sing N N 203 
LYS CB  HB3  sing N N 204 
LYS CG  CD   sing N N 205 
LYS CG  HG2  sing N N 206 
LYS CG  HG3  sing N N 207 
LYS CD  CE   sing N N 208 
LYS CD  HD2  sing N N 209 
LYS CD  HD3  sing N N 210 
LYS CE  NZ   sing N N 211 
LYS CE  HE2  sing N N 212 
LYS CE  HE3  sing N N 213 
LYS NZ  HZ1  sing N N 214 
LYS NZ  HZ2  sing N N 215 
LYS NZ  HZ3  sing N N 216 
LYS OXT HXT  sing N N 217 
MET N   CA   sing N N 218 
MET N   H    sing N N 219 
MET N   H2   sing N N 220 
MET CA  C    sing N N 221 
MET CA  CB   sing N N 222 
MET CA  HA   sing N N 223 
MET C   O    doub N N 224 
MET C   OXT  sing N N 225 
MET CB  CG   sing N N 226 
MET CB  HB2  sing N N 227 
MET CB  HB3  sing N N 228 
MET CG  SD   sing N N 229 
MET CG  HG2  sing N N 230 
MET CG  HG3  sing N N 231 
MET SD  CE   sing N N 232 
MET CE  HE1  sing N N 233 
MET CE  HE2  sing N N 234 
MET CE  HE3  sing N N 235 
MET OXT HXT  sing N N 236 
MSE N   CA   sing N N 237 
MSE N   H    sing N N 238 
MSE N   H2   sing N N 239 
MSE CA  C    sing N N 240 
MSE CA  CB   sing N N 241 
MSE CA  HA   sing N N 242 
MSE C   O    doub N N 243 
MSE C   OXT  sing N N 244 
MSE OXT HXT  sing N N 245 
MSE CB  CG   sing N N 246 
MSE CB  HB2  sing N N 247 
MSE CB  HB3  sing N N 248 
MSE CG  SE   sing N N 249 
MSE CG  HG2  sing N N 250 
MSE CG  HG3  sing N N 251 
MSE SE  CE   sing N N 252 
MSE CE  HE1  sing N N 253 
MSE CE  HE2  sing N N 254 
MSE CE  HE3  sing N N 255 
PRO N   CA   sing N N 256 
PRO N   CD   sing N N 257 
PRO N   H    sing N N 258 
PRO CA  C    sing N N 259 
PRO CA  CB   sing N N 260 
PRO CA  HA   sing N N 261 
PRO C   O    doub N N 262 
PRO C   OXT  sing N N 263 
PRO CB  CG   sing N N 264 
PRO CB  HB2  sing N N 265 
PRO CB  HB3  sing N N 266 
PRO CG  CD   sing N N 267 
PRO CG  HG2  sing N N 268 
PRO CG  HG3  sing N N 269 
PRO CD  HD2  sing N N 270 
PRO CD  HD3  sing N N 271 
PRO OXT HXT  sing N N 272 
SER N   CA   sing N N 273 
SER N   H    sing N N 274 
SER N   H2   sing N N 275 
SER CA  C    sing N N 276 
SER CA  CB   sing N N 277 
SER CA  HA   sing N N 278 
SER C   O    doub N N 279 
SER C   OXT  sing N N 280 
SER CB  OG   sing N N 281 
SER CB  HB2  sing N N 282 
SER CB  HB3  sing N N 283 
SER OG  HG   sing N N 284 
SER OXT HXT  sing N N 285 
THR N   CA   sing N N 286 
THR N   H    sing N N 287 
THR N   H2   sing N N 288 
THR CA  C    sing N N 289 
THR CA  CB   sing N N 290 
THR CA  HA   sing N N 291 
THR C   O    doub N N 292 
THR C   OXT  sing N N 293 
THR CB  OG1  sing N N 294 
THR CB  CG2  sing N N 295 
THR CB  HB   sing N N 296 
THR OG1 HG1  sing N N 297 
THR CG2 HG21 sing N N 298 
THR CG2 HG22 sing N N 299 
THR CG2 HG23 sing N N 300 
THR OXT HXT  sing N N 301 
TYR N   CA   sing N N 302 
TYR N   H    sing N N 303 
TYR N   H2   sing N N 304 
TYR CA  C    sing N N 305 
TYR CA  CB   sing N N 306 
TYR CA  HA   sing N N 307 
TYR C   O    doub N N 308 
TYR C   OXT  sing N N 309 
TYR CB  CG   sing N N 310 
TYR CB  HB2  sing N N 311 
TYR CB  HB3  sing N N 312 
TYR CG  CD1  doub Y N 313 
TYR CG  CD2  sing Y N 314 
TYR CD1 CE1  sing Y N 315 
TYR CD1 HD1  sing N N 316 
TYR CD2 CE2  doub Y N 317 
TYR CD2 HD2  sing N N 318 
TYR CE1 CZ   doub Y N 319 
TYR CE1 HE1  sing N N 320 
TYR CE2 CZ   sing Y N 321 
TYR CE2 HE2  sing N N 322 
TYR CZ  OH   sing N N 323 
TYR OH  HH   sing N N 324 
TYR OXT HXT  sing N N 325 
VAL N   CA   sing N N 326 
VAL N   H    sing N N 327 
VAL N   H2   sing N N 328 
VAL CA  C    sing N N 329 
VAL CA  CB   sing N N 330 
VAL CA  HA   sing N N 331 
VAL C   O    doub N N 332 
VAL C   OXT  sing N N 333 
VAL CB  CG1  sing N N 334 
VAL CB  CG2  sing N N 335 
VAL CB  HB   sing N N 336 
VAL CG1 HG11 sing N N 337 
VAL CG1 HG12 sing N N 338 
VAL CG1 HG13 sing N N 339 
VAL CG2 HG21 sing N N 340 
VAL CG2 HG22 sing N N 341 
VAL CG2 HG23 sing N N 342 
VAL OXT HXT  sing N N 343 
# 
_atom_sites.entry_id                    1T4A 
_atom_sites.fract_transf_matrix[1][1]   0.00927576 
_atom_sites.fract_transf_matrix[1][2]   -0.00854879 
_atom_sites.fract_transf_matrix[1][3]   0.00173761 
_atom_sites.fract_transf_matrix[2][1]   -0.00076547 
_atom_sites.fract_transf_matrix[2][2]   0.00391642 
_atom_sites.fract_transf_matrix[2][3]   0.02335453 
_atom_sites.fract_transf_matrix[3][1]   -0.00623867 
_atom_sites.fract_transf_matrix[3][2]   -0.02302106 
_atom_sites.fract_transf_matrix[3][3]   0.00365603 
_atom_sites.fract_transf_vector[1]      0.478370 
_atom_sites.fract_transf_vector[2]      -0.662314 
_atom_sites.fract_transf_vector[3]      -0.291803 
# 
loop_
_atom_type.symbol 
C  
N  
O  
S  
SE 
# 
loop_
_atom_site.group_PDB 
_atom_site.id 
_atom_site.type_symbol 
_atom_site.label_atom_id 
_atom_site.label_alt_id 
_atom_site.label_comp_id 
_atom_site.label_asym_id 
_atom_site.label_entity_id 
_atom_site.label_seq_id 
_atom_site.pdbx_PDB_ins_code 
_atom_site.Cartn_x 
_atom_site.Cartn_y 
_atom_site.Cartn_z 
_atom_site.occupancy 
_atom_site.B_iso_or_equiv 
_atom_site.pdbx_formal_charge 
_atom_site.auth_seq_id 
_atom_site.auth_comp_id 
_atom_site.auth_asym_id 
_atom_site.auth_atom_id 
_atom_site.pdbx_PDB_model_num 
HETATM 1    N  N   . MSE A 1 1  ? -21.496 2.034   8.873   1.00 15.07 ? 1   MSE A N   1 
HETATM 2    C  CA  . MSE A 1 1  ? -20.345 2.766   8.274   1.00 15.00 ? 1   MSE A CA  1 
HETATM 3    C  C   . MSE A 1 1  ? -19.416 1.760   7.599   1.00 14.10 ? 1   MSE A C   1 
HETATM 4    O  O   . MSE A 1 1  ? -19.205 0.668   8.111   1.00 13.85 ? 1   MSE A O   1 
HETATM 5    C  CB  . MSE A 1 1  ? -19.592 3.528   9.366   1.00 60.46 ? 1   MSE A CB  1 
HETATM 6    C  CG  . MSE A 1 1  ? -18.677 4.622   8.850   1.00 64.03 ? 1   MSE A CG  1 
HETATM 7    SE SE  . MSE A 1 1  ? -17.835 5.594   10.289  1.00 69.56 ? 1   MSE A SE  1 
HETATM 8    C  CE  . MSE A 1 1  ? -19.383 6.531   10.965  1.00 66.86 ? 1   MSE A CE  1 
ATOM   9    N  N   . TYR A 1 2  ? -18.860 2.134   6.453   1.00 11.02 ? 2   TYR A N   1 
ATOM   10   C  CA  . TYR A 1 2  ? -17.964 1.245   5.724   1.00 9.80  ? 2   TYR A CA  1 
ATOM   11   C  C   . TYR A 1 2  ? -16.491 1.590   5.884   1.00 9.04  ? 2   TYR A C   1 
ATOM   12   O  O   . TYR A 1 2  ? -16.124 2.746   6.108   1.00 6.94  ? 2   TYR A O   1 
ATOM   13   C  CB  . TYR A 1 2  ? -18.286 1.270   4.224   1.00 11.83 ? 2   TYR A CB  1 
ATOM   14   C  CG  . TYR A 1 2  ? -19.630 0.699   3.850   1.00 12.55 ? 2   TYR A CG  1 
ATOM   15   C  CD1 . TYR A 1 2  ? -19.978 -0.603  4.204   1.00 12.80 ? 2   TYR A CD1 1 
ATOM   16   C  CD2 . TYR A 1 2  ? -20.541 1.447   3.107   1.00 13.35 ? 2   TYR A CD2 1 
ATOM   17   C  CE1 . TYR A 1 2  ? -21.199 -1.148  3.826   1.00 14.10 ? 2   TYR A CE1 1 
ATOM   18   C  CE2 . TYR A 1 2  ? -21.766 0.912   2.721   1.00 14.46 ? 2   TYR A CE2 1 
ATOM   19   C  CZ  . TYR A 1 2  ? -22.087 -0.388  3.083   1.00 14.91 ? 2   TYR A CZ  1 
ATOM   20   O  OH  . TYR A 1 2  ? -23.283 -0.932  2.680   1.00 16.39 ? 2   TYR A OH  1 
ATOM   21   N  N   . LYS A 1 3  ? -15.651 0.570   5.752   1.00 10.28 ? 3   LYS A N   1 
ATOM   22   C  CA  . LYS A 1 3  ? -14.212 0.742   5.806   1.00 10.85 ? 3   LYS A CA  1 
ATOM   23   C  C   . LYS A 1 3  ? -13.774 0.287   4.426   1.00 12.06 ? 3   LYS A C   1 
ATOM   24   O  O   . LYS A 1 3  ? -13.936 -0.884  4.071   1.00 9.99  ? 3   LYS A O   1 
ATOM   25   C  CB  . LYS A 1 3  ? -13.577 -0.146  6.880   1.00 24.19 ? 3   LYS A CB  1 
ATOM   26   C  CG  . LYS A 1 3  ? -12.054 -0.020  6.944   1.00 29.34 ? 3   LYS A CG  1 
ATOM   27   C  CD  . LYS A 1 3  ? -11.451 -0.790  8.117   1.00 32.98 ? 3   LYS A CD  1 
ATOM   28   C  CE  . LYS A 1 3  ? -11.679 -2.291  7.993   1.00 35.61 ? 3   LYS A CE  1 
ATOM   29   N  NZ  . LYS A 1 3  ? -11.062 -3.049  9.120   1.00 38.10 ? 3   LYS A NZ  1 
ATOM   30   N  N   . VAL A 1 4  ? -13.250 1.215   3.635   1.00 13.10 ? 4   VAL A N   1 
ATOM   31   C  CA  . VAL A 1 4  ? -12.824 0.889   2.284   1.00 12.46 ? 4   VAL A CA  1 
ATOM   32   C  C   . VAL A 1 4  ? -11.316 0.711   2.200   1.00 12.20 ? 4   VAL A C   1 
ATOM   33   O  O   . VAL A 1 4  ? -10.555 1.633   2.490   1.00 14.04 ? 4   VAL A O   1 
ATOM   34   C  CB  . VAL A 1 4  ? -13.238 1.992   1.276   1.00 8.05  ? 4   VAL A CB  1 
ATOM   35   C  CG1 . VAL A 1 4  ? -12.859 1.569   -0.136  1.00 6.38  ? 4   VAL A CG1 1 
ATOM   36   C  CG2 . VAL A 1 4  ? -14.743 2.261   1.368   1.00 8.15  ? 4   VAL A CG2 1 
ATOM   37   N  N   . LYS A 1 5  ? -10.894 -0.485  1.805   1.00 8.60  ? 5   LYS A N   1 
ATOM   38   C  CA  . LYS A 1 5  ? -9.475  -0.794  1.647   1.00 8.12  ? 5   LYS A CA  1 
ATOM   39   C  C   . LYS A 1 5  ? -9.146  -0.603  0.173   1.00 8.63  ? 5   LYS A C   1 
ATOM   40   O  O   . LYS A 1 5  ? -9.780  -1.209  -0.690  1.00 8.30  ? 5   LYS A O   1 
ATOM   41   C  CB  . LYS A 1 5  ? -9.188  -2.245  2.029   1.00 16.26 ? 5   LYS A CB  1 
ATOM   42   C  CG  . LYS A 1 5  ? -9.472  -2.605  3.475   1.00 19.51 ? 5   LYS A CG  1 
ATOM   43   C  CD  . LYS A 1 5  ? -9.151  -4.074  3.709   1.00 21.26 ? 5   LYS A CD  1 
ATOM   44   C  CE  . LYS A 1 5  ? -9.386  -4.479  5.145   1.00 24.72 ? 5   LYS A CE  1 
ATOM   45   N  NZ  . LYS A 1 5  ? -9.142  -5.935  5.334   1.00 27.14 ? 5   LYS A NZ  1 
ATOM   46   N  N   . VAL A 1 6  ? -8.164  0.241   -0.119  1.00 8.47  ? 6   VAL A N   1 
ATOM   47   C  CA  . VAL A 1 6  ? -7.787  0.488   -1.503  1.00 8.47  ? 6   VAL A CA  1 
ATOM   48   C  C   . VAL A 1 6  ? -6.326  0.118   -1.727  1.00 9.03  ? 6   VAL A C   1 
ATOM   49   O  O   . VAL A 1 6  ? -5.457  0.507   -0.949  1.00 10.38 ? 6   VAL A O   1 
ATOM   50   C  CB  . VAL A 1 6  ? -7.991  1.987   -1.882  1.00 8.90  ? 6   VAL A CB  1 
ATOM   51   C  CG1 . VAL A 1 6  ? -7.613  2.217   -3.345  1.00 8.86  ? 6   VAL A CG1 1 
ATOM   52   C  CG2 . VAL A 1 6  ? -9.438  2.399   -1.640  1.00 9.84  ? 6   VAL A CG2 1 
ATOM   53   N  N   . TYR A 1 7  ? -6.061  -0.639  -2.787  1.00 7.30  ? 7   TYR A N   1 
ATOM   54   C  CA  . TYR A 1 7  ? -4.698  -1.038  -3.115  1.00 7.06  ? 7   TYR A CA  1 
ATOM   55   C  C   . TYR A 1 7  ? -4.306  -0.372  -4.424  1.00 6.16  ? 7   TYR A C   1 
ATOM   56   O  O   . TYR A 1 7  ? -4.911  -0.639  -5.461  1.00 5.14  ? 7   TYR A O   1 
ATOM   57   C  CB  . TYR A 1 7  ? -4.588  -2.560  -3.266  1.00 18.74 ? 7   TYR A CB  1 
ATOM   58   C  CG  . TYR A 1 7  ? -5.072  -3.348  -2.069  1.00 22.91 ? 7   TYR A CG  1 
ATOM   59   C  CD1 . TYR A 1 7  ? -6.433  -3.532  -1.841  1.00 24.32 ? 7   TYR A CD1 1 
ATOM   60   C  CD2 . TYR A 1 7  ? -4.169  -3.910  -1.162  1.00 26.06 ? 7   TYR A CD2 1 
ATOM   61   C  CE1 . TYR A 1 7  ? -6.888  -4.257  -0.742  1.00 26.94 ? 7   TYR A CE1 1 
ATOM   62   C  CE2 . TYR A 1 7  ? -4.615  -4.639  -0.053  1.00 27.62 ? 7   TYR A CE2 1 
ATOM   63   C  CZ  . TYR A 1 7  ? -5.979  -4.806  0.145   1.00 27.62 ? 7   TYR A CZ  1 
ATOM   64   O  OH  . TYR A 1 7  ? -6.444  -5.518  1.228   1.00 32.35 ? 7   TYR A OH  1 
ATOM   65   N  N   . VAL A 1 8  ? -3.303  0.498   -4.373  1.00 9.19  ? 8   VAL A N   1 
ATOM   66   C  CA  . VAL A 1 8  ? -2.839  1.206   -5.563  1.00 9.63  ? 8   VAL A CA  1 
ATOM   67   C  C   . VAL A 1 8  ? -1.464  0.700   -5.987  1.00 9.47  ? 8   VAL A C   1 
ATOM   68   O  O   . VAL A 1 8  ? -0.507  0.775   -5.224  1.00 10.54 ? 8   VAL A O   1 
ATOM   69   C  CB  . VAL A 1 8  ? -2.737  2.716   -5.310  1.00 7.50  ? 8   VAL A CB  1 
ATOM   70   C  CG1 . VAL A 1 8  ? -2.234  3.419   -6.568  1.00 6.84  ? 8   VAL A CG1 1 
ATOM   71   C  CG2 . VAL A 1 8  ? -4.095  3.264   -4.876  1.00 8.56  ? 8   VAL A CG2 1 
ATOM   72   N  N   . SER A 1 9  ? -1.371  0.194   -7.206  1.00 7.68  ? 9   SER A N   1 
ATOM   73   C  CA  . SER A 1 9  ? -0.106  -0.332  -7.705  1.00 9.51  ? 9   SER A CA  1 
ATOM   74   C  C   . SER A 1 9  ? 0.091   -0.009  -9.178  1.00 9.29  ? 9   SER A C   1 
ATOM   75   O  O   . SER A 1 9  ? -0.873  0.075   -9.942  1.00 9.89  ? 9   SER A O   1 
ATOM   76   C  CB  . SER A 1 9  ? -0.061  -1.848  -7.496  1.00 10.75 ? 9   SER A CB  1 
ATOM   77   O  OG  . SER A 1 9  ? -1.179  -2.466  -8.108  1.00 13.29 ? 9   SER A OG  1 
ATOM   78   N  N   . LEU A 1 10 ? 1.347   0.170   -9.569  1.00 10.13 ? 10  LEU A N   1 
ATOM   79   C  CA  . LEU A 1 10 ? 1.672   0.490   -10.949 1.00 11.54 ? 10  LEU A CA  1 
ATOM   80   C  C   . LEU A 1 10 ? 1.194   -0.617  -11.876 1.00 12.64 ? 10  LEU A C   1 
ATOM   81   O  O   . LEU A 1 10 ? 1.275   -1.802  -11.542 1.00 10.94 ? 10  LEU A O   1 
ATOM   82   C  CB  . LEU A 1 10 ? 3.184   0.695   -11.100 1.00 12.88 ? 10  LEU A CB  1 
ATOM   83   C  CG  . LEU A 1 10 ? 3.727   1.867   -10.274 1.00 13.98 ? 10  LEU A CG  1 
ATOM   84   C  CD1 . LEU A 1 10 ? 5.247   1.924   -10.353 1.00 15.04 ? 10  LEU A CD1 1 
ATOM   85   C  CD2 . LEU A 1 10 ? 3.109   3.163   -10.781 1.00 12.59 ? 10  LEU A CD2 1 
ATOM   86   N  N   . LYS A 1 11 ? 0.680   -0.221  -13.036 1.00 11.04 ? 11  LYS A N   1 
ATOM   87   C  CA  . LYS A 1 11 ? 0.199   -1.183  -14.012 1.00 11.93 ? 11  LYS A CA  1 
ATOM   88   C  C   . LYS A 1 11 ? 1.345   -2.102  -14.437 1.00 12.72 ? 11  LYS A C   1 
ATOM   89   O  O   . LYS A 1 11 ? 2.512   -1.705  -14.446 1.00 10.02 ? 11  LYS A O   1 
ATOM   90   C  CB  . LYS A 1 11 ? -0.401  -0.451  -15.225 1.00 14.46 ? 11  LYS A CB  1 
ATOM   91   C  CG  . LYS A 1 11 ? -1.591  0.444   -14.852 1.00 17.01 ? 11  LYS A CG  1 
ATOM   92   C  CD  . LYS A 1 11 ? -2.303  1.017   -16.066 1.00 17.64 ? 11  LYS A CD  1 
ATOM   93   C  CE  . LYS A 1 11 ? -3.566  1.770   -15.650 1.00 19.30 ? 11  LYS A CE  1 
ATOM   94   N  NZ  . LYS A 1 11 ? -4.398  2.187   -16.815 1.00 19.75 ? 11  LYS A NZ  1 
ATOM   95   N  N   . GLU A 1 12 ? 0.997   -3.338  -14.772 1.00 14.76 ? 12  GLU A N   1 
ATOM   96   C  CA  . GLU A 1 12 ? 1.964   -4.344  -15.183 1.00 17.22 ? 12  GLU A CA  1 
ATOM   97   C  C   . GLU A 1 12 ? 2.973   -3.825  -16.205 1.00 17.55 ? 12  GLU A C   1 
ATOM   98   O  O   . GLU A 1 12 ? 4.176   -4.034  -16.055 1.00 18.21 ? 12  GLU A O   1 
ATOM   99   C  CB  . GLU A 1 12 ? 1.221   -5.552  -15.756 1.00 47.61 ? 12  GLU A CB  1 
ATOM   100  C  CG  . GLU A 1 12 ? 2.099   -6.736  -16.108 1.00 52.54 ? 12  GLU A CG  1 
ATOM   101  C  CD  . GLU A 1 12 ? 1.294   -7.907  -16.632 1.00 55.24 ? 12  GLU A CD  1 
ATOM   102  O  OE1 . GLU A 1 12 ? 0.360   -8.343  -15.927 1.00 55.96 ? 12  GLU A OE1 1 
ATOM   103  O  OE2 . GLU A 1 12 ? 1.590   -8.390  -17.744 1.00 56.55 ? 12  GLU A OE2 1 
ATOM   104  N  N   . SER A 1 13 ? 2.479   -3.141  -17.233 1.00 21.46 ? 13  SER A N   1 
ATOM   105  C  CA  . SER A 1 13 ? 3.335   -2.612  -18.295 1.00 23.37 ? 13  SER A CA  1 
ATOM   106  C  C   . SER A 1 13 ? 4.128   -1.363  -17.921 1.00 21.90 ? 13  SER A C   1 
ATOM   107  O  O   . SER A 1 13 ? 4.863   -0.823  -18.749 1.00 23.35 ? 13  SER A O   1 
ATOM   108  C  CB  . SER A 1 13 ? 2.495   -2.309  -19.535 1.00 35.92 ? 13  SER A CB  1 
ATOM   109  O  OG  . SER A 1 13 ? 1.500   -1.345  -19.240 1.00 37.29 ? 13  SER A OG  1 
ATOM   110  N  N   . VAL A 1 14 ? 3.981   -0.899  -16.685 1.00 14.66 ? 14  VAL A N   1 
ATOM   111  C  CA  . VAL A 1 14 ? 4.704   0.288   -16.236 1.00 12.82 ? 14  VAL A CA  1 
ATOM   112  C  C   . VAL A 1 14 ? 5.925   -0.091  -15.399 1.00 11.06 ? 14  VAL A C   1 
ATOM   113  O  O   . VAL A 1 14 ? 5.816   -0.866  -14.450 1.00 10.65 ? 14  VAL A O   1 
ATOM   114  C  CB  . VAL A 1 14 ? 3.789   1.212   -15.387 1.00 13.97 ? 14  VAL A CB  1 
ATOM   115  C  CG1 . VAL A 1 14 ? 4.588   2.388   -14.846 1.00 13.12 ? 14  VAL A CG1 1 
ATOM   116  C  CG2 . VAL A 1 14 ? 2.623   1.709   -16.233 1.00 15.72 ? 14  VAL A CG2 1 
ATOM   117  N  N   . LEU A 1 15 ? 7.086   0.454   -15.750 1.00 8.44  ? 15  LEU A N   1 
ATOM   118  C  CA  . LEU A 1 15 ? 8.308   0.170   -15.004 1.00 8.86  ? 15  LEU A CA  1 
ATOM   119  C  C   . LEU A 1 15 ? 8.255   0.873   -13.642 1.00 8.69  ? 15  LEU A C   1 
ATOM   120  O  O   . LEU A 1 15 ? 7.732   1.981   -13.533 1.00 5.15  ? 15  LEU A O   1 
ATOM   121  C  CB  . LEU A 1 15 ? 9.531   0.659   -15.784 1.00 20.99 ? 15  LEU A CB  1 
ATOM   122  C  CG  . LEU A 1 15 ? 9.724   0.118   -17.206 1.00 23.90 ? 15  LEU A CG  1 
ATOM   123  C  CD1 . LEU A 1 15 ? 10.967  0.750   -17.822 1.00 24.25 ? 15  LEU A CD1 1 
ATOM   124  C  CD2 . LEU A 1 15 ? 9.855   -1.397  -17.175 1.00 25.21 ? 15  LEU A CD2 1 
ATOM   125  N  N   . ASP A 1 16 ? 8.793   0.227   -12.611 1.00 8.61  ? 16  ASP A N   1 
ATOM   126  C  CA  . ASP A 1 16 ? 8.805   0.810   -11.274 1.00 12.44 ? 16  ASP A CA  1 
ATOM   127  C  C   . ASP A 1 16 ? 10.227  1.058   -10.790 1.00 12.39 ? 16  ASP A C   1 
ATOM   128  O  O   . ASP A 1 16 ? 10.817  0.223   -10.096 1.00 12.27 ? 16  ASP A O   1 
ATOM   129  C  CB  . ASP A 1 16 ? 8.078   -0.101  -10.277 1.00 16.81 ? 16  ASP A CB  1 
ATOM   130  C  CG  . ASP A 1 16 ? 8.088   0.459   -8.858  1.00 19.84 ? 16  ASP A CG  1 
ATOM   131  O  OD1 . ASP A 1 16 ? 8.554   1.602   -8.669  1.00 19.57 ? 16  ASP A OD1 1 
ATOM   132  O  OD2 . ASP A 1 16 ? 7.627   -0.239  -7.930  1.00 20.75 ? 16  ASP A OD2 1 
ATOM   133  N  N   . PRO A 1 17 ? 10.795  2.222   -11.139 1.00 14.99 ? 17  PRO A N   1 
ATOM   134  C  CA  . PRO A 1 17 ? 12.156  2.587   -10.739 1.00 14.83 ? 17  PRO A CA  1 
ATOM   135  C  C   . PRO A 1 17 ? 12.382  2.664   -9.231  1.00 14.18 ? 17  PRO A C   1 
ATOM   136  O  O   . PRO A 1 17 ? 13.498  2.442   -8.759  1.00 13.71 ? 17  PRO A O   1 
ATOM   137  C  CB  . PRO A 1 17 ? 12.364  3.933   -11.430 1.00 16.99 ? 17  PRO A CB  1 
ATOM   138  C  CG  . PRO A 1 17 ? 10.972  4.498   -11.487 1.00 17.49 ? 17  PRO A CG  1 
ATOM   139  C  CD  . PRO A 1 17 ? 10.174  3.304   -11.922 1.00 15.74 ? 17  PRO A CD  1 
ATOM   140  N  N   . GLN A 1 18 ? 11.336  2.991   -8.474  1.00 13.05 ? 18  GLN A N   1 
ATOM   141  C  CA  . GLN A 1 18 ? 11.471  3.076   -7.021  1.00 13.10 ? 18  GLN A CA  1 
ATOM   142  C  C   . GLN A 1 18 ? 11.789  1.670   -6.513  1.00 11.98 ? 18  GLN A C   1 
ATOM   143  O  O   . GLN A 1 18 ? 12.722  1.470   -5.735  1.00 11.80 ? 18  GLN A O   1 
ATOM   144  C  CB  . GLN A 1 18 ? 10.171  3.581   -6.372  1.00 11.88 ? 18  GLN A CB  1 
ATOM   145  C  CG  . GLN A 1 18 ? 10.361  4.097   -4.935  1.00 14.51 ? 18  GLN A CG  1 
ATOM   146  C  CD  . GLN A 1 18 ? 9.052   4.424   -4.220  1.00 15.44 ? 18  GLN A CD  1 
ATOM   147  O  OE1 . GLN A 1 18 ? 8.046   4.758   -4.849  1.00 17.49 ? 18  GLN A OE1 1 
ATOM   148  N  NE2 . GLN A 1 18 ? 9.069   4.344   -2.893  1.00 16.47 ? 18  GLN A NE2 1 
ATOM   149  N  N   . GLY A 1 19 ? 11.006  0.697   -6.971  1.00 8.36  ? 19  GLY A N   1 
ATOM   150  C  CA  . GLY A 1 19 ? 11.225  -0.678  -6.564  1.00 8.71  ? 19  GLY A CA  1 
ATOM   151  C  C   . GLY A 1 19 ? 12.539  -1.211  -7.102  1.00 8.77  ? 19  GLY A C   1 
ATOM   152  O  O   . GLY A 1 19 ? 13.266  -1.923  -6.414  1.00 8.05  ? 19  GLY A O   1 
ATOM   153  N  N   . SER A 1 20 ? 12.848  -0.861  -8.345  1.00 11.00 ? 20  SER A N   1 
ATOM   154  C  CA  . SER A 1 20 ? 14.081  -1.310  -8.967  1.00 11.08 ? 20  SER A CA  1 
ATOM   155  C  C   . SER A 1 20 ? 15.299  -0.849  -8.166  1.00 11.12 ? 20  SER A C   1 
ATOM   156  O  O   . SER A 1 20 ? 16.316  -1.543  -8.116  1.00 8.98  ? 20  SER A O   1 
ATOM   157  C  CB  . SER A 1 20 ? 14.163  -0.782  -10.400 1.00 15.48 ? 20  SER A CB  1 
ATOM   158  O  OG  . SER A 1 20 ? 15.419  -1.084  -10.968 1.00 22.26 ? 20  SER A OG  1 
ATOM   159  N  N   . ALA A 1 21 ? 15.191  0.324   -7.543  1.00 7.01  ? 21  ALA A N   1 
ATOM   160  C  CA  . ALA A 1 21 ? 16.287  0.874   -6.744  1.00 8.95  ? 21  ALA A CA  1 
ATOM   161  C  C   . ALA A 1 21 ? 16.370  0.126   -5.416  1.00 8.31  ? 21  ALA A C   1 
ATOM   162  O  O   . ALA A 1 21 ? 17.461  -0.172  -4.922  1.00 9.75  ? 21  ALA A O   1 
ATOM   163  C  CB  . ALA A 1 21 ? 16.070  2.374   -6.498  1.00 16.21 ? 21  ALA A CB  1 
ATOM   164  N  N   . VAL A 1 22 ? 15.211  -0.163  -4.837  1.00 9.19  ? 22  VAL A N   1 
ATOM   165  C  CA  . VAL A 1 22 ? 15.144  -0.904  -3.585  1.00 9.37  ? 22  VAL A CA  1 
ATOM   166  C  C   . VAL A 1 22 ? 15.673  -2.323  -3.815  1.00 9.80  ? 22  VAL A C   1 
ATOM   167  O  O   . VAL A 1 22 ? 16.377  -2.879  -2.975  1.00 8.24  ? 22  VAL A O   1 
ATOM   168  C  CB  . VAL A 1 22 ? 13.685  -0.990  -3.064  1.00 9.98  ? 22  VAL A CB  1 
ATOM   169  C  CG1 . VAL A 1 22 ? 13.569  -2.057  -1.982  1.00 10.32 ? 22  VAL A CG1 1 
ATOM   170  C  CG2 . VAL A 1 22 ? 13.259  0.363   -2.506  1.00 6.68  ? 22  VAL A CG2 1 
ATOM   171  N  N   . GLN A 1 23 ? 15.330  -2.904  -4.959  1.00 7.55  ? 23  GLN A N   1 
ATOM   172  C  CA  . GLN A 1 23 ? 15.783  -4.258  -5.279  1.00 6.68  ? 23  GLN A CA  1 
ATOM   173  C  C   . GLN A 1 23 ? 17.309  -4.301  -5.332  1.00 5.24  ? 23  GLN A C   1 
ATOM   174  O  O   . GLN A 1 23 ? 17.934  -5.229  -4.822  1.00 4.10  ? 23  GLN A O   1 
ATOM   175  C  CB  . GLN A 1 23 ? 15.206  -4.701  -6.625  1.00 14.72 ? 23  GLN A CB  1 
ATOM   176  C  CG  . GLN A 1 23 ? 15.529  -6.142  -7.006  1.00 20.28 ? 23  GLN A CG  1 
ATOM   177  C  CD  . GLN A 1 23 ? 14.778  -6.585  -8.242  1.00 25.02 ? 23  GLN A CD  1 
ATOM   178  O  OE1 . GLN A 1 23 ? 13.558  -6.456  -8.312  1.00 27.32 ? 23  GLN A OE1 1 
ATOM   179  N  NE2 . GLN A 1 23 ? 15.501  -7.110  -9.223  1.00 27.31 ? 23  GLN A NE2 1 
ATOM   180  N  N   . HIS A 1 24 ? 17.898  -3.281  -5.947  1.00 7.71  ? 24  HIS A N   1 
ATOM   181  C  CA  . HIS A 1 24 ? 19.347  -3.177  -6.081  1.00 9.16  ? 24  HIS A CA  1 
ATOM   182  C  C   . HIS A 1 24 ? 20.029  -3.156  -4.714  1.00 9.48  ? 24  HIS A C   1 
ATOM   183  O  O   . HIS A 1 24 ? 20.999  -3.878  -4.482  1.00 7.66  ? 24  HIS A O   1 
ATOM   184  C  CB  . HIS A 1 24 ? 19.694  -1.909  -6.868  1.00 9.38  ? 24  HIS A CB  1 
ATOM   185  C  CG  . HIS A 1 24 ? 21.163  -1.627  -6.964  1.00 9.54  ? 24  HIS A CG  1 
ATOM   186  N  ND1 . HIS A 1 24 ? 22.068  -2.540  -7.462  1.00 9.70  ? 24  HIS A ND1 1 
ATOM   187  C  CD2 . HIS A 1 24 ? 21.873  -0.513  -6.672  1.00 7.65  ? 24  HIS A CD2 1 
ATOM   188  C  CE1 . HIS A 1 24 ? 23.273  -1.996  -7.476  1.00 9.47  ? 24  HIS A CE1 1 
ATOM   189  N  NE2 . HIS A 1 24 ? 23.182  -0.767  -7.004  1.00 11.26 ? 24  HIS A NE2 1 
ATOM   190  N  N   . ALA A 1 25 ? 19.519  -2.322  -3.810  1.00 10.63 ? 25  ALA A N   1 
ATOM   191  C  CA  . ALA A 1 25 ? 20.080  -2.215  -2.466  1.00 8.83  ? 25  ALA A CA  1 
ATOM   192  C  C   . ALA A 1 25 ? 19.964  -3.544  -1.726  1.00 10.47 ? 25  ALA A C   1 
ATOM   193  O  O   . ALA A 1 25 ? 20.913  -3.992  -1.074  1.00 10.88 ? 25  ALA A O   1 
ATOM   194  C  CB  . ALA A 1 25 ? 19.365  -1.122  -1.687  1.00 17.18 ? 25  ALA A CB  1 
ATOM   195  N  N   . LEU A 1 26 ? 18.790  -4.161  -1.826  1.00 9.54  ? 26  LEU A N   1 
ATOM   196  C  CA  . LEU A 1 26 ? 18.534  -5.441  -1.182  1.00 8.03  ? 26  LEU A CA  1 
ATOM   197  C  C   . LEU A 1 26 ? 19.540  -6.482  -1.662  1.00 8.14  ? 26  LEU A C   1 
ATOM   198  O  O   . LEU A 1 26 ? 20.065  -7.266  -0.867  1.00 6.17  ? 26  LEU A O   1 
ATOM   199  C  CB  . LEU A 1 26 ? 17.098  -5.900  -1.473  1.00 8.78  ? 26  LEU A CB  1 
ATOM   200  C  CG  . LEU A 1 26 ? 16.004  -5.096  -0.754  1.00 9.01  ? 26  LEU A CG  1 
ATOM   201  C  CD1 . LEU A 1 26 ? 14.612  -5.492  -1.249  1.00 8.35  ? 26  LEU A CD1 1 
ATOM   202  C  CD2 . LEU A 1 26 ? 16.123  -5.345  0.747   1.00 10.14 ? 26  LEU A CD2 1 
ATOM   203  N  N   . HIS A 1 27 ? 19.821  -6.476  -2.962  1.00 10.03 ? 27  HIS A N   1 
ATOM   204  C  CA  . HIS A 1 27 ? 20.777  -7.420  -3.523  1.00 10.82 ? 27  HIS A CA  1 
ATOM   205  C  C   . HIS A 1 27 ? 22.165  -7.200  -2.928  1.00 11.64 ? 27  HIS A C   1 
ATOM   206  O  O   . HIS A 1 27 ? 22.832  -8.151  -2.518  1.00 12.44 ? 27  HIS A O   1 
ATOM   207  C  CB  . HIS A 1 27 ? 20.817  -7.287  -5.049  1.00 7.43  ? 27  HIS A CB  1 
ATOM   208  C  CG  . HIS A 1 27 ? 19.636  -7.899  -5.736  1.00 6.62  ? 27  HIS A CG  1 
ATOM   209  N  ND1 . HIS A 1 27 ? 19.411  -7.770  -7.090  1.00 6.99  ? 27  HIS A ND1 1 
ATOM   210  C  CD2 . HIS A 1 27 ? 18.625  -8.663  -5.259  1.00 6.53  ? 27  HIS A CD2 1 
ATOM   211  C  CE1 . HIS A 1 27 ? 18.313  -8.428  -7.418  1.00 8.23  ? 27  HIS A CE1 1 
ATOM   212  N  NE2 . HIS A 1 27 ? 17.816  -8.980  -6.325  1.00 9.20  ? 27  HIS A NE2 1 
ATOM   213  N  N   . SER A 1 28 ? 22.593  -5.945  -2.865  1.00 9.56  ? 28  SER A N   1 
ATOM   214  C  CA  . SER A 1 28 ? 23.902  -5.611  -2.312  1.00 11.72 ? 28  SER A CA  1 
ATOM   215  C  C   . SER A 1 28 ? 23.996  -6.017  -0.846  1.00 11.87 ? 28  SER A C   1 
ATOM   216  O  O   . SER A 1 28 ? 25.087  -6.268  -0.333  1.00 11.41 ? 28  SER A O   1 
ATOM   217  C  CB  . SER A 1 28 ? 24.164  -4.107  -2.436  1.00 34.65 ? 28  SER A CB  1 
ATOM   218  O  OG  . SER A 1 28 ? 24.172  -3.703  -3.793  1.00 37.54 ? 28  SER A OG  1 
HETATM 219  N  N   . MSE A 1 29 ? 22.846  -6.070  -0.181  1.00 13.12 ? 29  MSE A N   1 
HETATM 220  C  CA  . MSE A 1 29 ? 22.777  -6.449  1.224   1.00 14.64 ? 29  MSE A CA  1 
HETATM 221  C  C   . MSE A 1 29 ? 22.627  -7.966  1.386   1.00 15.79 ? 29  MSE A C   1 
HETATM 222  O  O   . MSE A 1 29 ? 22.293  -8.458  2.464   1.00 16.00 ? 29  MSE A O   1 
HETATM 223  C  CB  . MSE A 1 29 ? 21.616  -5.705  1.896   1.00 34.69 ? 29  MSE A CB  1 
HETATM 224  C  CG  . MSE A 1 29 ? 21.841  -4.195  1.978   1.00 33.61 ? 29  MSE A CG  1 
HETATM 225  SE SE  . MSE A 1 29 ? 20.292  -3.156  2.507   1.00 34.96 ? 29  MSE A SE  1 
HETATM 226  C  CE  . MSE A 1 29 ? 20.262  -3.582  4.395   1.00 36.34 ? 29  MSE A CE  1 
ATOM   227  N  N   . THR A 1 30 ? 22.886  -8.683  0.291   1.00 15.88 ? 30  THR A N   1 
ATOM   228  C  CA  . THR A 1 30 ? 22.841  -10.148 0.199   1.00 16.94 ? 30  THR A CA  1 
ATOM   229  C  C   . THR A 1 30 ? 21.470  -10.819 0.055   1.00 15.55 ? 30  THR A C   1 
ATOM   230  O  O   . THR A 1 30 ? 21.361  -12.033 0.219   1.00 13.31 ? 30  THR A O   1 
ATOM   231  C  CB  . THR A 1 30 ? 23.580  -10.834 1.390   1.00 20.65 ? 30  THR A CB  1 
ATOM   232  O  OG1 . THR A 1 30 ? 22.767  -10.776 2.566   1.00 23.51 ? 30  THR A OG1 1 
ATOM   233  C  CG2 . THR A 1 30 ? 24.918  -10.148 1.663   1.00 23.43 ? 30  THR A CG2 1 
ATOM   234  N  N   . TYR A 1 31 ? 20.430  -10.054 -0.258  1.00 9.16  ? 31  TYR A N   1 
ATOM   235  C  CA  . TYR A 1 31 ? 19.104  -10.653 -0.423  1.00 8.45  ? 31  TYR A CA  1 
ATOM   236  C  C   . TYR A 1 31 ? 18.814  -10.892 -1.900  1.00 8.61  ? 31  TYR A C   1 
ATOM   237  O  O   . TYR A 1 31 ? 17.833  -10.386 -2.450  1.00 5.86  ? 31  TYR A O   1 
ATOM   238  C  CB  . TYR A 1 31 ? 18.031  -9.753  0.193   1.00 13.36 ? 31  TYR A CB  1 
ATOM   239  C  CG  . TYR A 1 31 ? 18.280  -9.476  1.656   1.00 13.75 ? 31  TYR A CG  1 
ATOM   240  C  CD1 . TYR A 1 31 ? 18.702  -8.221  2.083   1.00 14.06 ? 31  TYR A CD1 1 
ATOM   241  C  CD2 . TYR A 1 31 ? 18.148  -10.487 2.607   1.00 16.10 ? 31  TYR A CD2 1 
ATOM   242  C  CE1 . TYR A 1 31 ? 18.991  -7.976  3.421   1.00 17.53 ? 31  TYR A CE1 1 
ATOM   243  C  CE2 . TYR A 1 31 ? 18.436  -10.254 3.950   1.00 17.04 ? 31  TYR A CE2 1 
ATOM   244  C  CZ  . TYR A 1 31 ? 18.858  -8.996  4.347   1.00 16.98 ? 31  TYR A CZ  1 
ATOM   245  O  OH  . TYR A 1 31 ? 19.150  -8.754  5.668   1.00 23.00 ? 31  TYR A OH  1 
ATOM   246  N  N   . ASN A 1 32 ? 19.677  -11.681 -2.530  1.00 12.75 ? 32  ASN A N   1 
ATOM   247  C  CA  . ASN A 1 32 ? 19.548  -11.989 -3.944  1.00 14.54 ? 32  ASN A CA  1 
ATOM   248  C  C   . ASN A 1 32 ? 18.352  -12.875 -4.287  1.00 15.59 ? 32  ASN A C   1 
ATOM   249  O  O   . ASN A 1 32 ? 18.119  -13.174 -5.457  1.00 18.74 ? 32  ASN A O   1 
ATOM   250  C  CB  . ASN A 1 32 ? 20.850  -12.622 -4.452  1.00 15.70 ? 32  ASN A CB  1 
ATOM   251  C  CG  . ASN A 1 32 ? 22.022  -11.655 -4.400  1.00 16.89 ? 32  ASN A CG  1 
ATOM   252  O  OD1 . ASN A 1 32 ? 23.075  -11.966 -3.843  1.00 19.91 ? 32  ASN A OD1 1 
ATOM   253  N  ND2 . ASN A 1 32 ? 21.843  -10.472 -4.985  1.00 15.17 ? 32  ASN A ND2 1 
ATOM   254  N  N   . GLU A 1 33 ? 17.591  -13.300 -3.285  1.00 10.95 ? 33  GLU A N   1 
ATOM   255  C  CA  . GLU A 1 33 ? 16.426  -14.124 -3.578  1.00 10.36 ? 33  GLU A CA  1 
ATOM   256  C  C   . GLU A 1 33 ? 15.276  -13.244 -4.063  1.00 9.75  ? 33  GLU A C   1 
ATOM   257  O  O   . GLU A 1 33 ? 14.289  -13.735 -4.599  1.00 8.95  ? 33  GLU A O   1 
ATOM   258  C  CB  . GLU A 1 33 ? 15.995  -14.959 -2.359  1.00 14.86 ? 33  GLU A CB  1 
ATOM   259  C  CG  . GLU A 1 33 ? 16.066  -14.280 -1.002  1.00 18.37 ? 33  GLU A CG  1 
ATOM   260  C  CD  . GLU A 1 33 ? 17.444  -14.366 -0.371  1.00 18.12 ? 33  GLU A CD  1 
ATOM   261  O  OE1 . GLU A 1 33 ? 18.336  -13.599 -0.781  1.00 20.49 ? 33  GLU A OE1 1 
ATOM   262  O  OE2 . GLU A 1 33 ? 17.638  -15.214 0.529   1.00 17.22 ? 33  GLU A OE2 1 
ATOM   263  N  N   . VAL A 1 34 ? 15.415  -11.934 -3.886  1.00 11.68 ? 34  VAL A N   1 
ATOM   264  C  CA  . VAL A 1 34 ? 14.386  -11.002 -4.336  1.00 10.80 ? 34  VAL A CA  1 
ATOM   265  C  C   . VAL A 1 34 ? 14.513  -10.858 -5.853  1.00 11.16 ? 34  VAL A C   1 
ATOM   266  O  O   . VAL A 1 34 ? 15.525  -10.371 -6.355  1.00 11.77 ? 34  VAL A O   1 
ATOM   267  C  CB  . VAL A 1 34 ? 14.559  -9.616  -3.682  1.00 10.15 ? 34  VAL A CB  1 
ATOM   268  C  CG1 . VAL A 1 34 ? 13.496  -8.665  -4.197  1.00 10.52 ? 34  VAL A CG1 1 
ATOM   269  C  CG2 . VAL A 1 34 ? 14.470  -9.744  -2.165  1.00 9.05  ? 34  VAL A CG2 1 
ATOM   270  N  N   . GLN A 1 35 ? 13.486  -11.283 -6.577  0.00 19.13 ? 35  GLN A N   1 
ATOM   271  C  CA  . GLN A 1 35 ? 13.502  -11.217 -8.033  0.00 19.94 ? 35  GLN A CA  1 
ATOM   272  C  C   . GLN A 1 35 ? 12.909  -9.934  -8.600  0.00 18.83 ? 35  GLN A C   1 
ATOM   273  O  O   . GLN A 1 35 ? 13.367  -9.424  -9.623  0.00 18.59 ? 35  GLN A O   1 
ATOM   274  C  CB  . GLN A 1 35 ? 12.749  -12.416 -8.608  1.00 23.30 ? 35  GLN A CB  1 
ATOM   275  C  CG  . GLN A 1 35 ? 13.394  -13.745 -8.291  1.00 23.30 ? 35  GLN A CG  1 
ATOM   276  C  CD  . GLN A 1 35 ? 14.820  -13.819 -8.785  1.00 23.30 ? 35  GLN A CD  1 
ATOM   277  O  OE1 . GLN A 1 35 ? 15.081  -13.702 -9.978  1.00 23.30 ? 35  GLN A OE1 1 
ATOM   278  N  NE2 . GLN A 1 35 ? 15.753  -14.010 -7.864  1.00 23.30 ? 35  GLN A NE2 1 
ATOM   279  N  N   . ASP A 1 36 ? 11.887  -9.417  -7.932  1.00 10.99 ? 36  ASP A N   1 
ATOM   280  C  CA  . ASP A 1 36 ? 11.219  -8.202  -8.378  1.00 9.86  ? 36  ASP A CA  1 
ATOM   281  C  C   . ASP A 1 36 ? 10.605  -7.455  -7.194  1.00 8.80  ? 36  ASP A C   1 
ATOM   282  O  O   . ASP A 1 36 ? 10.207  -8.064  -6.203  1.00 5.04  ? 36  ASP A O   1 
ATOM   283  C  CB  . ASP A 1 36 ? 10.133  -8.569  -9.401  1.00 15.38 ? 36  ASP A CB  1 
ATOM   284  C  CG  . ASP A 1 36 ? 9.390   -7.357  -9.936  1.00 18.80 ? 36  ASP A CG  1 
ATOM   285  O  OD1 . ASP A 1 36 ? 10.049  -6.391  -10.371 1.00 21.99 ? 36  ASP A OD1 1 
ATOM   286  O  OD2 . ASP A 1 36 ? 8.143   -7.375  -9.929  1.00 23.58 ? 36  ASP A OD2 1 
ATOM   287  N  N   . VAL A 1 37 ? 10.556  -6.132  -7.300  1.00 7.40  ? 37  VAL A N   1 
ATOM   288  C  CA  . VAL A 1 37 ? 9.979   -5.289  -6.259  1.00 7.54  ? 37  VAL A CA  1 
ATOM   289  C  C   . VAL A 1 37 ? 9.060   -4.268  -6.922  1.00 7.72  ? 37  VAL A C   1 
ATOM   290  O  O   . VAL A 1 37 ? 9.486   -3.543  -7.821  1.00 5.79  ? 37  VAL A O   1 
ATOM   291  C  CB  . VAL A 1 37 ? 11.071  -4.514  -5.481  1.00 6.63  ? 37  VAL A CB  1 
ATOM   292  C  CG1 . VAL A 1 37 ? 10.423  -3.612  -4.428  1.00 5.54  ? 37  VAL A CG1 1 
ATOM   293  C  CG2 . VAL A 1 37 ? 12.046  -5.480  -4.830  1.00 6.83  ? 37  VAL A CG2 1 
ATOM   294  N  N   . ARG A 1 38 ? 7.800   -4.242  -6.495  1.00 9.70  ? 38  ARG A N   1 
ATOM   295  C  CA  . ARG A 1 38 ? 6.811   -3.296  -7.007  1.00 11.02 ? 38  ARG A CA  1 
ATOM   296  C  C   . ARG A 1 38 ? 6.326   -2.530  -5.777  1.00 12.14 ? 38  ARG A C   1 
ATOM   297  O  O   . ARG A 1 38 ? 5.842   -3.133  -4.816  1.00 10.84 ? 38  ARG A O   1 
ATOM   298  C  CB  . ARG A 1 38 ? 5.625   -4.026  -7.645  1.00 11.15 ? 38  ARG A CB  1 
ATOM   299  C  CG  . ARG A 1 38 ? 5.990   -4.992  -8.768  1.00 13.69 ? 38  ARG A CG  1 
ATOM   300  C  CD  . ARG A 1 38 ? 6.448   -4.266  -10.022 1.00 12.78 ? 38  ARG A CD  1 
ATOM   301  N  NE  . ARG A 1 38 ? 5.342   -3.647  -10.743 1.00 13.74 ? 38  ARG A NE  1 
ATOM   302  C  CZ  . ARG A 1 38 ? 5.479   -2.995  -11.896 1.00 14.30 ? 38  ARG A CZ  1 
ATOM   303  N  NH1 . ARG A 1 38 ? 6.677   -2.878  -12.456 1.00 11.75 ? 38  ARG A NH1 1 
ATOM   304  N  NH2 . ARG A 1 38 ? 4.419   -2.468  -12.492 1.00 11.51 ? 38  ARG A NH2 1 
ATOM   305  N  N   . ILE A 1 39 ? 6.471   -1.213  -5.789  1.00 9.10  ? 39  ILE A N   1 
ATOM   306  C  CA  . ILE A 1 39 ? 6.048   -0.420  -4.647  1.00 10.35 ? 39  ILE A CA  1 
ATOM   307  C  C   . ILE A 1 39 ? 4.817   0.393   -4.982  1.00 11.01 ? 39  ILE A C   1 
ATOM   308  O  O   . ILE A 1 39 ? 4.769   1.091   -5.996  1.00 11.67 ? 39  ILE A O   1 
ATOM   309  C  CB  . ILE A 1 39 ? 7.172   0.512   -4.167  1.00 18.13 ? 39  ILE A CB  1 
ATOM   310  C  CG1 . ILE A 1 39 ? 8.403   -0.325  -3.799  1.00 20.32 ? 39  ILE A CG1 1 
ATOM   311  C  CG2 . ILE A 1 39 ? 6.706   1.317   -2.959  1.00 18.07 ? 39  ILE A CG2 1 
ATOM   312  C  CD1 . ILE A 1 39 ? 9.570   0.483   -3.266  1.00 23.72 ? 39  ILE A CD1 1 
ATOM   313  N  N   . GLY A 1 40 ? 3.810   0.281   -4.125  1.00 9.82  ? 40  GLY A N   1 
ATOM   314  C  CA  . GLY A 1 40 ? 2.576   1.000   -4.347  1.00 10.54 ? 40  GLY A CA  1 
ATOM   315  C  C   . GLY A 1 40 ? 2.061   1.620   -3.069  1.00 10.57 ? 40  GLY A C   1 
ATOM   316  O  O   . GLY A 1 40 ? 2.834   1.973   -2.180  1.00 10.06 ? 40  GLY A O   1 
ATOM   317  N  N   . LYS A 1 41 ? 0.745   1.742   -2.970  1.00 10.71 ? 41  LYS A N   1 
ATOM   318  C  CA  . LYS A 1 41 ? 0.131   2.334   -1.791  1.00 11.25 ? 41  LYS A CA  1 
ATOM   319  C  C   . LYS A 1 41 ? -1.060  1.513   -1.313  1.00 12.10 ? 41  LYS A C   1 
ATOM   320  O  O   . LYS A 1 41 ? -1.729  0.850   -2.105  1.00 11.14 ? 41  LYS A O   1 
ATOM   321  C  CB  . LYS A 1 41 ? -0.335  3.760   -2.103  1.00 21.82 ? 41  LYS A CB  1 
ATOM   322  C  CG  . LYS A 1 41 ? 0.746   4.653   -2.667  1.00 28.71 ? 41  LYS A CG  1 
ATOM   323  C  CD  . LYS A 1 41 ? 0.166   5.960   -3.169  1.00 28.71 ? 41  LYS A CD  1 
ATOM   324  C  CE  . LYS A 1 41 ? 1.232   6.811   -3.837  1.00 28.71 ? 41  LYS A CE  1 
ATOM   325  N  NZ  . LYS A 1 41 ? 0.668   8.079   -4.379  1.00 28.71 ? 41  LYS A NZ  1 
ATOM   326  N  N   . TYR A 1 42 ? -1.300  1.558   -0.007  1.00 12.01 ? 42  TYR A N   1 
ATOM   327  C  CA  . TYR A 1 42 ? -2.423  0.866   0.617   1.00 12.81 ? 42  TYR A CA  1 
ATOM   328  C  C   . TYR A 1 42 ? -3.139  1.943   1.428   1.00 12.78 ? 42  TYR A C   1 
ATOM   329  O  O   . TYR A 1 42 ? -2.497  2.768   2.077   1.00 14.60 ? 42  TYR A O   1 
ATOM   330  C  CB  . TYR A 1 42 ? -1.939  -0.247  1.557   1.00 21.24 ? 42  TYR A CB  1 
ATOM   331  C  CG  . TYR A 1 42 ? -3.060  -0.899  2.337   1.00 22.38 ? 42  TYR A CG  1 
ATOM   332  C  CD1 . TYR A 1 42 ? -4.030  -1.665  1.692   1.00 22.38 ? 42  TYR A CD1 1 
ATOM   333  C  CD2 . TYR A 1 42 ? -3.179  -0.712  3.714   1.00 22.38 ? 42  TYR A CD2 1 
ATOM   334  C  CE1 . TYR A 1 42 ? -5.099  -2.229  2.401   1.00 22.38 ? 42  TYR A CE1 1 
ATOM   335  C  CE2 . TYR A 1 42 ? -4.240  -1.269  4.433   1.00 22.38 ? 42  TYR A CE2 1 
ATOM   336  C  CZ  . TYR A 1 42 ? -5.195  -2.023  3.770   1.00 22.38 ? 42  TYR A CZ  1 
ATOM   337  O  OH  . TYR A 1 42 ? -6.253  -2.556  4.476   1.00 22.38 ? 42  TYR A OH  1 
HETATM 338  N  N   . MSE A 1 43 ? -4.461  1.947   1.388   1.00 11.14 ? 43  MSE A N   1 
HETATM 339  C  CA  . MSE A 1 43 ? -5.203  2.959   2.125   1.00 11.40 ? 43  MSE A CA  1 
HETATM 340  C  C   . MSE A 1 43 ? -6.487  2.412   2.714   1.00 9.21  ? 43  MSE A C   1 
HETATM 341  O  O   . MSE A 1 43 ? -7.082  1.484   2.185   1.00 7.34  ? 43  MSE A O   1 
HETATM 342  C  CB  . MSE A 1 43 ? -5.551  4.112   1.196   1.00 36.84 ? 43  MSE A CB  1 
HETATM 343  C  CG  . MSE A 1 43 ? -4.383  4.610   0.382   1.00 43.81 ? 43  MSE A CG  1 
HETATM 344  SE SE  . MSE A 1 43 ? -4.991  5.353   -1.265  1.00 45.58 ? 43  MSE A SE  1 
HETATM 345  C  CE  . MSE A 1 43 ? -5.306  7.157   -0.658  1.00 45.70 ? 43  MSE A CE  1 
ATOM   346  N  N   . GLU A 1 44 ? -6.902  2.989   3.831   1.00 9.50  ? 44  GLU A N   1 
ATOM   347  C  CA  . GLU A 1 44 ? -8.144  2.580   4.451   1.00 10.08 ? 44  GLU A CA  1 
ATOM   348  C  C   . GLU A 1 44 ? -8.931  3.850   4.677   1.00 9.81  ? 44  GLU A C   1 
ATOM   349  O  O   . GLU A 1 44 ? -8.467  4.758   5.363   1.00 8.28  ? 44  GLU A O   1 
ATOM   350  C  CB  . GLU A 1 44 ? -7.889  1.853   5.775   1.00 23.26 ? 44  GLU A CB  1 
ATOM   351  C  CG  . GLU A 1 44 ? -7.090  0.568   5.614   1.00 25.68 ? 44  GLU A CG  1 
ATOM   352  C  CD  . GLU A 1 44 ? -7.147  -0.328  6.842   1.00 23.48 ? 44  GLU A CD  1 
ATOM   353  O  OE1 . GLU A 1 44 ? -7.431  0.185   7.945   1.00 23.48 ? 44  GLU A OE1 1 
ATOM   354  O  OE2 . GLU A 1 44 ? -6.897  -1.545  6.706   1.00 23.48 ? 44  GLU A OE2 1 
ATOM   355  N  N   . LEU A 1 45 ? -10.103 3.923   4.054   1.00 15.21 ? 45  LEU A N   1 
ATOM   356  C  CA  . LEU A 1 45 ? -10.977 5.076   4.190   1.00 15.20 ? 45  LEU A CA  1 
ATOM   357  C  C   . LEU A 1 45 ? -12.288 4.665   4.833   1.00 14.62 ? 45  LEU A C   1 
ATOM   358  O  O   . LEU A 1 45 ? -12.957 3.745   4.364   1.00 15.94 ? 45  LEU A O   1 
ATOM   359  C  CB  . LEU A 1 45 ? -11.278 5.715   2.828   1.00 14.66 ? 45  LEU A CB  1 
ATOM   360  C  CG  . LEU A 1 45 ? -10.187 6.549   2.146   1.00 18.81 ? 45  LEU A CG  1 
ATOM   361  C  CD1 . LEU A 1 45 ? -9.128  5.633   1.559   1.00 20.28 ? 45  LEU A CD1 1 
ATOM   362  C  CD2 . LEU A 1 45 ? -10.805 7.406   1.047   1.00 17.73 ? 45  LEU A CD2 1 
ATOM   363  N  N   . THR A 1 46 ? -12.641 5.342   5.917   1.00 7.72  ? 46  THR A N   1 
ATOM   364  C  CA  . THR A 1 46 ? -13.892 5.076   6.605   1.00 6.60  ? 46  THR A CA  1 
ATOM   365  C  C   . THR A 1 46 ? -14.939 6.001   5.973   1.00 7.37  ? 46  THR A C   1 
ATOM   366  O  O   . THR A 1 46 ? -14.724 7.209   5.871   1.00 5.54  ? 46  THR A O   1 
ATOM   367  C  CB  . THR A 1 46 ? -13.761 5.388   8.105   1.00 8.35  ? 46  THR A CB  1 
ATOM   368  O  OG1 . THR A 1 46 ? -12.680 4.621   8.661   1.00 16.47 ? 46  THR A OG1 1 
ATOM   369  C  CG2 . THR A 1 46 ? -15.041 5.027   8.826   1.00 16.47 ? 46  THR A CG2 1 
ATOM   370  N  N   . ILE A 1 47 ? -16.069 5.449   5.547   1.00 9.84  ? 47  ILE A N   1 
ATOM   371  C  CA  . ILE A 1 47 ? -17.098 6.270   4.925   1.00 11.01 ? 47  ILE A CA  1 
ATOM   372  C  C   . ILE A 1 47 ? -18.508 5.996   5.421   1.00 11.93 ? 47  ILE A C   1 
ATOM   373  O  O   . ILE A 1 47 ? -18.839 4.882   5.828   1.00 12.09 ? 47  ILE A O   1 
ATOM   374  C  CB  . ILE A 1 47 ? -17.105 6.101   3.389   1.00 18.00 ? 47  ILE A CB  1 
ATOM   375  C  CG1 . ILE A 1 47 ? -17.485 4.667   3.016   1.00 18.26 ? 47  ILE A CG1 1 
ATOM   376  C  CG2 . ILE A 1 47 ? -15.734 6.439   2.820   1.00 21.80 ? 47  ILE A CG2 1 
ATOM   377  C  CD1 . ILE A 1 47 ? -17.695 4.468   1.529   1.00 19.65 ? 47  ILE A CD1 1 
ATOM   378  N  N   . GLU A 1 48 ? -19.337 7.032   5.394   1.00 12.04 ? 48  GLU A N   1 
ATOM   379  C  CA  . GLU A 1 48 ? -20.727 6.898   5.804   1.00 13.33 ? 48  GLU A CA  1 
ATOM   380  C  C   . GLU A 1 48 ? -21.557 6.695   4.545   1.00 12.58 ? 48  GLU A C   1 
ATOM   381  O  O   . GLU A 1 48 ? -21.161 7.115   3.460   1.00 12.10 ? 48  GLU A O   1 
ATOM   382  C  CB  . GLU A 1 48 ? -21.193 8.150   6.554   1.00 52.92 ? 48  GLU A CB  1 
ATOM   383  C  CG  . GLU A 1 48 ? -20.953 9.471   5.839   1.00 54.77 ? 48  GLU A CG  1 
ATOM   384  C  CD  . GLU A 1 48 ? -21.379 10.662  6.686   1.00 30.49 ? 48  GLU A CD  1 
ATOM   385  O  OE1 . GLU A 1 48 ? -21.026 10.678  7.888   1.00 30.49 ? 48  GLU A OE1 1 
ATOM   386  O  OE2 . GLU A 1 48 ? -22.054 11.579  6.159   1.00 30.49 ? 48  GLU A OE2 1 
ATOM   387  N  N   . LYS A 1 49 ? -22.691 6.021   4.676   1.00 11.35 ? 49  LYS A N   1 
ATOM   388  C  CA  . LYS A 1 49 ? -23.548 5.802   3.523   1.00 12.29 ? 49  LYS A CA  1 
ATOM   389  C  C   . LYS A 1 49 ? -24.223 7.113   3.130   1.00 13.75 ? 49  LYS A C   1 
ATOM   390  O  O   . LYS A 1 49 ? -24.408 7.998   3.962   1.00 10.56 ? 49  LYS A O   1 
ATOM   391  C  CB  . LYS A 1 49 ? -24.599 4.736   3.840   1.00 9.99  ? 49  LYS A CB  1 
ATOM   392  C  CG  . LYS A 1 49 ? -24.002 3.353   4.079   1.00 17.17 ? 49  LYS A CG  1 
ATOM   393  C  CD  . LYS A 1 49 ? -25.073 2.274   4.204   1.00 17.17 ? 49  LYS A CD  1 
ATOM   394  C  CE  . LYS A 1 49 ? -25.904 2.434   5.468   1.00 17.17 ? 49  LYS A CE  1 
ATOM   395  N  NZ  . LYS A 1 49 ? -26.928 1.347   5.579   1.00 17.17 ? 49  LYS A NZ  1 
ATOM   396  N  N   . SER A 1 50 ? -24.566 7.238   1.852   1.00 18.03 ? 50  SER A N   1 
ATOM   397  C  CA  . SER A 1 50 ? -25.224 8.432   1.342   1.00 19.16 ? 50  SER A CA  1 
ATOM   398  C  C   . SER A 1 50 ? -26.076 8.060   0.136   1.00 20.84 ? 50  SER A C   1 
ATOM   399  O  O   . SER A 1 50 ? -26.301 6.878   -0.141  1.00 22.59 ? 50  SER A O   1 
ATOM   400  C  CB  . SER A 1 50 ? -24.190 9.482   0.922   1.00 13.89 ? 50  SER A CB  1 
ATOM   401  O  OG  . SER A 1 50 ? -23.415 9.010   -0.168  1.00 12.32 ? 50  SER A OG  1 
ATOM   402  N  N   . ASP A 1 51 ? -26.538 9.077   -0.584  1.00 17.92 ? 51  ASP A N   1 
ATOM   403  C  CA  . ASP A 1 51 ? -27.356 8.866   -1.769  1.00 18.89 ? 51  ASP A CA  1 
ATOM   404  C  C   . ASP A 1 51 ? -26.527 8.255   -2.897  1.00 18.74 ? 51  ASP A C   1 
ATOM   405  O  O   . ASP A 1 51 ? -27.069 7.604   -3.789  1.00 19.26 ? 51  ASP A O   1 
ATOM   406  C  CB  . ASP A 1 51 ? -27.964 10.193  -2.227  1.00 64.21 ? 51  ASP A CB  1 
ATOM   407  C  CG  . ASP A 1 51 ? -28.877 10.033  -3.428  1.00 55.19 ? 51  ASP A CG  1 
ATOM   408  O  OD1 . ASP A 1 51 ? -28.377 9.699   -4.524  1.00 55.19 ? 51  ASP A OD1 1 
ATOM   409  O  OD2 . ASP A 1 51 ? -30.100 10.238  -3.276  1.00 55.19 ? 51  ASP A OD2 1 
ATOM   410  N  N   . ARG A 1 52 ? -25.214 8.464   -2.859  1.00 13.32 ? 52  ARG A N   1 
ATOM   411  C  CA  . ARG A 1 52 ? -24.326 7.913   -3.886  1.00 12.95 ? 52  ARG A CA  1 
ATOM   412  C  C   . ARG A 1 52 ? -24.253 6.396   -3.760  1.00 11.44 ? 52  ARG A C   1 
ATOM   413  O  O   . ARG A 1 52 ? -24.350 5.864   -2.661  1.00 11.08 ? 52  ARG A O   1 
ATOM   414  C  CB  . ARG A 1 52 ? -22.898 8.459   -3.734  1.00 13.29 ? 52  ARG A CB  1 
ATOM   415  C  CG  . ARG A 1 52 ? -22.659 9.892   -4.196  1.00 14.20 ? 52  ARG A CG  1 
ATOM   416  C  CD  . ARG A 1 52 ? -21.162 10.112  -4.401  1.00 15.12 ? 52  ARG A CD  1 
ATOM   417  N  NE  . ARG A 1 52 ? -20.845 11.416  -4.979  1.00 14.92 ? 52  ARG A NE  1 
ATOM   418  C  CZ  . ARG A 1 52 ? -20.540 12.499  -4.274  1.00 12.82 ? 52  ARG A CZ  1 
ATOM   419  N  NH1 . ARG A 1 52 ? -20.501 12.451  -2.946  1.00 10.40 ? 52  ARG A NH1 1 
ATOM   420  N  NH2 . ARG A 1 52 ? -20.275 13.636  -4.900  1.00 12.77 ? 52  ARG A NH2 1 
ATOM   421  N  N   . ASP A 1 53 ? -24.075 5.703   -4.879  1.00 10.60 ? 53  ASP A N   1 
ATOM   422  C  CA  . ASP A 1 53 ? -23.942 4.252   -4.837  1.00 9.28  ? 53  ASP A CA  1 
ATOM   423  C  C   . ASP A 1 53 ? -22.525 3.975   -4.351  1.00 9.08  ? 53  ASP A C   1 
ATOM   424  O  O   . ASP A 1 53 ? -21.613 4.761   -4.623  1.00 7.78  ? 53  ASP A O   1 
ATOM   425  C  CB  . ASP A 1 53 ? -24.133 3.641   -6.229  1.00 15.81 ? 53  ASP A CB  1 
ATOM   426  C  CG  . ASP A 1 53 ? -25.593 3.569   -6.641  1.00 20.08 ? 53  ASP A CG  1 
ATOM   427  O  OD1 . ASP A 1 53 ? -25.857 3.219   -7.809  1.00 22.55 ? 53  ASP A OD1 1 
ATOM   428  O  OD2 . ASP A 1 53 ? -26.474 3.853   -5.800  1.00 19.84 ? 53  ASP A OD2 1 
ATOM   429  N  N   . LEU A 1 54 ? -22.341 2.873   -3.630  1.00 8.29  ? 54  LEU A N   1 
ATOM   430  C  CA  . LEU A 1 54 ? -21.020 2.535   -3.118  1.00 9.79  ? 54  LEU A CA  1 
ATOM   431  C  C   . LEU A 1 54 ? -19.994 2.422   -4.244  1.00 8.71  ? 54  LEU A C   1 
ATOM   432  O  O   . LEU A 1 54 ? -18.923 3.030   -4.186  1.00 6.76  ? 54  LEU A O   1 
ATOM   433  C  CB  . LEU A 1 54 ? -21.080 1.221   -2.334  1.00 11.95 ? 54  LEU A CB  1 
ATOM   434  C  CG  . LEU A 1 54 ? -19.767 0.698   -1.744  1.00 11.96 ? 54  LEU A CG  1 
ATOM   435  C  CD1 . LEU A 1 54 ? -19.127 1.754   -0.857  1.00 11.45 ? 54  LEU A CD1 1 
ATOM   436  C  CD2 . LEU A 1 54 ? -20.052 -0.567  -0.950  1.00 11.88 ? 54  LEU A CD2 1 
ATOM   437  N  N   . ASP A 1 55 ? -20.328 1.648   -5.274  1.00 11.15 ? 55  ASP A N   1 
ATOM   438  C  CA  . ASP A 1 55 ? -19.414 1.467   -6.392  1.00 10.68 ? 55  ASP A CA  1 
ATOM   439  C  C   . ASP A 1 55 ? -19.092 2.769   -7.128  1.00 11.07 ? 55  ASP A C   1 
ATOM   440  O  O   . ASP A 1 55 ? -17.945 3.002   -7.499  1.00 9.46  ? 55  ASP A O   1 
ATOM   441  C  CB  . ASP A 1 55 ? -19.950 0.414   -7.371  1.00 17.75 ? 55  ASP A CB  1 
ATOM   442  C  CG  . ASP A 1 55 ? -21.328 0.752   -7.918  1.00 21.28 ? 55  ASP A CG  1 
ATOM   443  O  OD1 . ASP A 1 55 ? -21.942 1.742   -7.476  1.00 19.73 ? 55  ASP A OD1 1 
ATOM   444  O  OD2 . ASP A 1 55 ? -21.806 0.008   -8.798  1.00 19.73 ? 55  ASP A OD2 1 
ATOM   445  N  N   . VAL A 1 56 ? -20.085 3.631   -7.319  1.00 10.61 ? 56  VAL A N   1 
ATOM   446  C  CA  . VAL A 1 56 ? -19.835 4.896   -8.010  1.00 10.70 ? 56  VAL A CA  1 
ATOM   447  C  C   . VAL A 1 56 ? -18.890 5.797   -7.205  1.00 9.35  ? 56  VAL A C   1 
ATOM   448  O  O   . VAL A 1 56 ? -17.972 6.404   -7.759  1.00 8.28  ? 56  VAL A O   1 
ATOM   449  C  CB  . VAL A 1 56 ? -21.157 5.644   -8.282  1.00 13.51 ? 56  VAL A CB  1 
ATOM   450  C  CG1 . VAL A 1 56 ? -20.876 6.990   -8.946  1.00 12.85 ? 56  VAL A CG1 1 
ATOM   451  C  CG2 . VAL A 1 56 ? -22.046 4.791   -9.173  1.00 14.15 ? 56  VAL A CG2 1 
ATOM   452  N  N   . LEU A 1 57 ? -19.112 5.870   -5.897  1.00 6.95  ? 57  LEU A N   1 
ATOM   453  C  CA  . LEU A 1 57 ? -18.288 6.693   -5.012  1.00 7.84  ? 57  LEU A CA  1 
ATOM   454  C  C   . LEU A 1 57 ? -16.820 6.265   -4.917  1.00 8.10  ? 57  LEU A C   1 
ATOM   455  O  O   . LEU A 1 57 ? -15.917 7.095   -5.032  1.00 8.59  ? 57  LEU A O   1 
ATOM   456  C  CB  . LEU A 1 57 ? -18.898 6.713   -3.606  1.00 10.77 ? 57  LEU A CB  1 
ATOM   457  C  CG  . LEU A 1 57 ? -18.028 7.256   -2.461  1.00 12.67 ? 57  LEU A CG  1 
ATOM   458  C  CD1 . LEU A 1 57 ? -17.704 8.721   -2.695  1.00 12.88 ? 57  LEU A CD1 1 
ATOM   459  C  CD2 . LEU A 1 57 ? -18.758 7.080   -1.146  1.00 14.23 ? 57  LEU A CD2 1 
ATOM   460  N  N   . VAL A 1 58 ? -16.577 4.976   -4.700  1.00 10.62 ? 58  VAL A N   1 
ATOM   461  C  CA  . VAL A 1 58 ? -15.205 4.485   -4.572  1.00 11.64 ? 58  VAL A CA  1 
ATOM   462  C  C   . VAL A 1 58 ? -14.417 4.679   -5.871  1.00 12.19 ? 58  VAL A C   1 
ATOM   463  O  O   . VAL A 1 58 ? -13.237 5.045   -5.846  1.00 8.70  ? 58  VAL A O   1 
ATOM   464  C  CB  . VAL A 1 58 ? -15.179 2.984   -4.170  1.00 7.83  ? 58  VAL A CB  1 
ATOM   465  C  CG1 . VAL A 1 58 ? -13.747 2.533   -3.937  1.00 10.45 ? 58  VAL A CG1 1 
ATOM   466  C  CG2 . VAL A 1 58 ? -16.010 2.764   -2.920  1.00 9.42  ? 58  VAL A CG2 1 
ATOM   467  N  N   . LYS A 1 59 ? -15.064 4.440   -7.006  1.00 8.94  ? 59  LYS A N   1 
ATOM   468  C  CA  . LYS A 1 59 ? -14.387 4.613   -8.287  1.00 11.91 ? 59  LYS A CA  1 
ATOM   469  C  C   . LYS A 1 59 ? -14.002 6.068   -8.538  1.00 12.48 ? 59  LYS A C   1 
ATOM   470  O  O   . LYS A 1 59 ? -12.926 6.346   -9.069  1.00 9.97  ? 59  LYS A O   1 
ATOM   471  C  CB  . LYS A 1 59 ? -15.264 4.124   -9.438  1.00 36.57 ? 59  LYS A CB  1 
ATOM   472  C  CG  . LYS A 1 59 ? -15.221 2.631   -9.662  1.00 41.54 ? 59  LYS A CG  1 
ATOM   473  C  CD  . LYS A 1 59 ? -15.998 2.274   -10.913 1.00 46.52 ? 59  LYS A CD  1 
ATOM   474  C  CE  . LYS A 1 59 ? -15.989 0.778   -11.171 1.00 45.92 ? 59  LYS A CE  1 
ATOM   475  N  NZ  . LYS A 1 59 ? -16.880 0.394   -12.308 1.00 50.08 ? 59  LYS A NZ  1 
ATOM   476  N  N   . GLU A 1 60 ? -14.878 6.998   -8.166  1.00 11.79 ? 60  GLU A N   1 
ATOM   477  C  CA  . GLU A 1 60 ? -14.585 8.414   -8.377  1.00 13.38 ? 60  GLU A CA  1 
ATOM   478  C  C   . GLU A 1 60 ? -13.424 8.885   -7.519  1.00 12.50 ? 60  GLU A C   1 
ATOM   479  O  O   . GLU A 1 60 ? -12.537 9.585   -8.005  1.00 14.09 ? 60  GLU A O   1 
ATOM   480  C  CB  . GLU A 1 60 ? -15.809 9.282   -8.088  1.00 15.53 ? 60  GLU A CB  1 
ATOM   481  C  CG  . GLU A 1 60 ? -16.875 9.234   -9.162  1.00 20.16 ? 60  GLU A CG  1 
ATOM   482  C  CD  . GLU A 1 60 ? -17.852 10.391  -9.052  1.00 22.47 ? 60  GLU A CD  1 
ATOM   483  O  OE1 . GLU A 1 60 ? -18.446 10.578  -7.972  1.00 23.23 ? 60  GLU A OE1 1 
ATOM   484  O  OE2 . GLU A 1 60 ? -18.029 11.117  -10.050 1.00 29.30 ? 60  GLU A OE2 1 
HETATM 485  N  N   . MSE A 1 61 ? -13.427 8.507   -6.244  1.00 12.59 ? 61  MSE A N   1 
HETATM 486  C  CA  . MSE A 1 61 ? -12.346 8.912   -5.355  1.00 12.53 ? 61  MSE A CA  1 
HETATM 487  C  C   . MSE A 1 61 ? -11.027 8.349   -5.864  1.00 12.64 ? 61  MSE A C   1 
HETATM 488  O  O   . MSE A 1 61 ? -10.009 9.038   -5.868  1.00 13.32 ? 61  MSE A O   1 
HETATM 489  C  CB  . MSE A 1 61 ? -12.607 8.430   -3.928  1.00 28.13 ? 61  MSE A CB  1 
HETATM 490  C  CG  . MSE A 1 61 ? -13.845 9.043   -3.297  1.00 31.11 ? 61  MSE A CG  1 
HETATM 491  SE SE  . MSE A 1 61 ? -13.943 8.723   -1.395  1.00 24.56 ? 61  MSE A SE  1 
HETATM 492  C  CE  . MSE A 1 61 ? -14.494 6.871   -1.435  1.00 29.79 ? 61  MSE A CE  1 
ATOM   493  N  N   . CYS A 1 62 ? -11.057 7.095   -6.303  1.00 13.23 ? 62  CYS A N   1 
ATOM   494  C  CA  . CYS A 1 62 ? -9.863  6.439   -6.823  1.00 14.26 ? 62  CYS A CA  1 
ATOM   495  C  C   . CYS A 1 62 ? -9.354  7.098   -8.109  1.00 13.51 ? 62  CYS A C   1 
ATOM   496  O  O   . CYS A 1 62 ? -8.170  7.395   -8.226  1.00 15.77 ? 62  CYS A O   1 
ATOM   497  C  CB  . CYS A 1 62 ? -10.142 4.945   -7.069  1.00 8.91  ? 62  CYS A CB  1 
ATOM   498  S  SG  . CYS A 1 62 ? -10.316 3.937   -5.549  1.00 12.33 ? 62  CYS A SG  1 
ATOM   499  N  N   . GLU A 1 63 ? -10.245 7.333   -9.070  1.00 8.35  ? 63  GLU A N   1 
ATOM   500  C  CA  . GLU A 1 63 ? -9.847  7.948   -10.339 1.00 8.37  ? 63  GLU A CA  1 
ATOM   501  C  C   . GLU A 1 63 ? -9.443  9.413   -10.183 1.00 10.87 ? 63  GLU A C   1 
ATOM   502  O  O   . GLU A 1 63 ? -8.490  9.875   -10.814 1.00 10.88 ? 63  GLU A O   1 
ATOM   503  C  CB  . GLU A 1 63 ? -10.988 7.869   -11.362 1.00 15.93 ? 63  GLU A CB  1 
ATOM   504  C  CG  . GLU A 1 63 ? -11.533 6.471   -11.621 1.00 15.87 ? 63  GLU A CG  1 
ATOM   505  C  CD  . GLU A 1 63 ? -12.785 6.488   -12.492 1.00 18.34 ? 63  GLU A CD  1 
ATOM   506  O  OE1 . GLU A 1 63 ? -13.597 7.426   -12.351 1.00 22.98 ? 63  GLU A OE1 1 
ATOM   507  O  OE2 . GLU A 1 63 ? -12.971 5.559   -13.305 1.00 22.98 ? 63  GLU A OE2 1 
ATOM   508  N  N   . LYS A 1 64 ? -10.168 10.133  -9.333  1.00 10.98 ? 64  LYS A N   1 
ATOM   509  C  CA  . LYS A 1 64 ? -9.923  11.555  -9.120  1.00 11.83 ? 64  LYS A CA  1 
ATOM   510  C  C   . LYS A 1 64 ? -8.789  11.919  -8.170  1.00 11.32 ? 64  LYS A C   1 
ATOM   511  O  O   . LYS A 1 64 ? -8.165  12.967  -8.335  1.00 9.50  ? 64  LYS A O   1 
ATOM   512  C  CB  . LYS A 1 64 ? -11.197 12.239  -8.614  1.00 20.12 ? 64  LYS A CB  1 
ATOM   513  C  CG  . LYS A 1 64 ? -12.337 12.334  -9.617  1.00 23.03 ? 64  LYS A CG  1 
ATOM   514  C  CD  . LYS A 1 64 ? -13.431 13.242  -9.064  1.00 25.17 ? 64  LYS A CD  1 
ATOM   515  C  CE  . LYS A 1 64 ? -14.522 13.531  -10.083 1.00 28.52 ? 64  LYS A CE  1 
ATOM   516  N  NZ  . LYS A 1 64 ? -15.244 12.308  -10.515 1.00 29.10 ? 64  LYS A NZ  1 
ATOM   517  N  N   . LEU A 1 65 ? -8.514  11.070  -7.182  1.00 12.41 ? 65  LEU A N   1 
ATOM   518  C  CA  . LEU A 1 65 ? -7.477  11.403  -6.210  1.00 11.20 ? 65  LEU A CA  1 
ATOM   519  C  C   . LEU A 1 65 ? -6.521  10.306  -5.748  1.00 10.36 ? 65  LEU A C   1 
ATOM   520  O  O   . LEU A 1 65 ? -5.309  10.493  -5.767  1.00 9.00  ? 65  LEU A O   1 
ATOM   521  C  CB  . LEU A 1 65 ? -8.139  12.020  -4.976  1.00 6.81  ? 65  LEU A CB  1 
ATOM   522  C  CG  . LEU A 1 65 ? -7.232  12.354  -3.788  1.00 9.13  ? 65  LEU A CG  1 
ATOM   523  C  CD1 . LEU A 1 65 ? -6.288  13.495  -4.154  1.00 9.01  ? 65  LEU A CD1 1 
ATOM   524  C  CD2 . LEU A 1 65 ? -8.089  12.736  -2.596  1.00 10.83 ? 65  LEU A CD2 1 
ATOM   525  N  N   . LEU A 1 66 ? -7.070  9.174   -5.317  1.00 7.59  ? 66  LEU A N   1 
ATOM   526  C  CA  . LEU A 1 66 ? -6.257  8.079   -4.800  1.00 9.13  ? 66  LEU A CA  1 
ATOM   527  C  C   . LEU A 1 66 ? -5.205  7.514   -5.733  1.00 8.49  ? 66  LEU A C   1 
ATOM   528  O  O   . LEU A 1 66 ? -4.102  7.177   -5.303  1.00 7.00  ? 66  LEU A O   1 
ATOM   529  C  CB  . LEU A 1 66 ? -7.158  6.940   -4.315  1.00 19.85 ? 66  LEU A CB  1 
ATOM   530  C  CG  . LEU A 1 66 ? -7.823  7.145   -2.952  1.00 22.52 ? 66  LEU A CG  1 
ATOM   531  C  CD1 . LEU A 1 66 ? -8.562  8.469   -2.923  1.00 23.18 ? 66  LEU A CD1 1 
ATOM   532  C  CD2 . LEU A 1 66 ? -8.771  5.993   -2.672  1.00 19.13 ? 66  LEU A CD2 1 
ATOM   533  N  N   . ALA A 1 67 ? -5.534  7.400   -7.011  1.00 12.87 ? 67  ALA A N   1 
ATOM   534  C  CA  . ALA A 1 67 ? -4.575  6.840   -7.946  1.00 12.36 ? 67  ALA A CA  1 
ATOM   535  C  C   . ALA A 1 67 ? -4.504  7.614   -9.245  1.00 13.06 ? 67  ALA A C   1 
ATOM   536  O  O   . ALA A 1 67 ? -5.483  8.230   -9.666  1.00 13.90 ? 67  ALA A O   1 
ATOM   537  C  CB  . ALA A 1 67 ? -4.933  5.385   -8.229  1.00 18.08 ? 67  ALA A CB  1 
ATOM   538  N  N   . ASN A 1 68 ? -3.330  7.603   -9.867  1.00 12.39 ? 68  ASN A N   1 
ATOM   539  C  CA  . ASN A 1 68 ? -3.158  8.256   -11.158 1.00 10.26 ? 68  ASN A CA  1 
ATOM   540  C  C   . ASN A 1 68 ? -3.371  7.093   -12.121 1.00 10.08 ? 68  ASN A C   1 
ATOM   541  O  O   . ASN A 1 68 ? -2.424  6.386   -12.471 1.00 8.61  ? 68  ASN A O   1 
ATOM   542  C  CB  . ASN A 1 68 ? -1.742  8.812   -11.323 1.00 10.01 ? 68  ASN A CB  1 
ATOM   543  C  CG  . ASN A 1 68 ? -1.531  9.437   -12.690 1.00 10.29 ? 68  ASN A CG  1 
ATOM   544  O  OD1 . ASN A 1 68 ? -2.251  9.125   -13.639 1.00 10.85 ? 68  ASN A OD1 1 
ATOM   545  N  ND2 . ASN A 1 68 ? -0.539  10.310  -12.800 1.00 7.50  ? 68  ASN A ND2 1 
ATOM   546  N  N   . THR A 1 69 ? -4.619  6.897   -12.534 1.00 10.06 ? 69  THR A N   1 
ATOM   547  C  CA  . THR A 1 69 ? -4.975  5.780   -13.401 1.00 10.42 ? 69  THR A CA  1 
ATOM   548  C  C   . THR A 1 69 ? -4.291  5.694   -14.758 1.00 9.72  ? 69  THR A C   1 
ATOM   549  O  O   . THR A 1 69 ? -4.558  4.764   -15.523 1.00 9.00  ? 69  THR A O   1 
ATOM   550  C  CB  . THR A 1 69 ? -6.508  5.697   -13.597 1.00 11.78 ? 69  THR A CB  1 
ATOM   551  O  OG1 . THR A 1 69 ? -6.980  6.870   -14.267 1.00 14.07 ? 69  THR A OG1 1 
ATOM   552  C  CG2 . THR A 1 69 ? -7.204  5.572   -12.242 1.00 10.36 ? 69  THR A CG2 1 
ATOM   553  N  N   . VAL A 1 70 ? -3.422  6.652   -15.071 1.00 9.58  ? 70  VAL A N   1 
ATOM   554  C  CA  . VAL A 1 70 ? -2.700  6.598   -16.340 1.00 8.50  ? 70  VAL A CA  1 
ATOM   555  C  C   . VAL A 1 70 ? -1.559  5.596   -16.159 1.00 10.31 ? 70  VAL A C   1 
ATOM   556  O  O   . VAL A 1 70 ? -1.159  4.920   -17.103 1.00 8.80  ? 70  VAL A O   1 
ATOM   557  C  CB  . VAL A 1 70 ? -2.088  7.964   -16.732 1.00 14.88 ? 70  VAL A CB  1 
ATOM   558  C  CG1 . VAL A 1 70 ? -1.282  7.822   -18.030 1.00 13.13 ? 70  VAL A CG1 1 
ATOM   559  C  CG2 . VAL A 1 70 ? -3.189  9.008   -16.901 1.00 13.65 ? 70  VAL A CG2 1 
ATOM   560  N  N   . ILE A 1 71 ? -1.050  5.497   -14.933 1.00 11.63 ? 71  ILE A N   1 
ATOM   561  C  CA  . ILE A 1 71 ? 0.053   4.585   -14.634 1.00 11.79 ? 71  ILE A CA  1 
ATOM   562  C  C   . ILE A 1 71 ? -0.260  3.574   -13.525 1.00 10.87 ? 71  ILE A C   1 
ATOM   563  O  O   . ILE A 1 71 ? 0.441   2.569   -13.381 1.00 9.85  ? 71  ILE A O   1 
ATOM   564  C  CB  . ILE A 1 71 ? 1.321   5.363   -14.203 1.00 9.45  ? 71  ILE A CB  1 
ATOM   565  C  CG1 . ILE A 1 71 ? 0.983   6.291   -13.033 1.00 11.08 ? 71  ILE A CG1 1 
ATOM   566  C  CG2 . ILE A 1 71 ? 1.898   6.144   -15.379 1.00 10.39 ? 71  ILE A CG2 1 
ATOM   567  C  CD1 . ILE A 1 71 ? 2.175   6.998   -12.462 1.00 9.31  ? 71  ILE A CD1 1 
ATOM   568  N  N   . GLU A 1 72 ? -1.314  3.835   -12.759 1.00 14.88 ? 72  GLU A N   1 
ATOM   569  C  CA  . GLU A 1 72 ? -1.684  2.972   -11.640 1.00 14.06 ? 72  GLU A CA  1 
ATOM   570  C  C   . GLU A 1 72 ? -3.017  2.239   -11.747 1.00 13.96 ? 72  GLU A C   1 
ATOM   571  O  O   . GLU A 1 72 ? -3.988  2.752   -12.305 1.00 12.62 ? 72  GLU A O   1 
ATOM   572  C  CB  . GLU A 1 72 ? -1.697  3.794   -10.341 1.00 9.44  ? 72  GLU A CB  1 
ATOM   573  C  CG  . GLU A 1 72 ? -0.327  4.279   -9.863  1.00 11.06 ? 72  GLU A CG  1 
ATOM   574  C  CD  . GLU A 1 72 ? -0.414  5.253   -8.693  1.00 12.89 ? 72  GLU A CD  1 
ATOM   575  O  OE1 . GLU A 1 72 ? 0.593   5.400   -7.966  1.00 14.83 ? 72  GLU A OE1 1 
ATOM   576  O  OE2 . GLU A 1 72 ? -1.479  5.882   -8.502  1.00 13.44 ? 72  GLU A OE2 1 
ATOM   577  N  N   . ASP A 1 73 ? -3.046  1.026   -11.207 1.00 6.02  ? 73  ASP A N   1 
ATOM   578  C  CA  . ASP A 1 73 ? -4.266  0.230   -11.159 1.00 8.17  ? 73  ASP A CA  1 
ATOM   579  C  C   . ASP A 1 73 ? -4.761  0.396   -9.734  1.00 8.17  ? 73  ASP A C   1 
ATOM   580  O  O   . ASP A 1 73 ? -3.987  0.763   -8.847  1.00 8.31  ? 73  ASP A O   1 
ATOM   581  C  CB  . ASP A 1 73 ? -3.993  -1.262  -11.376 1.00 13.67 ? 73  ASP A CB  1 
ATOM   582  C  CG  . ASP A 1 73 ? -3.698  -1.609  -12.816 1.00 16.41 ? 73  ASP A CG  1 
ATOM   583  O  OD1 . ASP A 1 73 ? -4.415  -1.112  -13.710 1.00 16.69 ? 73  ASP A OD1 1 
ATOM   584  O  OD2 . ASP A 1 73 ? -2.757  -2.395  -13.050 1.00 18.83 ? 73  ASP A OD2 1 
ATOM   585  N  N   . TYR A 1 74 ? -6.044  0.142   -9.509  1.00 8.41  ? 74  TYR A N   1 
ATOM   586  C  CA  . TYR A 1 74 ? -6.582  0.216   -8.160  1.00 10.88 ? 74  TYR A CA  1 
ATOM   587  C  C   . TYR A 1 74 ? -7.617  -0.878  -7.989  1.00 10.45 ? 74  TYR A C   1 
ATOM   588  O  O   . TYR A 1 74 ? -8.310  -1.246  -8.935  1.00 11.41 ? 74  TYR A O   1 
ATOM   589  C  CB  . TYR A 1 74 ? -7.220  1.587   -7.860  1.00 11.92 ? 74  TYR A CB  1 
ATOM   590  C  CG  . TYR A 1 74 ? -8.529  1.868   -8.572  1.00 12.97 ? 74  TYR A CG  1 
ATOM   591  C  CD1 . TYR A 1 74 ? -8.552  2.575   -9.770  1.00 14.43 ? 74  TYR A CD1 1 
ATOM   592  C  CD2 . TYR A 1 74 ? -9.744  1.426   -8.044  1.00 13.62 ? 74  TYR A CD2 1 
ATOM   593  C  CE1 . TYR A 1 74 ? -9.751  2.838   -10.430 1.00 13.71 ? 74  TYR A CE1 1 
ATOM   594  C  CE2 . TYR A 1 74 ? -10.949 1.682   -8.695  1.00 13.90 ? 74  TYR A CE2 1 
ATOM   595  C  CZ  . TYR A 1 74 ? -10.946 2.388   -9.887  1.00 13.48 ? 74  TYR A CZ  1 
ATOM   596  O  OH  . TYR A 1 74 ? -12.128 2.637   -10.543 1.00 16.03 ? 74  TYR A OH  1 
ATOM   597  N  N   . ARG A 1 75 ? -7.690  -1.418  -6.783  1.00 11.22 ? 75  ARG A N   1 
ATOM   598  C  CA  . ARG A 1 75 ? -8.669  -2.444  -6.477  1.00 11.48 ? 75  ARG A CA  1 
ATOM   599  C  C   . ARG A 1 75 ? -9.105  -2.169  -5.044  1.00 9.52  ? 75  ARG A C   1 
ATOM   600  O  O   . ARG A 1 75 ? -8.318  -1.679  -4.234  1.00 5.51  ? 75  ARG A O   1 
ATOM   601  C  CB  . ARG A 1 75 ? -8.061  -3.845  -6.613  1.00 21.68 ? 75  ARG A CB  1 
ATOM   602  C  CG  . ARG A 1 75 ? -7.118  -4.257  -5.505  1.00 25.62 ? 75  ARG A CG  1 
ATOM   603  C  CD  . ARG A 1 75 ? -6.560  -5.651  -5.771  1.00 30.79 ? 75  ARG A CD  1 
ATOM   604  N  NE  . ARG A 1 75 ? -5.794  -6.169  -4.640  1.00 32.45 ? 75  ARG A NE  1 
ATOM   605  C  CZ  . ARG A 1 75 ? -6.333  -6.572  -3.493  1.00 35.36 ? 75  ARG A CZ  1 
ATOM   606  N  NH1 . ARG A 1 75 ? -7.649  -6.521  -3.320  1.00 33.75 ? 75  ARG A NH1 1 
ATOM   607  N  NH2 . ARG A 1 75 ? -5.557  -7.029  -2.519  1.00 36.31 ? 75  ARG A NH2 1 
ATOM   608  N  N   . TYR A 1 76 ? -10.359 -2.458  -4.734  1.00 9.13  ? 76  TYR A N   1 
ATOM   609  C  CA  . TYR A 1 76 ? -10.837 -2.190  -3.396  1.00 8.96  ? 76  TYR A CA  1 
ATOM   610  C  C   . TYR A 1 76 ? -11.730 -3.290  -2.854  1.00 8.77  ? 76  TYR A C   1 
ATOM   611  O  O   . TYR A 1 76 ? -12.302 -4.075  -3.607  1.00 9.57  ? 76  TYR A O   1 
ATOM   612  C  CB  . TYR A 1 76 ? -11.572 -0.845  -3.380  1.00 10.23 ? 76  TYR A CB  1 
ATOM   613  C  CG  . TYR A 1 76 ? -12.896 -0.829  -4.121  1.00 10.75 ? 76  TYR A CG  1 
ATOM   614  C  CD1 . TYR A 1 76 ? -14.088 -1.128  -3.463  1.00 12.31 ? 76  TYR A CD1 1 
ATOM   615  C  CD2 . TYR A 1 76 ? -12.958 -0.495  -5.475  1.00 11.82 ? 76  TYR A CD2 1 
ATOM   616  C  CE1 . TYR A 1 76 ? -15.310 -1.086  -4.130  1.00 12.14 ? 76  TYR A CE1 1 
ATOM   617  C  CE2 . TYR A 1 76 ? -14.173 -0.454  -6.150  1.00 10.78 ? 76  TYR A CE2 1 
ATOM   618  C  CZ  . TYR A 1 76 ? -15.343 -0.748  -5.470  1.00 13.60 ? 76  TYR A CZ  1 
ATOM   619  O  OH  . TYR A 1 76 ? -16.546 -0.689  -6.128  1.00 13.23 ? 76  TYR A OH  1 
ATOM   620  N  N   . GLU A 1 77 ? -11.819 -3.341  -1.530  1.00 9.55  ? 77  GLU A N   1 
ATOM   621  C  CA  . GLU A 1 77 ? -12.647 -4.306  -0.831  1.00 11.02 ? 77  GLU A CA  1 
ATOM   622  C  C   . GLU A 1 77 ? -13.320 -3.492  0.262   1.00 9.80  ? 77  GLU A C   1 
ATOM   623  O  O   . GLU A 1 77 ? -12.713 -2.575  0.813   1.00 10.24 ? 77  GLU A O   1 
ATOM   624  C  CB  . GLU A 1 77 ? -11.791 -5.409  -0.202  1.00 29.16 ? 77  GLU A CB  1 
ATOM   625  C  CG  . GLU A 1 77 ? -10.940 -6.180  -1.191  1.00 34.79 ? 77  GLU A CG  1 
ATOM   626  C  CD  . GLU A 1 77 ? -10.250 -7.372  -0.554  1.00 36.97 ? 77  GLU A CD  1 
ATOM   627  O  OE1 . GLU A 1 77 ? -10.960 -8.285  -0.077  1.00 39.46 ? 77  GLU A OE1 1 
ATOM   628  O  OE2 . GLU A 1 77 ? -9.001  -7.393  -0.527  1.00 37.61 ? 77  GLU A OE2 1 
ATOM   629  N  N   . VAL A 1 78 ? -14.565 -3.819  0.582   1.00 7.55  ? 78  VAL A N   1 
ATOM   630  C  CA  . VAL A 1 78 ? -15.274 -3.063  1.602   1.00 7.94  ? 78  VAL A CA  1 
ATOM   631  C  C   . VAL A 1 78 ? -15.805 -3.955  2.712   1.00 7.85  ? 78  VAL A C   1 
ATOM   632  O  O   . VAL A 1 78 ? -16.301 -5.050  2.458   1.00 7.06  ? 78  VAL A O   1 
ATOM   633  C  CB  . VAL A 1 78 ? -16.454 -2.286  0.991   1.00 16.01 ? 78  VAL A CB  1 
ATOM   634  C  CG1 . VAL A 1 78 ? -17.037 -1.329  2.023   1.00 18.20 ? 78  VAL A CG1 1 
ATOM   635  C  CG2 . VAL A 1 78 ? -16.000 -1.536  -0.250  1.00 14.87 ? 78  VAL A CG2 1 
ATOM   636  N  N   . GLU A 1 79 ? -15.677 -3.470  3.943   1.00 7.95  ? 79  GLU A N   1 
ATOM   637  C  CA  . GLU A 1 79 ? -16.151 -4.172  5.129   1.00 9.79  ? 79  GLU A CA  1 
ATOM   638  C  C   . GLU A 1 79 ? -17.034 -3.203  5.909   1.00 10.77 ? 79  GLU A C   1 
ATOM   639  O  O   . GLU A 1 79 ? -16.955 -1.989  5.716   1.00 9.48  ? 79  GLU A O   1 
ATOM   640  C  CB  . GLU A 1 79 ? -14.981 -4.579  6.024   1.00 16.28 ? 79  GLU A CB  1 
ATOM   641  C  CG  . GLU A 1 79 ? -14.095 -5.674  5.486   1.00 27.27 ? 79  GLU A CG  1 
ATOM   642  C  CD  . GLU A 1 79 ? -12.789 -5.762  6.255   1.00 27.27 ? 79  GLU A CD  1 
ATOM   643  O  OE1 . GLU A 1 79 ? -12.802 -5.522  7.483   1.00 27.27 ? 79  GLU A OE1 1 
ATOM   644  O  OE2 . GLU A 1 79 ? -11.752 -6.074  5.633   1.00 27.27 ? 79  GLU A OE2 1 
ATOM   645  N  N   . GLU A 1 80 ? -17.858 -3.743  6.797   1.00 9.40  ? 80  GLU A N   1 
ATOM   646  C  CA  . GLU A 1 80 ? -18.734 -2.918  7.611   1.00 11.58 ? 80  GLU A CA  1 
ATOM   647  C  C   . GLU A 1 80 ? -18.014 -2.646  8.927   1.00 12.47 ? 80  GLU A C   1 
ATOM   648  O  O   . GLU A 1 80 ? -17.360 -3.588  9.418   1.00 11.93 ? 80  GLU A O   1 
ATOM   649  C  CB  . GLU A 1 80 ? -20.047 -3.657  7.879   1.00 16.96 ? 80  GLU A CB  1 
ATOM   650  C  CG  . GLU A 1 80 ? -21.146 -2.784  8.472   1.00 19.27 ? 80  GLU A CG  1 
ATOM   651  C  CD  . GLU A 1 80 ? -22.396 -3.571  8.826   1.00 20.37 ? 80  GLU A CD  1 
ATOM   652  O  OE1 . GLU A 1 80 ? -22.811 -4.435  8.021   1.00 17.11 ? 80  GLU A OE1 1 
ATOM   653  O  OE2 . GLU A 1 80 ? -22.970 -3.317  9.906   1.00 22.78 ? 80  GLU A OE2 1 
HETATM 654  N  N   . MSE B 1 1  ? 7.191   -19.448 -7.711  1.00 27.82 ? 1   MSE B N   1 
HETATM 655  C  CA  . MSE B 1 1  ? 7.797   -18.946 -6.450  1.00 24.62 ? 1   MSE B CA  1 
HETATM 656  C  C   . MSE B 1 1  ? 6.818   -18.117 -5.619  1.00 22.57 ? 1   MSE B C   1 
HETATM 657  O  O   . MSE B 1 1  ? 5.605   -18.224 -5.794  1.00 23.01 ? 1   MSE B O   1 
HETATM 658  C  CB  . MSE B 1 1  ? 9.042   -18.128 -6.759  1.00 45.63 ? 1   MSE B CB  1 
HETATM 659  C  CG  . MSE B 1 1  ? 8.782   -16.917 -7.606  1.00 45.55 ? 1   MSE B CG  1 
HETATM 660  SE SE  . MSE B 1 1  ? 10.433  -16.013 -7.923  1.00 43.10 ? 1   MSE B SE  1 
HETATM 661  C  CE  . MSE B 1 1  ? 10.606  -16.368 -9.814  1.00 43.57 ? 1   MSE B CE  1 
ATOM   662  N  N   . TYR B 1 2  ? 7.345   -17.273 -4.734  1.00 11.52 ? 2   TYR B N   1 
ATOM   663  C  CA  . TYR B 1 2  ? 6.493   -16.479 -3.843  1.00 10.03 ? 2   TYR B CA  1 
ATOM   664  C  C   . TYR B 1 2  ? 6.245   -15.005 -4.147  1.00 9.12  ? 2   TYR B C   1 
ATOM   665  O  O   . TYR B 1 2  ? 7.121   -14.284 -4.637  1.00 7.91  ? 2   TYR B O   1 
ATOM   666  C  CB  . TYR B 1 2  ? 7.034   -16.567 -2.417  1.00 12.90 ? 2   TYR B CB  1 
ATOM   667  C  CG  . TYR B 1 2  ? 7.194   -17.976 -1.900  1.00 13.01 ? 2   TYR B CG  1 
ATOM   668  C  CD1 . TYR B 1 2  ? 6.087   -18.728 -1.500  1.00 14.11 ? 2   TYR B CD1 1 
ATOM   669  C  CD2 . TYR B 1 2  ? 8.457   -18.561 -1.806  1.00 13.10 ? 2   TYR B CD2 1 
ATOM   670  C  CE1 . TYR B 1 2  ? 6.236   -20.021 -1.017  1.00 11.47 ? 2   TYR B CE1 1 
ATOM   671  C  CE2 . TYR B 1 2  ? 8.614   -19.850 -1.326  1.00 10.64 ? 2   TYR B CE2 1 
ATOM   672  C  CZ  . TYR B 1 2  ? 7.500   -20.575 -0.933  1.00 11.12 ? 2   TYR B CZ  1 
ATOM   673  O  OH  . TYR B 1 2  ? 7.652   -21.857 -0.459  1.00 11.92 ? 2   TYR B OH  1 
ATOM   674  N  N   . LYS B 1 3  ? 5.032   -14.567 -3.826  1.00 8.21  ? 3   LYS B N   1 
ATOM   675  C  CA  . LYS B 1 3  ? 4.640   -13.176 -3.977  1.00 8.88  ? 3   LYS B CA  1 
ATOM   676  C  C   . LYS B 1 3  ? 4.370   -12.708 -2.554  1.00 8.75  ? 3   LYS B C   1 
ATOM   677  O  O   . LYS B 1 3  ? 3.381   -13.113 -1.938  1.00 9.60  ? 3   LYS B O   1 
ATOM   678  C  CB  . LYS B 1 3  ? 3.364   -13.044 -4.808  1.00 27.89 ? 3   LYS B CB  1 
ATOM   679  C  CG  . LYS B 1 3  ? 2.829   -11.621 -4.861  1.00 30.89 ? 3   LYS B CG  1 
ATOM   680  C  CD  . LYS B 1 3  ? 1.542   -11.540 -5.658  1.00 35.97 ? 3   LYS B CD  1 
ATOM   681  C  CE  . LYS B 1 3  ? 1.019   -10.116 -5.706  1.00 37.90 ? 3   LYS B CE  1 
ATOM   682  N  NZ  . LYS B 1 3  ? -0.206  -10.003 -6.548  1.00 40.78 ? 3   LYS B NZ  1 
ATOM   683  N  N   . VAL B 1 4  ? 5.255   -11.873 -2.023  1.00 8.04  ? 4   VAL B N   1 
ATOM   684  C  CA  . VAL B 1 4  ? 5.093   -11.386 -0.658  1.00 8.26  ? 4   VAL B CA  1 
ATOM   685  C  C   . VAL B 1 4  ? 4.556   -9.960  -0.618  1.00 7.84  ? 4   VAL B C   1 
ATOM   686  O  O   . VAL B 1 4  ? 5.153   -9.047  -1.185  1.00 8.78  ? 4   VAL B O   1 
ATOM   687  C  CB  . VAL B 1 4  ? 6.431   -11.444 0.107   1.00 9.90  ? 4   VAL B CB  1 
ATOM   688  C  CG1 . VAL B 1 4  ? 6.249   -10.924 1.535   1.00 11.67 ? 4   VAL B CG1 1 
ATOM   689  C  CG2 . VAL B 1 4  ? 6.945   -12.879 0.128   1.00 10.48 ? 4   VAL B CG2 1 
ATOM   690  N  N   . LYS B 1 5  ? 3.423   -9.783  0.056   1.00 7.63  ? 5   LYS B N   1 
ATOM   691  C  CA  . LYS B 1 5  ? 2.810   -8.472  0.185   1.00 8.17  ? 5   LYS B CA  1 
ATOM   692  C  C   . LYS B 1 5  ? 3.187   -7.865  1.527   1.00 5.98  ? 5   LYS B C   1 
ATOM   693  O  O   . LYS B 1 5  ? 2.897   -8.440  2.579   1.00 5.39  ? 5   LYS B O   1 
ATOM   694  C  CB  . LYS B 1 5  ? 1.289   -8.579  0.065   1.00 13.35 ? 5   LYS B CB  1 
ATOM   695  C  CG  . LYS B 1 5  ? 0.805   -8.925  -1.335  1.00 19.27 ? 5   LYS B CG  1 
ATOM   696  C  CD  . LYS B 1 5  ? -0.688  -8.685  -1.476  1.00 23.00 ? 5   LYS B CD  1 
ATOM   697  C  CE  . LYS B 1 5  ? -1.501  -9.867  -1.001  1.00 24.89 ? 5   LYS B CE  1 
ATOM   698  N  NZ  . LYS B 1 5  ? -1.440  -10.990 -1.979  1.00 30.50 ? 5   LYS B NZ  1 
ATOM   699  N  N   . VAL B 1 6  ? 3.848   -6.712  1.485   1.00 5.18  ? 6   VAL B N   1 
ATOM   700  C  CA  . VAL B 1 6  ? 4.265   -6.032  2.701   1.00 5.71  ? 6   VAL B CA  1 
ATOM   701  C  C   . VAL B 1 6  ? 3.536   -4.706  2.873   1.00 8.69  ? 6   VAL B C   1 
ATOM   702  O  O   . VAL B 1 6  ? 3.512   -3.874  1.961   1.00 11.62 ? 6   VAL B O   1 
ATOM   703  C  CB  . VAL B 1 6  ? 5.775   -5.742  2.699   1.00 2.64  ? 6   VAL B CB  1 
ATOM   704  C  CG1 . VAL B 1 6  ? 6.188   -5.215  4.048   1.00 2.85  ? 6   VAL B CG1 1 
ATOM   705  C  CG2 . VAL B 1 6  ? 6.550   -7.003  2.341   1.00 5.38  ? 6   VAL B CG2 1 
ATOM   706  N  N   . TYR B 1 7  ? 2.951   -4.515  4.048   1.00 8.87  ? 7   TYR B N   1 
ATOM   707  C  CA  . TYR B 1 7  ? 2.223   -3.291  4.356   1.00 9.76  ? 7   TYR B CA  1 
ATOM   708  C  C   . TYR B 1 7  ? 2.971   -2.523  5.437   1.00 11.23 ? 7   TYR B C   1 
ATOM   709  O  O   . TYR B 1 7  ? 3.182   -3.027  6.543   1.00 10.87 ? 7   TYR B O   1 
ATOM   710  C  CB  . TYR B 1 7  ? 0.811   -3.605  4.855   1.00 11.04 ? 7   TYR B CB  1 
ATOM   711  C  CG  . TYR B 1 7  ? 0.001   -4.510  3.958   1.00 12.02 ? 7   TYR B CG  1 
ATOM   712  C  CD1 . TYR B 1 7  ? 0.244   -5.881  3.914   1.00 12.36 ? 7   TYR B CD1 1 
ATOM   713  C  CD2 . TYR B 1 7  ? -1.022  -3.993  3.161   1.00 14.98 ? 7   TYR B CD2 1 
ATOM   714  C  CE1 . TYR B 1 7  ? -0.511  -6.719  3.101   1.00 14.84 ? 7   TYR B CE1 1 
ATOM   715  C  CE2 . TYR B 1 7  ? -1.787  -4.823  2.341   1.00 15.88 ? 7   TYR B CE2 1 
ATOM   716  C  CZ  . TYR B 1 7  ? -1.528  -6.183  2.316   1.00 15.17 ? 7   TYR B CZ  1 
ATOM   717  O  OH  . TYR B 1 7  ? -2.273  -7.006  1.505   1.00 16.09 ? 7   TYR B OH  1 
ATOM   718  N  N   . VAL B 1 8  ? 3.378   -1.305  5.110   1.00 10.12 ? 8   VAL B N   1 
ATOM   719  C  CA  . VAL B 1 8  ? 4.099   -0.470  6.056   1.00 10.47 ? 8   VAL B CA  1 
ATOM   720  C  C   . VAL B 1 8  ? 3.249   0.759   6.354   1.00 12.86 ? 8   VAL B C   1 
ATOM   721  O  O   . VAL B 1 8  ? 2.844   1.484   5.441   1.00 12.18 ? 8   VAL B O   1 
ATOM   722  C  CB  . VAL B 1 8  ? 5.456   -0.031  5.473   1.00 14.46 ? 8   VAL B CB  1 
ATOM   723  C  CG1 . VAL B 1 8  ? 6.202   0.835   6.474   1.00 14.79 ? 8   VAL B CG1 1 
ATOM   724  C  CG2 . VAL B 1 8  ? 6.276   -1.258  5.105   1.00 12.34 ? 8   VAL B CG2 1 
ATOM   725  N  N   . SER B 1 9  ? 2.975   0.994   7.631   1.00 12.51 ? 9   SER B N   1 
ATOM   726  C  CA  . SER B 1 9  ? 2.150   2.134   8.003   1.00 14.22 ? 9   SER B CA  1 
ATOM   727  C  C   . SER B 1 9  ? 2.609   2.851   9.260   1.00 14.51 ? 9   SER B C   1 
ATOM   728  O  O   . SER B 1 9  ? 3.218   2.260   10.156  1.00 12.18 ? 9   SER B O   1 
ATOM   729  C  CB  . SER B 1 9  ? 0.707   1.680   8.195   1.00 16.90 ? 9   SER B CB  1 
ATOM   730  O  OG  . SER B 1 9  ? 0.641   0.653   9.169   1.00 21.20 ? 9   SER B OG  1 
ATOM   731  N  N   . LEU B 1 10 ? 2.298   4.141   9.315   1.00 10.89 ? 10  LEU B N   1 
ATOM   732  C  CA  . LEU B 1 10 ? 2.637   4.958   10.465  1.00 10.99 ? 10  LEU B CA  1 
ATOM   733  C  C   . LEU B 1 10 ? 1.897   4.369   11.673  1.00 9.13  ? 10  LEU B C   1 
ATOM   734  O  O   . LEU B 1 10 ? 0.729   3.993   11.568  1.00 8.50  ? 10  LEU B O   1 
ATOM   735  C  CB  . LEU B 1 10 ? 2.173   6.399   10.215  1.00 23.28 ? 10  LEU B CB  1 
ATOM   736  C  CG  . LEU B 1 10 ? 2.533   7.466   11.245  1.00 25.56 ? 10  LEU B CG  1 
ATOM   737  C  CD1 . LEU B 1 10 ? 4.039   7.512   11.435  1.00 25.09 ? 10  LEU B CD1 1 
ATOM   738  C  CD2 . LEU B 1 10 ? 2.012   8.817   10.769  1.00 25.44 ? 10  LEU B CD2 1 
ATOM   739  N  N   . LYS B 1 11 ? 2.573   4.263   12.811  1.00 10.60 ? 11  LYS B N   1 
ATOM   740  C  CA  . LYS B 1 11 ? 1.914   3.731   13.998  1.00 12.35 ? 11  LYS B CA  1 
ATOM   741  C  C   . LYS B 1 11 ? 0.735   4.645   14.340  1.00 13.08 ? 11  LYS B C   1 
ATOM   742  O  O   . LYS B 1 11 ? 0.815   5.864   14.171  1.00 11.01 ? 11  LYS B O   1 
ATOM   743  C  CB  . LYS B 1 11 ? 2.898   3.656   15.170  1.00 11.13 ? 11  LYS B CB  1 
ATOM   744  C  CG  . LYS B 1 11 ? 4.052   2.692   14.943  1.00 12.66 ? 11  LYS B CG  1 
ATOM   745  C  CD  . LYS B 1 11 ? 4.915   2.551   16.182  1.00 14.95 ? 11  LYS B CD  1 
ATOM   746  C  CE  . LYS B 1 11 ? 6.096   1.644   15.903  1.00 16.05 ? 11  LYS B CE  1 
ATOM   747  N  NZ  . LYS B 1 11 ? 6.948   1.433   17.102  1.00 19.26 ? 11  LYS B NZ  1 
ATOM   748  N  N   . GLU B 1 12 ? -0.361  4.052   14.800  1.00 20.41 ? 12  GLU B N   1 
ATOM   749  C  CA  . GLU B 1 12 ? -1.559  4.813   15.145  1.00 22.56 ? 12  GLU B CA  1 
ATOM   750  C  C   . GLU B 1 12 ? -1.299  5.811   16.273  1.00 24.27 ? 12  GLU B C   1 
ATOM   751  O  O   . GLU B 1 12 ? -2.091  6.723   16.498  1.00 27.74 ? 12  GLU B O   1 
ATOM   752  C  CB  . GLU B 1 12 ? -2.682  3.859   15.536  1.00 22.53 ? 12  GLU B CB  1 
ATOM   753  N  N   . SER B 1 13 ? -0.176  5.645   16.967  1.00 28.60 ? 13  SER B N   1 
ATOM   754  C  CA  . SER B 1 13 ? 0.205   6.496   18.086  1.00 28.66 ? 13  SER B CA  1 
ATOM   755  C  C   . SER B 1 13 ? 0.864   7.783   17.601  1.00 29.44 ? 13  SER B C   1 
ATOM   756  O  O   . SER B 1 13 ? 1.416   8.545   18.417  1.00 31.34 ? 13  SER B O   1 
ATOM   757  C  CB  . SER B 1 13 ? 1.140   5.744   19.036  1.00 54.04 ? 13  SER B CB  1 
ATOM   758  O  OG  . SER B 1 13 ? 2.355   5.403   18.394  1.00 20.00 ? 13  SER B OG  1 
ATOM   759  N  N   . VAL B 1 14 ? 0.813   8.061   16.308  1.00 20.27 ? 14  VAL B N   1 
ATOM   760  C  CA  . VAL B 1 14 ? 1.435   9.259   15.753  1.00 18.40 ? 14  VAL B CA  1 
ATOM   761  C  C   . VAL B 1 14 ? 0.460   10.110  14.945  1.00 17.21 ? 14  VAL B C   1 
ATOM   762  O  O   . VAL B 1 14 ? -0.323  9.580   14.159  1.00 17.32 ? 14  VAL B O   1 
ATOM   763  C  CB  . VAL B 1 14 ? 2.623   8.874   14.835  1.00 21.70 ? 14  VAL B CB  1 
ATOM   764  C  CG1 . VAL B 1 14 ? 3.284   10.129  14.272  1.00 21.70 ? 14  VAL B CG1 1 
ATOM   765  C  CG2 . VAL B 1 14 ? 3.627   8.035   15.613  1.00 21.37 ? 14  VAL B CG2 1 
ATOM   766  N  N   . LEU B 1 15 ? 0.509   11.428  15.144  1.00 16.15 ? 15  LEU B N   1 
ATOM   767  C  CA  . LEU B 1 15 ? -0.359  12.339  14.399  1.00 14.59 ? 15  LEU B CA  1 
ATOM   768  C  C   . LEU B 1 15 ? -0.077  12.138  12.916  1.00 12.66 ? 15  LEU B C   1 
ATOM   769  O  O   . LEU B 1 15 ? 1.076   12.006  12.504  1.00 14.61 ? 15  LEU B O   1 
ATOM   770  C  CB  . LEU B 1 15 ? -0.105  13.798  14.803  1.00 9.28  ? 15  LEU B CB  1 
ATOM   771  C  CG  . LEU B 1 15 ? -0.716  14.221  16.147  1.00 9.21  ? 15  LEU B CG  1 
ATOM   772  C  CD1 . LEU B 1 15 ? -0.340  15.665  16.470  1.00 9.30  ? 15  LEU B CD1 1 
ATOM   773  C  CD2 . LEU B 1 15 ? -2.234  14.070  16.084  1.00 9.78  ? 15  LEU B CD2 1 
ATOM   774  N  N   . ASP B 1 16 ? -1.137  12.121  12.120  1.00 12.35 ? 16  ASP B N   1 
ATOM   775  C  CA  . ASP B 1 16 ? -1.027  11.881  10.689  1.00 12.82 ? 16  ASP B CA  1 
ATOM   776  C  C   . ASP B 1 16 ? -1.602  13.036  9.856   1.00 11.72 ? 16  ASP B C   1 
ATOM   777  O  O   . ASP B 1 16 ? -2.713  12.946  9.339   1.00 10.88 ? 16  ASP B O   1 
ATOM   778  C  CB  . ASP B 1 16 ? -1.746  10.559  10.385  1.00 14.95 ? 16  ASP B CB  1 
ATOM   779  C  CG  . ASP B 1 16 ? -1.664  10.157  8.933   1.00 15.20 ? 16  ASP B CG  1 
ATOM   780  O  OD1 . ASP B 1 16 ? -0.698  10.548  8.247   1.00 18.51 ? 16  ASP B OD1 1 
ATOM   781  O  OD2 . ASP B 1 16 ? -2.566  9.425   8.487   1.00 17.56 ? 16  ASP B OD2 1 
ATOM   782  N  N   . PRO B 1 17 ? -0.840  14.138  9.722   1.00 11.29 ? 17  PRO B N   1 
ATOM   783  C  CA  . PRO B 1 17 ? -1.234  15.334  8.965   1.00 10.88 ? 17  PRO B CA  1 
ATOM   784  C  C   . PRO B 1 17 ? -1.600  15.049  7.511   1.00 12.78 ? 17  PRO B C   1 
ATOM   785  O  O   . PRO B 1 17 ? -2.543  15.630  6.973   1.00 9.67  ? 17  PRO B O   1 
ATOM   786  C  CB  . PRO B 1 17 ? -0.002  16.232  9.068   1.00 16.33 ? 17  PRO B CB  1 
ATOM   787  C  CG  . PRO B 1 17 ? 0.620   15.814  10.362  1.00 16.52 ? 17  PRO B CG  1 
ATOM   788  C  CD  . PRO B 1 17 ? 0.494   14.319  10.318  1.00 14.04 ? 17  PRO B CD  1 
ATOM   789  N  N   . GLN B 1 18 ? -0.838  14.162  6.877   1.00 10.10 ? 18  GLN B N   1 
ATOM   790  C  CA  . GLN B 1 18 ? -1.075  13.810  5.482   1.00 11.07 ? 18  GLN B CA  1 
ATOM   791  C  C   . GLN B 1 18 ? -2.453  13.186  5.299   1.00 11.32 ? 18  GLN B C   1 
ATOM   792  O  O   . GLN B 1 18 ? -3.179  13.525  4.361   1.00 10.33 ? 18  GLN B O   1 
ATOM   793  C  CB  . GLN B 1 18 ? 0.029   12.867  5.002   1.00 10.01 ? 18  GLN B CB  1 
ATOM   794  C  CG  . GLN B 1 18 ? 1.401   13.540  4.988   1.00 10.13 ? 18  GLN B CG  1 
ATOM   795  C  CD  . GLN B 1 18 ? 2.555   12.556  4.989   1.00 11.89 ? 18  GLN B CD  1 
ATOM   796  O  OE1 . GLN B 1 18 ? 2.739   11.798  5.941   1.00 14.23 ? 18  GLN B OE1 1 
ATOM   797  N  NE2 . GLN B 1 18 ? 3.345   12.566  3.919   1.00 13.44 ? 18  GLN B NE2 1 
ATOM   798  N  N   . GLY B 1 19 ? -2.815  12.276  6.197   1.00 10.97 ? 19  GLY B N   1 
ATOM   799  C  CA  . GLY B 1 19 ? -4.120  11.647  6.114   1.00 10.82 ? 19  GLY B CA  1 
ATOM   800  C  C   . GLY B 1 19 ? -5.207  12.686  6.332   1.00 10.65 ? 19  GLY B C   1 
ATOM   801  O  O   . GLY B 1 19 ? -6.258  12.650  5.693   1.00 8.48  ? 19  GLY B O   1 
ATOM   802  N  N   . SER B 1 20 ? -4.960  13.614  7.249   1.00 9.18  ? 20  SER B N   1 
ATOM   803  C  CA  . SER B 1 20 ? -5.927  14.674  7.524   1.00 9.54  ? 20  SER B CA  1 
ATOM   804  C  C   . SER B 1 20 ? -6.141  15.530  6.277   1.00 8.17  ? 20  SER B C   1 
ATOM   805  O  O   . SER B 1 20 ? -7.274  15.855  5.921   1.00 7.13  ? 20  SER B O   1 
ATOM   806  C  CB  . SER B 1 20 ? -5.438  15.556  8.678   1.00 20.14 ? 20  SER B CB  1 
ATOM   807  O  OG  . SER B 1 20 ? -5.429  14.838  9.901   1.00 23.88 ? 20  SER B OG  1 
ATOM   808  N  N   . ALA B 1 21 ? -5.043  15.889  5.622   1.00 8.51  ? 21  ALA B N   1 
ATOM   809  C  CA  . ALA B 1 21 ? -5.087  16.707  4.417   1.00 9.37  ? 21  ALA B CA  1 
ATOM   810  C  C   . ALA B 1 21 ? -5.821  16.006  3.275   1.00 9.56  ? 21  ALA B C   1 
ATOM   811  O  O   . ALA B 1 21 ? -6.565  16.637  2.523   1.00 10.50 ? 21  ALA B O   1 
ATOM   812  C  CB  . ALA B 1 21 ? -3.669  17.073  3.986   1.00 6.68  ? 21  ALA B CB  1 
ATOM   813  N  N   . VAL B 1 22 ? -5.606  14.703  3.131   1.00 9.51  ? 22  VAL B N   1 
ATOM   814  C  CA  . VAL B 1 22 ? -6.282  13.959  2.075   1.00 9.94  ? 22  VAL B CA  1 
ATOM   815  C  C   . VAL B 1 22 ? -7.779  13.904  2.359   1.00 10.12 ? 22  VAL B C   1 
ATOM   816  O  O   . VAL B 1 22 ? -8.599  14.015  1.446   1.00 6.25  ? 22  VAL B O   1 
ATOM   817  C  CB  . VAL B 1 22 ? -5.734  12.529  1.956   1.00 15.62 ? 22  VAL B CB  1 
ATOM   818  C  CG1 . VAL B 1 22 ? -6.564  11.730  0.957   1.00 19.73 ? 22  VAL B CG1 1 
ATOM   819  C  CG2 . VAL B 1 22 ? -4.292  12.575  1.514   1.00 16.54 ? 22  VAL B CG2 1 
ATOM   820  N  N   . GLN B 1 23 ? -8.133  13.736  3.631   1.00 8.39  ? 23  GLN B N   1 
ATOM   821  C  CA  . GLN B 1 23 ? -9.539  13.685  4.020   1.00 11.41 ? 23  GLN B CA  1 
ATOM   822  C  C   . GLN B 1 23 ? -10.206 15.016  3.660   1.00 9.79  ? 23  GLN B C   1 
ATOM   823  O  O   . GLN B 1 23 ? -11.294 15.051  3.085   1.00 8.21  ? 23  GLN B O   1 
ATOM   824  C  CB  . GLN B 1 23 ? -9.669  13.457  5.529   1.00 32.22 ? 23  GLN B CB  1 
ATOM   825  C  CG  . GLN B 1 23 ? -11.084 13.142  5.984   1.00 37.93 ? 23  GLN B CG  1 
ATOM   826  C  CD  . GLN B 1 23 ? -11.271 13.317  7.476   1.00 42.63 ? 23  GLN B CD  1 
ATOM   827  O  OE1 . GLN B 1 23 ? -10.464 12.836  8.277   1.00 45.93 ? 23  GLN B OE1 1 
ATOM   828  N  NE2 . GLN B 1 23 ? -12.344 14.002  7.861   1.00 46.39 ? 23  GLN B NE2 1 
ATOM   829  N  N   . HIS B 1 24 ? -9.546  16.113  4.011   1.00 10.38 ? 24  HIS B N   1 
ATOM   830  C  CA  . HIS B 1 24 ? -10.088 17.433  3.727   1.00 9.50  ? 24  HIS B CA  1 
ATOM   831  C  C   . HIS B 1 24 ? -10.220 17.646  2.223   1.00 9.80  ? 24  HIS B C   1 
ATOM   832  O  O   . HIS B 1 24 ? -11.196 18.233  1.757   1.00 8.48  ? 24  HIS B O   1 
ATOM   833  C  CB  . HIS B 1 24 ? -9.197  18.514  4.332   1.00 13.66 ? 24  HIS B CB  1 
ATOM   834  C  CG  . HIS B 1 24 ? -9.708  19.899  4.109   1.00 13.69 ? 24  HIS B CG  1 
ATOM   835  N  ND1 . HIS B 1 24 ? -10.927 20.326  4.588   1.00 13.52 ? 24  HIS B ND1 1 
ATOM   836  C  CD2 . HIS B 1 24 ? -9.178  20.948  3.436   1.00 12.12 ? 24  HIS B CD2 1 
ATOM   837  C  CE1 . HIS B 1 24 ? -11.127 21.580  4.220   1.00 16.39 ? 24  HIS B CE1 1 
ATOM   838  N  NE2 . HIS B 1 24 ? -10.080 21.981  3.520   1.00 14.19 ? 24  HIS B NE2 1 
ATOM   839  N  N   . ALA B 1 25 ? -9.237  17.160  1.468   1.00 9.35  ? 25  ALA B N   1 
ATOM   840  C  CA  . ALA B 1 25 ? -9.251  17.285  0.012   1.00 9.72  ? 25  ALA B CA  1 
ATOM   841  C  C   . ALA B 1 25 ? -10.471 16.576  -0.563  1.00 9.21  ? 25  ALA B C   1 
ATOM   842  O  O   . ALA B 1 25 ? -11.129 17.078  -1.477  1.00 8.16  ? 25  ALA B O   1 
ATOM   843  C  CB  . ALA B 1 25 ? -7.981  16.684  -0.579  1.00 12.13 ? 25  ALA B CB  1 
ATOM   844  N  N   . LEU B 1 26 ? -10.768 15.399  -0.028  1.00 7.56  ? 26  LEU B N   1 
ATOM   845  C  CA  . LEU B 1 26 ? -11.912 14.638  -0.498  1.00 8.14  ? 26  LEU B CA  1 
ATOM   846  C  C   . LEU B 1 26 ? -13.208 15.407  -0.233  1.00 8.29  ? 26  LEU B C   1 
ATOM   847  O  O   . LEU B 1 26 ? -14.094 15.448  -1.088  1.00 4.82  ? 26  LEU B O   1 
ATOM   848  C  CB  . LEU B 1 26 ? -11.923 13.255  0.161   1.00 8.30  ? 26  LEU B CB  1 
ATOM   849  C  CG  . LEU B 1 26 ? -10.955 12.292  -0.541  1.00 10.21 ? 26  LEU B CG  1 
ATOM   850  C  CD1 . LEU B 1 26 ? -10.632 11.089  0.345   1.00 7.49  ? 26  LEU B CD1 1 
ATOM   851  C  CD2 . LEU B 1 26 ? -11.581 11.854  -1.866  1.00 10.64 ? 26  LEU B CD2 1 
ATOM   852  N  N   . HIS B 1 27 ? -13.309 16.027  0.939   1.00 8.63  ? 27  HIS B N   1 
ATOM   853  C  CA  . HIS B 1 27 ? -14.488 16.823  1.271   1.00 10.96 ? 27  HIS B CA  1 
ATOM   854  C  C   . HIS B 1 27 ? -14.616 17.993  0.290   1.00 10.72 ? 27  HIS B C   1 
ATOM   855  O  O   . HIS B 1 27 ? -15.696 18.272  -0.220  1.00 8.65  ? 27  HIS B O   1 
ATOM   856  C  CB  . HIS B 1 27 ? -14.392 17.373  2.701   1.00 11.40 ? 27  HIS B CB  1 
ATOM   857  C  CG  . HIS B 1 27 ? -14.809 16.393  3.755   1.00 14.36 ? 27  HIS B CG  1 
ATOM   858  N  ND1 . HIS B 1 27 ? -14.002 15.356  4.173   1.00 16.16 ? 27  HIS B ND1 1 
ATOM   859  C  CD2 . HIS B 1 27 ? -15.964 16.276  4.453   1.00 13.64 ? 27  HIS B CD2 1 
ATOM   860  C  CE1 . HIS B 1 27 ? -14.642 14.640  5.080   1.00 13.16 ? 27  HIS B CE1 1 
ATOM   861  N  NE2 . HIS B 1 27 ? -15.834 15.177  5.269   1.00 14.92 ? 27  HIS B NE2 1 
ATOM   862  N  N   . SER B 1 28 ? -13.506 18.674  0.029   1.00 10.91 ? 28  SER B N   1 
ATOM   863  C  CA  . SER B 1 28 ? -13.516 19.807  -0.890  1.00 13.89 ? 28  SER B CA  1 
ATOM   864  C  C   . SER B 1 28 ? -13.959 19.387  -2.286  1.00 14.20 ? 28  SER B C   1 
ATOM   865  O  O   . SER B 1 28 ? -14.499 20.194  -3.040  1.00 14.25 ? 28  SER B O   1 
ATOM   866  C  CB  . SER B 1 28 ? -12.128 20.442  -0.970  1.00 18.02 ? 28  SER B CB  1 
ATOM   867  O  OG  . SER B 1 28 ? -11.718 20.900  0.302   1.00 16.09 ? 28  SER B OG  1 
HETATM 868  N  N   . MSE B 1 29 ? -13.718 18.124  -2.626  1.00 12.91 ? 29  MSE B N   1 
HETATM 869  C  CA  . MSE B 1 29 ? -14.099 17.590  -3.931  1.00 13.95 ? 29  MSE B CA  1 
HETATM 870  C  C   . MSE B 1 29 ? -15.538 17.072  -3.928  1.00 13.29 ? 29  MSE B C   1 
HETATM 871  O  O   . MSE B 1 29 ? -16.008 16.526  -4.920  1.00 13.66 ? 29  MSE B O   1 
HETATM 872  C  CB  . MSE B 1 29 ? -13.134 16.472  -4.333  1.00 37.47 ? 29  MSE B CB  1 
HETATM 873  C  CG  . MSE B 1 29 ? -11.744 16.971  -4.710  1.00 38.04 ? 29  MSE B CG  1 
HETATM 874  SE SE  . MSE B 1 29 ? -10.392 15.584  -4.734  1.00 31.57 ? 29  MSE B SE  1 
HETATM 875  C  CE  . MSE B 1 29 ? -9.031  16.462  -3.689  1.00 37.14 ? 29  MSE B CE  1 
ATOM   876  N  N   . THR B 1 30 ? -16.216 17.265  -2.799  1.00 9.96  ? 30  THR B N   1 
ATOM   877  C  CA  . THR B 1 30 ? -17.611 16.865  -2.562  1.00 8.74  ? 30  THR B CA  1 
ATOM   878  C  C   . THR B 1 30 ? -17.821 15.413  -2.134  1.00 7.43  ? 30  THR B C   1 
ATOM   879  O  O   . THR B 1 30 ? -18.945 14.915  -2.159  1.00 5.39  ? 30  THR B O   1 
ATOM   880  C  CB  . THR B 1 30 ? -18.552 17.146  -3.774  1.00 18.29 ? 30  THR B CB  1 
ATOM   881  O  OG1 . THR B 1 30 ? -18.374 16.141  -4.780  1.00 22.60 ? 30  THR B OG1 1 
ATOM   882  C  CG2 . THR B 1 30 ? -18.282 18.528  -4.359  1.00 20.81 ? 30  THR B CG2 1 
ATOM   883  N  N   . TYR B 1 31 ? -16.750 14.731  -1.743  1.00 5.31  ? 31  TYR B N   1 
ATOM   884  C  CA  . TYR B 1 31 ? -16.881 13.356  -1.270  1.00 6.18  ? 31  TYR B CA  1 
ATOM   885  C  C   . TYR B 1 31 ? -16.917 13.474  0.246   1.00 5.40  ? 31  TYR B C   1 
ATOM   886  O  O   . TYR B 1 31 ? -16.053 12.970  0.965   1.00 6.17  ? 31  TYR B O   1 
ATOM   887  C  CB  . TYR B 1 31 ? -15.701 12.513  -1.758  1.00 10.95 ? 31  TYR B CB  1 
ATOM   888  C  CG  . TYR B 1 31 ? -15.675 12.444  -3.263  1.00 13.05 ? 31  TYR B CG  1 
ATOM   889  C  CD1 . TYR B 1 31 ? -14.620 12.990  -3.988  1.00 14.25 ? 31  TYR B CD1 1 
ATOM   890  C  CD2 . TYR B 1 31 ? -16.751 11.907  -3.966  1.00 14.07 ? 31  TYR B CD2 1 
ATOM   891  C  CE1 . TYR B 1 31 ? -14.638 13.007  -5.382  1.00 16.20 ? 31  TYR B CE1 1 
ATOM   892  C  CE2 . TYR B 1 31 ? -16.784 11.921  -5.352  1.00 14.31 ? 31  TYR B CE2 1 
ATOM   893  C  CZ  . TYR B 1 31 ? -15.726 12.474  -6.055  1.00 17.05 ? 31  TYR B CZ  1 
ATOM   894  O  OH  . TYR B 1 31 ? -15.762 12.505  -7.430  1.00 21.47 ? 31  TYR B OH  1 
ATOM   895  N  N   . ASN B 1 32 ? -17.946 14.173  0.713   1.00 7.77  ? 32  ASN B N   1 
ATOM   896  C  CA  . ASN B 1 32 ? -18.143 14.448  2.130   1.00 9.33  ? 32  ASN B CA  1 
ATOM   897  C  C   . ASN B 1 32 ? -18.481 13.248  3.009   1.00 9.66  ? 32  ASN B C   1 
ATOM   898  O  O   . ASN B 1 32 ? -18.536 13.372  4.235   1.00 9.18  ? 32  ASN B O   1 
ATOM   899  C  CB  . ASN B 1 32 ? -19.211 15.533  2.277   1.00 8.88  ? 32  ASN B CB  1 
ATOM   900  C  CG  . ASN B 1 32 ? -18.761 16.864  1.699   1.00 11.23 ? 32  ASN B CG  1 
ATOM   901  O  OD1 . ASN B 1 32 ? -17.787 17.461  2.167   1.00 9.26  ? 32  ASN B OD1 1 
ATOM   902  N  ND2 . ASN B 1 32 ? -19.455 17.327  0.667   1.00 9.85  ? 32  ASN B ND2 1 
ATOM   903  N  N   . GLU B 1 33 ? -18.713 12.091  2.395   1.00 7.11  ? 33  GLU B N   1 
ATOM   904  C  CA  . GLU B 1 33 ? -19.026 10.910  3.181   1.00 8.73  ? 33  GLU B CA  1 
ATOM   905  C  C   . GLU B 1 33 ? -17.811 10.364  3.931   1.00 8.37  ? 33  GLU B C   1 
ATOM   906  O  O   . GLU B 1 33 ? -17.962 9.641   4.913   1.00 6.32  ? 33  GLU B O   1 
ATOM   907  C  CB  . GLU B 1 33 ? -19.651 9.802   2.309   1.00 13.75 ? 33  GLU B CB  1 
ATOM   908  C  CG  . GLU B 1 33 ? -19.238 9.753   0.845   1.00 16.32 ? 33  GLU B CG  1 
ATOM   909  C  CD  . GLU B 1 33 ? -19.942 10.799  -0.011  1.00 15.62 ? 33  GLU B CD  1 
ATOM   910  O  OE1 . GLU B 1 33 ? -19.481 11.952  -0.023  1.00 15.88 ? 33  GLU B OE1 1 
ATOM   911  O  OE2 . GLU B 1 33 ? -20.962 10.470  -0.665  1.00 19.18 ? 33  GLU B OE2 1 
ATOM   912  N  N   . VAL B 1 34 ? -16.611 10.726  3.480   1.00 10.98 ? 34  VAL B N   1 
ATOM   913  C  CA  . VAL B 1 34 ? -15.378 10.257  4.108   1.00 12.20 ? 34  VAL B CA  1 
ATOM   914  C  C   . VAL B 1 34 ? -15.245 10.737  5.555   1.00 15.30 ? 34  VAL B C   1 
ATOM   915  O  O   . VAL B 1 34 ? -15.409 11.925  5.843   1.00 14.94 ? 34  VAL B O   1 
ATOM   916  C  CB  . VAL B 1 34 ? -14.131 10.717  3.303   1.00 10.94 ? 34  VAL B CB  1 
ATOM   917  C  CG1 . VAL B 1 34 ? -12.855 10.122  3.912   1.00 8.48  ? 34  VAL B CG1 1 
ATOM   918  C  CG2 . VAL B 1 34 ? -14.268 10.293  1.852   1.00 6.81  ? 34  VAL B CG2 1 
ATOM   919  N  N   . GLN B 1 35 ? -14.956 9.806   6.459   0.00 21.99 ? 35  GLN B N   1 
ATOM   920  C  CA  . GLN B 1 35 ? -14.811 10.132  7.873   0.00 23.78 ? 35  GLN B CA  1 
ATOM   921  C  C   . GLN B 1 35 ? -13.366 10.071  8.346   0.00 23.09 ? 35  GLN B C   1 
ATOM   922  O  O   . GLN B 1 35 ? -12.962 10.821  9.233   0.00 22.92 ? 35  GLN B O   1 
ATOM   923  C  CB  . GLN B 1 35 ? -15.656 9.182   8.724   0.00 45.85 ? 35  GLN B CB  1 
ATOM   924  C  CG  . GLN B 1 35 ? -17.151 9.366   8.563   1.00 49.94 ? 35  GLN B CG  1 
ATOM   925  C  CD  . GLN B 1 35 ? -17.568 10.815  8.706   1.00 33.11 ? 35  GLN B CD  1 
ATOM   926  O  OE1 . GLN B 1 35 ? -17.461 11.597  7.768   1.00 33.11 ? 35  GLN B OE1 1 
ATOM   927  N  NE2 . GLN B 1 35 ? -18.028 11.182  9.889   1.00 33.11 ? 35  GLN B NE2 1 
ATOM   928  N  N   . ASP B 1 36 ? -12.593 9.172   7.752   1.00 12.14 ? 36  ASP B N   1 
ATOM   929  C  CA  . ASP B 1 36 ? -11.195 9.008   8.120   1.00 12.26 ? 36  ASP B CA  1 
ATOM   930  C  C   . ASP B 1 36 ? -10.409 8.461   6.929   1.00 11.46 ? 36  ASP B C   1 
ATOM   931  O  O   . ASP B 1 36 ? -10.944 7.718   6.110   1.00 8.95  ? 36  ASP B O   1 
ATOM   932  C  CB  . ASP B 1 36 ? -11.085 8.046   9.306   1.00 34.74 ? 36  ASP B CB  1 
ATOM   933  C  CG  . ASP B 1 36 ? -9.696  8.016   9.909   1.00 39.48 ? 36  ASP B CG  1 
ATOM   934  O  OD1 . ASP B 1 36 ? -9.225  9.075   10.372  1.00 41.98 ? 36  ASP B OD1 1 
ATOM   935  O  OD2 . ASP B 1 36 ? -9.074  6.933   9.924   1.00 44.23 ? 36  ASP B OD2 1 
ATOM   936  N  N   . VAL B 1 37 ? -9.142  8.843   6.838   1.00 9.89  ? 37  VAL B N   1 
ATOM   937  C  CA  . VAL B 1 37 ? -8.283  8.383   5.758   1.00 9.85  ? 37  VAL B CA  1 
ATOM   938  C  C   . VAL B 1 37 ? -6.934  7.984   6.329   1.00 9.99  ? 37  VAL B C   1 
ATOM   939  O  O   . VAL B 1 37 ? -6.334  8.730   7.097   1.00 7.58  ? 37  VAL B O   1 
ATOM   940  C  CB  . VAL B 1 37 ? -8.061  9.483   4.694   1.00 16.85 ? 37  VAL B CB  1 
ATOM   941  C  CG1 . VAL B 1 37 ? -6.966  9.056   3.720   1.00 18.02 ? 37  VAL B CG1 1 
ATOM   942  C  CG2 . VAL B 1 37 ? -9.352  9.741   3.935   1.00 16.99 ? 37  VAL B CG2 1 
ATOM   943  N  N   . ARG B 1 38 ? -6.471  6.796   5.956   1.00 12.95 ? 38  ARG B N   1 
ATOM   944  C  CA  . ARG B 1 38 ? -5.183  6.293   6.413   1.00 15.63 ? 38  ARG B CA  1 
ATOM   945  C  C   . ARG B 1 38 ? -4.434  5.811   5.182   1.00 13.29 ? 38  ARG B C   1 
ATOM   946  O  O   . ARG B 1 38 ? -4.975  5.047   4.388   1.00 14.49 ? 38  ARG B O   1 
ATOM   947  C  CB  . ARG B 1 38 ? -5.373  5.127   7.388   1.00 42.66 ? 38  ARG B CB  1 
ATOM   948  C  CG  . ARG B 1 38 ? -6.134  5.480   8.658   1.00 48.11 ? 38  ARG B CG  1 
ATOM   949  C  CD  . ARG B 1 38 ? -5.382  6.498   9.497   1.00 51.76 ? 38  ARG B CD  1 
ATOM   950  N  NE  . ARG B 1 38 ? -4.016  6.064   9.770   1.00 56.10 ? 38  ARG B NE  1 
ATOM   951  C  CZ  . ARG B 1 38 ? -3.157  6.728   10.538  1.00 56.48 ? 38  ARG B CZ  1 
ATOM   952  N  NH1 . ARG B 1 38 ? -3.520  7.862   11.119  1.00 57.18 ? 38  ARG B NH1 1 
ATOM   953  N  NH2 . ARG B 1 38 ? -1.931  6.258   10.716  1.00 55.09 ? 38  ARG B NH2 1 
ATOM   954  N  N   . ILE B 1 39 ? -3.197  6.261   5.020   1.00 11.37 ? 39  ILE B N   1 
ATOM   955  C  CA  . ILE B 1 39 ? -2.404  5.870   3.864   1.00 11.66 ? 39  ILE B CA  1 
ATOM   956  C  C   . ILE B 1 39 ? -1.077  5.243   4.267   1.00 11.86 ? 39  ILE B C   1 
ATOM   957  O  O   . ILE B 1 39 ? -0.326  5.810   5.057   1.00 12.22 ? 39  ILE B O   1 
ATOM   958  C  CB  . ILE B 1 39 ? -2.111  7.078   2.960   1.00 20.65 ? 39  ILE B CB  1 
ATOM   959  C  CG1 . ILE B 1 39 ? -3.428  7.723   2.514   1.00 22.40 ? 39  ILE B CG1 1 
ATOM   960  C  CG2 . ILE B 1 39 ? -1.294  6.635   1.756   1.00 19.19 ? 39  ILE B CG2 1 
ATOM   961  C  CD1 . ILE B 1 39 ? -3.248  9.000   1.726   1.00 25.31 ? 39  ILE B CD1 1 
ATOM   962  N  N   . GLY B 1 40 ? -0.799  4.069   3.710   1.00 14.50 ? 40  GLY B N   1 
ATOM   963  C  CA  . GLY B 1 40 ? 0.433   3.373   4.009   1.00 13.38 ? 40  GLY B CA  1 
ATOM   964  C  C   . GLY B 1 40 ? 1.089   2.890   2.732   1.00 13.64 ? 40  GLY B C   1 
ATOM   965  O  O   . GLY B 1 40 ? 0.548   3.063   1.635   1.00 10.15 ? 40  GLY B O   1 
ATOM   966  N  N   . LYS B 1 41 ? 2.263   2.289   2.876   1.00 11.72 ? 41  LYS B N   1 
ATOM   967  C  CA  . LYS B 1 41 ? 3.001   1.775   1.733   1.00 14.99 ? 41  LYS B CA  1 
ATOM   968  C  C   . LYS B 1 41 ? 2.635   0.318   1.494   1.00 14.49 ? 41  LYS B C   1 
ATOM   969  O  O   . LYS B 1 41 ? 2.495   -0.467  2.436   1.00 14.43 ? 41  LYS B O   1 
ATOM   970  C  CB  . LYS B 1 41 ? 4.505   1.909   1.983   1.00 31.59 ? 41  LYS B CB  1 
ATOM   971  C  CG  . LYS B 1 41 ? 4.946   3.341   2.220   1.00 36.97 ? 41  LYS B CG  1 
ATOM   972  C  CD  . LYS B 1 41 ? 6.419   3.440   2.579   1.00 41.86 ? 41  LYS B CD  1 
ATOM   973  C  CE  . LYS B 1 41 ? 6.810   4.886   2.851   1.00 44.26 ? 41  LYS B CE  1 
ATOM   974  N  NZ  . LYS B 1 41 ? 8.241   5.024   3.239   1.00 47.13 ? 41  LYS B NZ  1 
ATOM   975  N  N   . TYR B 1 42 ? 2.466   -0.035  0.227   1.00 20.65 ? 42  TYR B N   1 
ATOM   976  C  CA  . TYR B 1 42 ? 2.119   -1.394  -0.158  1.00 19.68 ? 42  TYR B CA  1 
ATOM   977  C  C   . TYR B 1 42 ? 3.172   -1.907  -1.126  1.00 20.32 ? 42  TYR B C   1 
ATOM   978  O  O   . TYR B 1 42 ? 3.367   -1.338  -2.199  1.00 19.95 ? 42  TYR B O   1 
ATOM   979  C  CB  . TYR B 1 42 ? 0.741   -1.412  -0.813  1.00 14.83 ? 42  TYR B CB  1 
ATOM   980  C  CG  . TYR B 1 42 ? 0.384   -2.720  -1.481  1.00 18.30 ? 42  TYR B CG  1 
ATOM   981  C  CD1 . TYR B 1 42 ? 0.495   -2.869  -2.863  1.00 20.32 ? 42  TYR B CD1 1 
ATOM   982  C  CD2 . TYR B 1 42 ? -0.086  -3.798  -0.738  1.00 18.27 ? 42  TYR B CD2 1 
ATOM   983  C  CE1 . TYR B 1 42 ? 0.137   -4.064  -3.490  1.00 21.04 ? 42  TYR B CE1 1 
ATOM   984  C  CE2 . TYR B 1 42 ? -0.445  -4.993  -1.351  1.00 18.89 ? 42  TYR B CE2 1 
ATOM   985  C  CZ  . TYR B 1 42 ? -0.335  -5.119  -2.730  1.00 20.63 ? 42  TYR B CZ  1 
ATOM   986  O  OH  . TYR B 1 42 ? -0.721  -6.290  -3.346  1.00 20.67 ? 42  TYR B OH  1 
HETATM 987  N  N   . MSE B 1 43 ? 3.844   -2.986  -0.743  1.00 14.98 ? 43  MSE B N   1 
HETATM 988  C  CA  . MSE B 1 43 ? 4.893   -3.559  -1.573  1.00 13.55 ? 43  MSE B CA  1 
HETATM 989  C  C   . MSE B 1 43 ? 4.644   -5.007  -1.955  1.00 14.47 ? 43  MSE B C   1 
HETATM 990  O  O   . MSE B 1 43 ? 4.148   -5.801  -1.153  1.00 13.63 ? 43  MSE B O   1 
HETATM 991  C  CB  . MSE B 1 43 ? 6.235   -3.493  -0.848  1.00 37.22 ? 43  MSE B CB  1 
HETATM 992  C  CG  . MSE B 1 43 ? 6.696   -2.113  -0.463  1.00 38.44 ? 43  MSE B CG  1 
HETATM 993  SE SE  . MSE B 1 43 ? 8.289   -2.279  0.599   1.00 38.33 ? 43  MSE B SE  1 
HETATM 994  C  CE  . MSE B 1 43 ? 9.494   -2.865  -0.792  1.00 38.53 ? 43  MSE B CE  1 
ATOM   995  N  N   . GLU B 1 44 ? 5.012   -5.345  -3.185  1.00 8.87  ? 44  GLU B N   1 
ATOM   996  C  CA  . GLU B 1 44 ? 4.872   -6.705  -3.680  1.00 9.42  ? 44  GLU B CA  1 
ATOM   997  C  C   . GLU B 1 44 ? 6.281   -7.166  -4.023  1.00 9.88  ? 44  GLU B C   1 
ATOM   998  O  O   . GLU B 1 44 ? 6.921   -6.616  -4.923  1.00 10.55 ? 44  GLU B O   1 
ATOM   999  C  CB  . GLU B 1 44 ? 3.984   -6.731  -4.921  1.00 24.34 ? 44  GLU B CB  1 
ATOM   1000 N  N   . LEU B 1 45 ? 6.772   -8.153  -3.284  1.00 11.42 ? 45  LEU B N   1 
ATOM   1001 C  CA  . LEU B 1 45 ? 8.113   -8.676  -3.507  1.00 12.56 ? 45  LEU B CA  1 
ATOM   1002 C  C   . LEU B 1 45 ? 8.039   -10.104 -4.028  1.00 12.78 ? 45  LEU B C   1 
ATOM   1003 O  O   . LEU B 1 45 ? 7.421   -10.958 -3.393  1.00 12.47 ? 45  LEU B O   1 
ATOM   1004 C  CB  . LEU B 1 45 ? 8.907   -8.676  -2.196  1.00 18.83 ? 45  LEU B CB  1 
ATOM   1005 C  CG  . LEU B 1 45 ? 8.822   -7.463  -1.264  1.00 19.94 ? 45  LEU B CG  1 
ATOM   1006 C  CD1 . LEU B 1 45 ? 9.522   -7.797  0.045   1.00 20.10 ? 45  LEU B CD1 1 
ATOM   1007 C  CD2 . LEU B 1 45 ? 9.446   -6.245  -1.918  1.00 20.56 ? 45  LEU B CD2 1 
ATOM   1008 N  N   . THR B 1 46 ? 8.655   -10.358 -5.182  1.00 10.36 ? 46  THR B N   1 
ATOM   1009 C  CA  . THR B 1 46 ? 8.682   -11.706 -5.743  1.00 9.29  ? 46  THR B CA  1 
ATOM   1010 C  C   . THR B 1 46 ? 9.967   -12.319 -5.194  1.00 9.04  ? 46  THR B C   1 
ATOM   1011 O  O   . THR B 1 46 ? 11.066  -11.803 -5.424  1.00 5.99  ? 46  THR B O   1 
ATOM   1012 C  CB  . THR B 1 46 ? 8.700   -11.687 -7.291  1.00 12.61 ? 46  THR B CB  1 
ATOM   1013 O  OG1 . THR B 1 46 ? 7.610   -10.888 -7.766  1.00 14.76 ? 46  THR B OG1 1 
ATOM   1014 C  CG2 . THR B 1 46 ? 8.525   -13.095 -7.844  1.00 12.94 ? 46  THR B CG2 1 
ATOM   1015 N  N   . ILE B 1 47 ? 9.810   -13.411 -4.449  1.00 9.51  ? 47  ILE B N   1 
ATOM   1016 C  CA  . ILE B 1 47 ? 10.923  -14.086 -3.795  1.00 9.82  ? 47  ILE B CA  1 
ATOM   1017 C  C   . ILE B 1 47 ? 11.080  -15.541 -4.215  1.00 8.92  ? 47  ILE B C   1 
ATOM   1018 O  O   . ILE B 1 47 ? 10.131  -16.320 -4.201  1.00 7.58  ? 47  ILE B O   1 
ATOM   1019 C  CB  . ILE B 1 47 ? 10.744  -14.029 -2.256  1.00 14.16 ? 47  ILE B CB  1 
ATOM   1020 C  CG1 . ILE B 1 47 ? 10.595  -12.567 -1.816  1.00 16.89 ? 47  ILE B CG1 1 
ATOM   1021 C  CG2 . ILE B 1 47 ? 11.927  -14.690 -1.555  1.00 15.61 ? 47  ILE B CG2 1 
ATOM   1022 C  CD1 . ILE B 1 47 ? 10.348  -12.386 -0.334  1.00 19.70 ? 47  ILE B CD1 1 
ATOM   1023 N  N   . GLU B 1 48 ? 12.306  -15.887 -4.578  1.00 10.02 ? 48  GLU B N   1 
ATOM   1024 C  CA  . GLU B 1 48 ? 12.649  -17.227 -5.007  1.00 11.59 ? 48  GLU B CA  1 
ATOM   1025 C  C   . GLU B 1 48 ? 13.196  -17.986 -3.803  1.00 13.84 ? 48  GLU B C   1 
ATOM   1026 O  O   . GLU B 1 48 ? 13.755  -17.389 -2.884  1.00 11.34 ? 48  GLU B O   1 
ATOM   1027 C  CB  . GLU B 1 48 ? 13.701  -17.128 -6.106  1.00 21.71 ? 48  GLU B CB  1 
ATOM   1028 C  CG  . GLU B 1 48 ? 14.311  -18.428 -6.551  1.00 31.00 ? 48  GLU B CG  1 
ATOM   1029 C  CD  . GLU B 1 48 ? 15.374  -18.206 -7.604  1.00 31.00 ? 48  GLU B CD  1 
ATOM   1030 O  OE1 . GLU B 1 48 ? 16.364  -17.499 -7.305  1.00 31.00 ? 48  GLU B OE1 1 
ATOM   1031 O  OE2 . GLU B 1 48 ? 15.216  -18.726 -8.730  1.00 31.00 ? 48  GLU B OE2 1 
ATOM   1032 N  N   . LYS B 1 49 ? 13.014  -19.302 -3.805  1.00 11.76 ? 49  LYS B N   1 
ATOM   1033 C  CA  . LYS B 1 49 ? 13.486  -20.163 -2.726  1.00 14.02 ? 49  LYS B CA  1 
ATOM   1034 C  C   . LYS B 1 49 ? 14.993  -20.033 -2.501  1.00 12.67 ? 49  LYS B C   1 
ATOM   1035 O  O   . LYS B 1 49 ? 15.768  -19.889 -3.448  1.00 11.80 ? 49  LYS B O   1 
ATOM   1036 C  CB  . LYS B 1 49 ? 13.140  -21.621 -3.054  1.00 50.43 ? 49  LYS B CB  1 
ATOM   1037 C  CG  . LYS B 1 49 ? 13.676  -22.657 -2.075  1.00 57.01 ? 49  LYS B CG  1 
ATOM   1038 C  CD  . LYS B 1 49 ? 13.394  -24.066 -2.586  1.00 62.47 ? 49  LYS B CD  1 
ATOM   1039 C  CE  . LYS B 1 49 ? 13.871  -25.132 -1.611  1.00 33.39 ? 49  LYS B CE  1 
ATOM   1040 N  NZ  . LYS B 1 49 ? 15.327  -25.036 -1.344  1.00 33.39 ? 49  LYS B NZ  1 
ATOM   1041 N  N   . SER B 1 50 ? 15.401  -20.080 -1.240  1.00 11.24 ? 50  SER B N   1 
ATOM   1042 C  CA  . SER B 1 50 ? 16.812  -19.988 -0.883  1.00 11.74 ? 50  SER B CA  1 
ATOM   1043 C  C   . SER B 1 50 ? 17.034  -20.778 0.395   1.00 11.58 ? 50  SER B C   1 
ATOM   1044 O  O   . SER B 1 50 ? 16.123  -21.438 0.880   1.00 8.67  ? 50  SER B O   1 
ATOM   1045 C  CB  . SER B 1 50 ? 17.227  -18.530 -0.659  1.00 17.59 ? 50  SER B CB  1 
ATOM   1046 O  OG  . SER B 1 50 ? 16.605  -17.995 0.497   1.00 16.48 ? 50  SER B OG  1 
ATOM   1047 N  N   . ASP B 1 51 ? 18.243  -20.705 0.939   1.00 16.05 ? 51  ASP B N   1 
ATOM   1048 C  CA  . ASP B 1 51 ? 18.561  -21.419 2.171   1.00 18.15 ? 51  ASP B CA  1 
ATOM   1049 C  C   . ASP B 1 51 ? 17.885  -20.806 3.399   1.00 16.91 ? 51  ASP B C   1 
ATOM   1050 O  O   . ASP B 1 51 ? 17.714  -21.474 4.413   1.00 16.96 ? 51  ASP B O   1 
ATOM   1051 C  CB  . ASP B 1 51 ? 20.076  -21.458 2.383   1.00 44.85 ? 51  ASP B CB  1 
ATOM   1052 C  CG  . ASP B 1 51 ? 20.777  -22.381 1.404   1.00 48.78 ? 51  ASP B CG  1 
ATOM   1053 O  OD1 . ASP B 1 51 ? 22.022  -22.471 1.456   1.00 50.85 ? 51  ASP B OD1 1 
ATOM   1054 O  OD2 . ASP B 1 51 ? 20.084  -23.019 0.584   1.00 51.50 ? 51  ASP B OD2 1 
ATOM   1055 N  N   . ARG B 1 52 ? 17.504  -19.538 3.312   1.00 15.09 ? 52  ARG B N   1 
ATOM   1056 C  CA  . ARG B 1 52 ? 16.850  -18.884 4.440   1.00 15.67 ? 52  ARG B CA  1 
ATOM   1057 C  C   . ARG B 1 52 ? 15.350  -19.152 4.457   1.00 15.20 ? 52  ARG B C   1 
ATOM   1058 O  O   . ARG B 1 52 ? 14.735  -19.335 3.408   1.00 13.30 ? 52  ARG B O   1 
ATOM   1059 C  CB  . ARG B 1 52 ? 17.109  -17.371 4.399   1.00 30.49 ? 52  ARG B CB  1 
ATOM   1060 C  CG  . ARG B 1 52 ? 18.516  -16.990 4.839   1.00 33.82 ? 52  ARG B CG  1 
ATOM   1061 C  CD  . ARG B 1 52 ? 18.782  -15.491 4.754   1.00 35.74 ? 52  ARG B CD  1 
ATOM   1062 N  NE  . ARG B 1 52 ? 18.871  -15.024 3.375   1.00 37.12 ? 52  ARG B NE  1 
ATOM   1063 C  CZ  . ARG B 1 52 ? 19.562  -13.955 2.988   1.00 34.44 ? 52  ARG B CZ  1 
ATOM   1064 N  NH1 . ARG B 1 52 ? 20.230  -13.234 3.878   1.00 33.88 ? 52  ARG B NH1 1 
ATOM   1065 N  NH2 . ARG B 1 52 ? 19.592  -13.612 1.708   1.00 33.49 ? 52  ARG B NH2 1 
ATOM   1066 N  N   . ASP B 1 53 ? 14.773  -19.199 5.655   1.00 13.19 ? 53  ASP B N   1 
ATOM   1067 C  CA  . ASP B 1 53 ? 13.336  -19.421 5.793   1.00 14.46 ? 53  ASP B CA  1 
ATOM   1068 C  C   . ASP B 1 53 ? 12.650  -18.122 5.364   1.00 11.47 ? 53  ASP B C   1 
ATOM   1069 O  O   . ASP B 1 53 ? 13.172  -17.036 5.606   1.00 11.33 ? 53  ASP B O   1 
ATOM   1070 C  CB  . ASP B 1 53 ? 12.967  -19.749 7.247   1.00 20.02 ? 53  ASP B CB  1 
ATOM   1071 C  CG  . ASP B 1 53 ? 13.611  -21.040 7.746   1.00 23.40 ? 53  ASP B CG  1 
ATOM   1072 O  OD1 . ASP B 1 53 ? 14.079  -21.848 6.918   1.00 26.30 ? 53  ASP B OD1 1 
ATOM   1073 O  OD2 . ASP B 1 53 ? 13.636  -21.251 8.976   1.00 26.20 ? 53  ASP B OD2 1 
ATOM   1074 N  N   . LEU B 1 54 ? 11.485  -18.235 4.738   1.00 12.96 ? 54  LEU B N   1 
ATOM   1075 C  CA  . LEU B 1 54 ? 10.761  -17.061 4.251   1.00 13.35 ? 54  LEU B CA  1 
ATOM   1076 C  C   . LEU B 1 54 ? 10.413  -16.021 5.309   1.00 13.47 ? 54  LEU B C   1 
ATOM   1077 O  O   . LEU B 1 54 ? 10.559  -14.823 5.078   1.00 13.28 ? 54  LEU B O   1 
ATOM   1078 C  CB  . LEU B 1 54 ? 9.487   -17.503 3.525   1.00 11.08 ? 54  LEU B CB  1 
ATOM   1079 C  CG  . LEU B 1 54 ? 8.708   -16.452 2.730   1.00 13.36 ? 54  LEU B CG  1 
ATOM   1080 C  CD1 . LEU B 1 54 ? 9.645   -15.683 1.800   1.00 15.78 ? 54  LEU B CD1 1 
ATOM   1081 C  CD2 . LEU B 1 54 ? 7.613   -17.147 1.928   1.00 12.91 ? 54  LEU B CD2 1 
ATOM   1082 N  N   . ASP B 1 55 ? 9.950   -16.475 6.468   1.00 8.87  ? 55  ASP B N   1 
ATOM   1083 C  CA  . ASP B 1 55 ? 9.583   -15.552 7.533   1.00 11.21 ? 55  ASP B CA  1 
ATOM   1084 C  C   . ASP B 1 55 ? 10.783  -14.779 8.083   1.00 8.79  ? 55  ASP B C   1 
ATOM   1085 O  O   . ASP B 1 55 ? 10.677  -13.590 8.359   1.00 8.73  ? 55  ASP B O   1 
ATOM   1086 C  CB  . ASP B 1 55 ? 8.847   -16.300 8.655   1.00 33.68 ? 55  ASP B CB  1 
ATOM   1087 C  CG  . ASP B 1 55 ? 9.685   -17.389 9.294   1.00 39.16 ? 55  ASP B CG  1 
ATOM   1088 O  OD1 . ASP B 1 55 ? 10.664  -17.857 8.678   1.00 17.87 ? 55  ASP B OD1 1 
ATOM   1089 O  OD2 . ASP B 1 55 ? 9.349   -17.790 10.424  1.00 17.87 ? 55  ASP B OD2 1 
ATOM   1090 N  N   . VAL B 1 56 ? 11.922  -15.448 8.230   1.00 9.92  ? 56  VAL B N   1 
ATOM   1091 C  CA  . VAL B 1 56 ? 13.140  -14.799 8.727   1.00 9.57  ? 56  VAL B CA  1 
ATOM   1092 C  C   . VAL B 1 56 ? 13.618  -13.740 7.722   1.00 9.59  ? 56  VAL B C   1 
ATOM   1093 O  O   . VAL B 1 56 ? 13.983  -12.619 8.095   1.00 7.49  ? 56  VAL B O   1 
ATOM   1094 C  CB  . VAL B 1 56 ? 14.261  -15.844 8.942   1.00 16.10 ? 56  VAL B CB  1 
ATOM   1095 C  CG1 . VAL B 1 56 ? 15.587  -15.156 9.235   1.00 17.99 ? 56  VAL B CG1 1 
ATOM   1096 C  CG2 . VAL B 1 56 ? 13.879  -16.777 10.093  1.00 15.67 ? 56  VAL B CG2 1 
ATOM   1097 N  N   . LEU B 1 57 ? 13.607  -14.110 6.444   1.00 8.40  ? 57  LEU B N   1 
ATOM   1098 C  CA  . LEU B 1 57 ? 14.017  -13.212 5.365   1.00 8.31  ? 57  LEU B CA  1 
ATOM   1099 C  C   . LEU B 1 57 ? 13.196  -11.924 5.332   1.00 6.18  ? 57  LEU B C   1 
ATOM   1100 O  O   . LEU B 1 57 ? 13.750  -10.827 5.336   1.00 4.82  ? 57  LEU B O   1 
ATOM   1101 C  CB  . LEU B 1 57 ? 13.883  -13.922 4.013   1.00 11.48 ? 57  LEU B CB  1 
ATOM   1102 C  CG  . LEU B 1 57 ? 14.037  -13.075 2.747   1.00 12.32 ? 57  LEU B CG  1 
ATOM   1103 C  CD1 . LEU B 1 57 ? 15.418  -12.456 2.713   1.00 11.70 ? 57  LEU B CD1 1 
ATOM   1104 C  CD2 . LEU B 1 57 ? 13.803  -13.932 1.512   1.00 14.63 ? 57  LEU B CD2 1 
ATOM   1105 N  N   . VAL B 1 58 ? 11.873  -12.060 5.292   1.00 9.48  ? 58  VAL B N   1 
ATOM   1106 C  CA  . VAL B 1 58 ? 10.994  -10.900 5.221   1.00 9.69  ? 58  VAL B CA  1 
ATOM   1107 C  C   . VAL B 1 58 ? 11.141  -9.925  6.388   1.00 8.95  ? 58  VAL B C   1 
ATOM   1108 O  O   . VAL B 1 58 ? 11.282  -8.720  6.180   1.00 7.79  ? 58  VAL B O   1 
ATOM   1109 C  CB  . VAL B 1 58 ? 9.508   -11.327 5.114   1.00 14.81 ? 58  VAL B CB  1 
ATOM   1110 C  CG1 . VAL B 1 58 ? 8.602   -10.094 5.171   1.00 13.46 ? 58  VAL B CG1 1 
ATOM   1111 C  CG2 . VAL B 1 58 ? 9.276   -12.080 3.804   1.00 13.88 ? 58  VAL B CG2 1 
ATOM   1112 N  N   . LYS B 1 59 ? 11.116  -10.432 7.613   1.00 7.09  ? 59  LYS B N   1 
ATOM   1113 C  CA  . LYS B 1 59 ? 11.237  -9.544  8.765   1.00 6.37  ? 59  LYS B CA  1 
ATOM   1114 C  C   . LYS B 1 59 ? 12.596  -8.863  8.786   1.00 5.88  ? 59  LYS B C   1 
ATOM   1115 O  O   . LYS B 1 59 ? 12.700  -7.690  9.139   1.00 5.66  ? 59  LYS B O   1 
ATOM   1116 C  CB  . LYS B 1 59 ? 11.008  -10.313 10.071  1.00 9.08  ? 59  LYS B CB  1 
ATOM   1117 C  CG  . LYS B 1 59 ? 9.595   -10.867 10.214  1.00 9.33  ? 59  LYS B CG  1 
ATOM   1118 C  CD  . LYS B 1 59 ? 9.230   -11.105 11.680  1.00 12.89 ? 59  LYS B CD  1 
ATOM   1119 C  CE  . LYS B 1 59 ? 10.109  -12.164 12.314  1.00 14.08 ? 59  LYS B CE  1 
ATOM   1120 N  NZ  . LYS B 1 59 ? 9.969   -13.482 11.631  1.00 16.99 ? 59  LYS B NZ  1 
ATOM   1121 N  N   . GLU B 1 60 ? 13.634  -9.593  8.395   1.00 6.81  ? 60  GLU B N   1 
ATOM   1122 C  CA  . GLU B 1 60 ? 14.983  -9.040  8.372   1.00 8.60  ? 60  GLU B CA  1 
ATOM   1123 C  C   . GLU B 1 60 ? 15.034  -7.843  7.420   1.00 9.57  ? 60  GLU B C   1 
ATOM   1124 O  O   . GLU B 1 60 ? 15.626  -6.811  7.734   1.00 11.35 ? 60  GLU B O   1 
ATOM   1125 C  CB  . GLU B 1 60 ? 15.976  -10.108 7.913   1.00 19.27 ? 60  GLU B CB  1 
ATOM   1126 C  CG  . GLU B 1 60 ? 17.352  -10.014 8.552   1.00 23.12 ? 60  GLU B CG  1 
ATOM   1127 C  CD  . GLU B 1 60 ? 18.273  -11.140 8.113   1.00 24.97 ? 60  GLU B CD  1 
ATOM   1128 O  OE1 . GLU B 1 60 ? 18.761  -11.102 6.965   1.00 28.23 ? 60  GLU B OE1 1 
ATOM   1129 O  OE2 . GLU B 1 60 ? 18.498  -12.072 8.913   1.00 27.88 ? 60  GLU B OE2 1 
HETATM 1130 N  N   . MSE B 1 61 ? 14.406  -7.990  6.258   1.00 10.66 ? 61  MSE B N   1 
HETATM 1131 C  CA  . MSE B 1 61 ? 14.385  -6.924  5.265   1.00 9.67  ? 61  MSE B CA  1 
HETATM 1132 C  C   . MSE B 1 61 ? 13.543  -5.732  5.720   1.00 9.96  ? 61  MSE B C   1 
HETATM 1133 O  O   . MSE B 1 61 ? 13.885  -4.588  5.427   1.00 9.95  ? 61  MSE B O   1 
HETATM 1134 C  CB  . MSE B 1 61 ? 13.858  -7.446  3.922   1.00 28.47 ? 61  MSE B CB  1 
HETATM 1135 C  CG  . MSE B 1 61 ? 14.757  -8.469  3.245   1.00 30.26 ? 61  MSE B CG  1 
HETATM 1136 SE SE  . MSE B 1 61 ? 14.212  -8.853  1.420   1.00 24.50 ? 61  MSE B SE  1 
HETATM 1137 C  CE  . MSE B 1 61 ? 12.598  -9.845  1.798   1.00 32.83 ? 61  MSE B CE  1 
ATOM   1138 N  N   . CYS B 1 62 ? 12.448  -6.001  6.429   1.00 7.46  ? 62  CYS B N   1 
ATOM   1139 C  CA  . CYS B 1 62 ? 11.588  -4.926  6.916   1.00 9.61  ? 62  CYS B CA  1 
ATOM   1140 C  C   . CYS B 1 62 ? 12.266  -4.190  8.069   1.00 9.51  ? 62  CYS B C   1 
ATOM   1141 O  O   . CYS B 1 62 ? 12.158  -2.973  8.180   1.00 8.35  ? 62  CYS B O   1 
ATOM   1142 C  CB  . CYS B 1 62 ? 10.236  -5.477  7.377   1.00 11.21 ? 62  CYS B CB  1 
ATOM   1143 S  SG  . CYS B 1 62 ? 9.187   -6.145  6.053   1.00 12.27 ? 62  CYS B SG  1 
ATOM   1144 N  N   . GLU B 1 63 ? 12.967  -4.936  8.923   1.00 14.85 ? 63  GLU B N   1 
ATOM   1145 C  CA  . GLU B 1 63 ? 13.664  -4.346  10.067  1.00 15.70 ? 63  GLU B CA  1 
ATOM   1146 C  C   . GLU B 1 63 ? 14.873  -3.523  9.623   1.00 15.21 ? 63  GLU B C   1 
ATOM   1147 O  O   . GLU B 1 63 ? 15.238  -2.547  10.269  1.00 13.65 ? 63  GLU B O   1 
ATOM   1148 C  CB  . GLU B 1 63 ? 14.152  -5.435  11.031  1.00 19.40 ? 63  GLU B CB  1 
ATOM   1149 C  CG  . GLU B 1 63 ? 13.067  -6.248  11.752  1.00 22.29 ? 63  GLU B CG  1 
ATOM   1150 C  CD  . GLU B 1 63 ? 12.224  -5.426  12.712  1.00 24.45 ? 63  GLU B CD  1 
ATOM   1151 O  OE1 . GLU B 1 63 ? 12.777  -4.547  13.406  1.00 27.80 ? 63  GLU B OE1 1 
ATOM   1152 O  OE2 . GLU B 1 63 ? 11.004  -5.672  12.786  1.00 30.24 ? 63  GLU B OE2 1 
ATOM   1153 N  N   . LYS B 1 64 ? 15.487  -3.913  8.512   1.00 12.02 ? 64  LYS B N   1 
ATOM   1154 C  CA  . LYS B 1 64 ? 16.672  -3.212  8.036   1.00 12.64 ? 64  LYS B CA  1 
ATOM   1155 C  C   . LYS B 1 64 ? 16.490  -2.155  6.959   1.00 13.59 ? 64  LYS B C   1 
ATOM   1156 O  O   . LYS B 1 64 ? 17.192  -1.142  6.973   1.00 16.73 ? 64  LYS B O   1 
ATOM   1157 C  CB  . LYS B 1 64 ? 17.715  -4.218  7.540   1.00 11.07 ? 64  LYS B CB  1 
ATOM   1158 C  CG  . LYS B 1 64 ? 18.248  -5.159  8.606   1.00 13.53 ? 64  LYS B CG  1 
ATOM   1159 C  CD  . LYS B 1 64 ? 19.311  -6.077  8.023   1.00 16.02 ? 64  LYS B CD  1 
ATOM   1160 C  CE  . LYS B 1 64 ? 19.742  -7.137  9.018   1.00 17.86 ? 64  LYS B CE  1 
ATOM   1161 N  NZ  . LYS B 1 64 ? 20.331  -6.559  10.257  1.00 21.68 ? 64  LYS B NZ  1 
ATOM   1162 N  N   . LEU B 1 65 ? 15.560  -2.365  6.036   1.00 10.46 ? 65  LEU B N   1 
ATOM   1163 C  CA  . LEU B 1 65 ? 15.409  -1.417  4.941   1.00 10.78 ? 65  LEU B CA  1 
ATOM   1164 C  C   . LEU B 1 65 ? 13.999  -0.975  4.571   1.00 10.39 ? 65  LEU B C   1 
ATOM   1165 O  O   . LEU B 1 65 ? 13.763  0.206   4.336   1.00 10.04 ? 65  LEU B O   1 
ATOM   1166 C  CB  . LEU B 1 65 ? 16.072  -1.998  3.689   1.00 12.39 ? 65  LEU B CB  1 
ATOM   1167 C  CG  . LEU B 1 65 ? 16.229  -1.086  2.472   1.00 13.60 ? 65  LEU B CG  1 
ATOM   1168 C  CD1 . LEU B 1 65 ? 17.348  -0.093  2.736   1.00 14.71 ? 65  LEU B CD1 1 
ATOM   1169 C  CD2 . LEU B 1 65 ? 16.559  -1.919  1.233   1.00 13.99 ? 65  LEU B CD2 1 
ATOM   1170 N  N   . LEU B 1 66 ? 13.064  -1.915  4.511   1.00 10.01 ? 66  LEU B N   1 
ATOM   1171 C  CA  . LEU B 1 66 ? 11.707  -1.585  4.105   1.00 9.89  ? 66  LEU B CA  1 
ATOM   1172 C  C   . LEU B 1 66 ? 10.894  -0.797  5.116   1.00 11.32 ? 66  LEU B C   1 
ATOM   1173 O  O   . LEU B 1 66 ? 9.850   -0.249  4.772   1.00 12.30 ? 66  LEU B O   1 
ATOM   1174 C  CB  . LEU B 1 66 ? 10.957  -2.859  3.714   1.00 14.82 ? 66  LEU B CB  1 
ATOM   1175 C  CG  . LEU B 1 66 ? 11.648  -3.713  2.644   1.00 14.50 ? 66  LEU B CG  1 
ATOM   1176 C  CD1 . LEU B 1 66 ? 10.722  -4.836  2.215   1.00 12.74 ? 66  LEU B CD1 1 
ATOM   1177 C  CD2 . LEU B 1 66 ? 12.024  -2.840  1.447   1.00 15.89 ? 66  LEU B CD2 1 
ATOM   1178 N  N   . ALA B 1 67 ? 11.365  -0.727  6.354   1.00 12.90 ? 67  ALA B N   1 
ATOM   1179 C  CA  . ALA B 1 67 ? 10.628  0.000   7.377   1.00 13.50 ? 67  ALA B CA  1 
ATOM   1180 C  C   . ALA B 1 67 ? 11.508  0.556   8.491   1.00 12.78 ? 67  ALA B C   1 
ATOM   1181 O  O   . ALA B 1 67 ? 12.665  0.175   8.635   1.00 13.54 ? 67  ALA B O   1 
ATOM   1182 C  CB  . ALA B 1 67 ? 9.558   -0.913  7.976   1.00 7.63  ? 67  ALA B CB  1 
ATOM   1183 N  N   . ASN B 1 68 ? 10.938  1.481   9.259   1.00 11.82 ? 68  ASN B N   1 
ATOM   1184 C  CA  . ASN B 1 68 ? 11.600  2.087   10.407  1.00 12.34 ? 68  ASN B CA  1 
ATOM   1185 C  C   . ASN B 1 68 ? 10.657  1.705   11.533  1.00 13.65 ? 68  ASN B C   1 
ATOM   1186 O  O   . ASN B 1 68 ? 9.681   2.401   11.799  1.00 10.14 ? 68  ASN B O   1 
ATOM   1187 C  CB  . ASN B 1 68 ? 11.654  3.610   10.284  1.00 21.39 ? 68  ASN B CB  1 
ATOM   1188 C  CG  . ASN B 1 68 ? 12.297  4.268   11.499  1.00 22.72 ? 68  ASN B CG  1 
ATOM   1189 O  OD1 . ASN B 1 68 ? 12.081  3.845   12.635  1.00 25.41 ? 68  ASN B OD1 1 
ATOM   1190 N  ND2 . ASN B 1 68 ? 13.078  5.311   11.264  1.00 23.02 ? 68  ASN B ND2 1 
ATOM   1191 N  N   . THR B 1 69 ? 10.945  0.580   12.176  1.00 13.75 ? 69  THR B N   1 
ATOM   1192 C  CA  . THR B 1 69 ? 10.106  0.063   13.248  1.00 15.98 ? 69  THR B CA  1 
ATOM   1193 C  C   . THR B 1 69 ? 9.936   0.985   14.454  1.00 16.21 ? 69  THR B C   1 
ATOM   1194 O  O   . THR B 1 69 ? 9.243   0.644   15.407  1.00 17.26 ? 69  THR B O   1 
ATOM   1195 C  CB  . THR B 1 69 ? 10.634  -1.298  13.724  1.00 23.55 ? 69  THR B CB  1 
ATOM   1196 O  OG1 . THR B 1 69 ? 11.997  -1.159  14.147  1.00 25.49 ? 69  THR B OG1 1 
ATOM   1197 C  CG2 . THR B 1 69 ? 10.561  -2.310  12.594  1.00 24.36 ? 69  THR B CG2 1 
ATOM   1198 N  N   . VAL B 1 70 ? 10.564  2.151   14.417  1.00 25.90 ? 70  VAL B N   1 
ATOM   1199 C  CA  . VAL B 1 70 ? 10.427  3.091   15.519  1.00 25.13 ? 70  VAL B CA  1 
ATOM   1200 C  C   . VAL B 1 70 ? 9.138   3.881   15.349  1.00 24.46 ? 70  VAL B C   1 
ATOM   1201 O  O   . VAL B 1 70 ? 8.424   4.144   16.320  1.00 24.51 ? 70  VAL B O   1 
ATOM   1202 C  CB  . VAL B 1 70 ? 11.608  4.082   15.569  1.00 27.89 ? 70  VAL B CB  1 
ATOM   1203 C  CG1 . VAL B 1 70 ? 11.287  5.233   16.523  1.00 27.99 ? 70  VAL B CG1 1 
ATOM   1204 C  CG2 . VAL B 1 70 ? 12.866  3.361   16.022  1.00 27.58 ? 70  VAL B CG2 1 
ATOM   1205 N  N   . ILE B 1 71 ? 8.833   4.244   14.106  1.00 14.81 ? 71  ILE B N   1 
ATOM   1206 C  CA  . ILE B 1 71 ? 7.638   5.029   13.818  1.00 14.09 ? 71  ILE B CA  1 
ATOM   1207 C  C   . ILE B 1 71 ? 6.594   4.313   12.967  1.00 12.89 ? 71  ILE B C   1 
ATOM   1208 O  O   . ILE B 1 71 ? 5.495   4.832   12.782  1.00 11.64 ? 71  ILE B O   1 
ATOM   1209 C  CB  . ILE B 1 71 ? 8.011   6.341   13.095  1.00 23.16 ? 71  ILE B CB  1 
ATOM   1210 C  CG1 . ILE B 1 71 ? 8.751   6.022   11.789  1.00 24.00 ? 71  ILE B CG1 1 
ATOM   1211 C  CG2 . ILE B 1 71 ? 8.877   7.205   13.999  1.00 24.24 ? 71  ILE B CG2 1 
ATOM   1212 C  CD1 . ILE B 1 71 ? 9.180   7.247   10.995  1.00 26.17 ? 71  ILE B CD1 1 
ATOM   1213 N  N   . GLU B 1 72 ? 6.925   3.128   12.461  1.00 12.59 ? 72  GLU B N   1 
ATOM   1214 C  CA  . GLU B 1 72 ? 5.991   2.395   11.610  1.00 12.60 ? 72  GLU B CA  1 
ATOM   1215 C  C   . GLU B 1 72 ? 5.798   0.937   12.000  1.00 13.69 ? 72  GLU B C   1 
ATOM   1216 O  O   . GLU B 1 72 ? 6.695   0.301   12.557  1.00 12.31 ? 72  GLU B O   1 
ATOM   1217 C  CB  . GLU B 1 72 ? 6.468   2.423   10.153  1.00 11.94 ? 72  GLU B CB  1 
ATOM   1218 C  CG  . GLU B 1 72 ? 6.710   3.802   9.586   1.00 13.21 ? 72  GLU B CG  1 
ATOM   1219 C  CD  . GLU B 1 72 ? 7.405   3.761   8.233   1.00 13.57 ? 72  GLU B CD  1 
ATOM   1220 O  OE1 . GLU B 1 72 ? 8.441   3.075   8.116   1.00 13.11 ? 72  GLU B OE1 1 
ATOM   1221 O  OE2 . GLU B 1 72 ? 6.923   4.421   7.292   1.00 13.92 ? 72  GLU B OE2 1 
ATOM   1222 N  N   . ASP B 1 73 ? 4.609   0.424   11.701  1.00 13.59 ? 73  ASP B N   1 
ATOM   1223 C  CA  . ASP B 1 73 ? 4.288   -0.973  11.943  1.00 12.66 ? 73  ASP B CA  1 
ATOM   1224 C  C   . ASP B 1 73 ? 4.394   -1.581  10.555  1.00 11.72 ? 73  ASP B C   1 
ATOM   1225 O  O   . ASP B 1 73 ? 4.287   -0.869  9.556   1.00 9.41  ? 73  ASP B O   1 
ATOM   1226 C  CB  . ASP B 1 73 ? 2.844   -1.155  12.422  1.00 12.63 ? 73  ASP B CB  1 
ATOM   1227 C  CG  . ASP B 1 73 ? 2.598   -0.582  13.794  1.00 16.32 ? 73  ASP B CG  1 
ATOM   1228 O  OD1 . ASP B 1 73 ? 3.385   -0.871  14.718  1.00 18.40 ? 73  ASP B OD1 1 
ATOM   1229 O  OD2 . ASP B 1 73 ? 1.600   0.148   13.951  1.00 20.52 ? 73  ASP B OD2 1 
ATOM   1230 N  N   . TYR B 1 74 ? 4.615   -2.887  10.486  1.00 7.82  ? 74  TYR B N   1 
ATOM   1231 C  CA  . TYR B 1 74 ? 4.672   -3.552  9.200   1.00 7.21  ? 74  TYR B CA  1 
ATOM   1232 C  C   . TYR B 1 74 ? 4.077   -4.934  9.396   1.00 8.17  ? 74  TYR B C   1 
ATOM   1233 O  O   . TYR B 1 74 ? 4.082   -5.470  10.502  1.00 6.69  ? 74  TYR B O   1 
ATOM   1234 C  CB  . TYR B 1 74 ? 6.115   -3.664  8.678   1.00 9.24  ? 74  TYR B CB  1 
ATOM   1235 C  CG  . TYR B 1 74 ? 6.949   -4.742  9.343   1.00 11.46 ? 74  TYR B CG  1 
ATOM   1236 C  CD1 . TYR B 1 74 ? 7.713   -4.466  10.477  1.00 13.32 ? 74  TYR B CD1 1 
ATOM   1237 C  CD2 . TYR B 1 74 ? 6.953   -6.043  8.847   1.00 12.86 ? 74  TYR B CD2 1 
ATOM   1238 C  CE1 . TYR B 1 74 ? 8.463   -5.466  11.101  1.00 15.87 ? 74  TYR B CE1 1 
ATOM   1239 C  CE2 . TYR B 1 74 ? 7.694   -7.048  9.461   1.00 15.72 ? 74  TYR B CE2 1 
ATOM   1240 C  CZ  . TYR B 1 74 ? 8.445   -6.754  10.586  1.00 16.79 ? 74  TYR B CZ  1 
ATOM   1241 O  OH  . TYR B 1 74 ? 9.162   -7.754  11.200  1.00 19.08 ? 74  TYR B OH  1 
ATOM   1242 N  N   . ARG B 1 75 ? 3.541   -5.498  8.326   1.00 9.11  ? 75  ARG B N   1 
ATOM   1243 C  CA  . ARG B 1 75 ? 2.969   -6.835  8.376   1.00 9.45  ? 75  ARG B CA  1 
ATOM   1244 C  C   . ARG B 1 75 ? 3.063   -7.375  6.960   1.00 10.05 ? 75  ARG B C   1 
ATOM   1245 O  O   . ARG B 1 75 ? 3.238   -6.601  6.009   1.00 9.66  ? 75  ARG B O   1 
ATOM   1246 C  CB  . ARG B 1 75 ? 1.509   -6.790  8.844   1.00 16.49 ? 75  ARG B CB  1 
ATOM   1247 C  CG  . ARG B 1 75 ? 0.507   -6.334  7.803   1.00 20.85 ? 75  ARG B CG  1 
ATOM   1248 C  CD  . ARG B 1 75 ? -0.916  -6.470  8.335   1.00 25.73 ? 75  ARG B CD  1 
ATOM   1249 N  NE  . ARG B 1 75 ? -1.929  -6.355  7.285   1.00 29.72 ? 75  ARG B NE  1 
ATOM   1250 C  CZ  . ARG B 1 75 ? -2.151  -5.261  6.564   1.00 31.58 ? 75  ARG B CZ  1 
ATOM   1251 N  NH1 . ARG B 1 75 ? -1.430  -4.167  6.767   1.00 35.41 ? 75  ARG B NH1 1 
ATOM   1252 N  NH2 . ARG B 1 75 ? -3.109  -5.255  5.647   1.00 33.48 ? 75  ARG B NH2 1 
ATOM   1253 N  N   . TYR B 1 76 ? 2.968   -8.692  6.806   1.00 6.52  ? 76  TYR B N   1 
ATOM   1254 C  CA  . TYR B 1 76 ? 3.063   -9.272  5.479   1.00 6.69  ? 76  TYR B CA  1 
ATOM   1255 C  C   . TYR B 1 76 ? 2.189   -10.505 5.277   1.00 7.35  ? 76  TYR B C   1 
ATOM   1256 O  O   . TYR B 1 76 ? 1.713   -11.124 6.233   1.00 5.40  ? 76  TYR B O   1 
ATOM   1257 C  CB  . TYR B 1 76 ? 4.533   -9.598  5.161   1.00 12.09 ? 76  TYR B CB  1 
ATOM   1258 C  CG  . TYR B 1 76 ? 5.095   -10.789 5.905   1.00 14.55 ? 76  TYR B CG  1 
ATOM   1259 C  CD1 . TYR B 1 76 ? 5.047   -12.065 5.352   1.00 14.61 ? 76  TYR B CD1 1 
ATOM   1260 C  CD2 . TYR B 1 76 ? 5.659   -10.642 7.174   1.00 14.59 ? 76  TYR B CD2 1 
ATOM   1261 C  CE1 . TYR B 1 76 ? 5.546   -13.167 6.040   1.00 14.16 ? 76  TYR B CE1 1 
ATOM   1262 C  CE2 . TYR B 1 76 ? 6.157   -11.738 7.874   1.00 14.68 ? 76  TYR B CE2 1 
ATOM   1263 C  CZ  . TYR B 1 76 ? 6.097   -12.998 7.300   1.00 15.32 ? 76  TYR B CZ  1 
ATOM   1264 O  OH  . TYR B 1 76 ? 6.581   -14.089 7.988   1.00 16.34 ? 76  TYR B OH  1 
ATOM   1265 N  N   . GLU B 1 77 ? 1.978   -10.838 4.008   1.00 7.70  ? 77  GLU B N   1 
ATOM   1266 C  CA  . GLU B 1 77 ? 1.173   -11.981 3.605   1.00 10.79 ? 77  GLU B CA  1 
ATOM   1267 C  C   . GLU B 1 77 ? 1.918   -12.640 2.447   1.00 11.29 ? 77  GLU B C   1 
ATOM   1268 O  O   . GLU B 1 77 ? 2.539   -11.954 1.633   1.00 11.43 ? 77  GLU B O   1 
ATOM   1269 C  CB  . GLU B 1 77 ? -0.203  -11.518 3.120   1.00 19.08 ? 77  GLU B CB  1 
ATOM   1270 C  CG  . GLU B 1 77 ? -1.020  -10.736 4.138   1.00 23.14 ? 77  GLU B CG  1 
ATOM   1271 C  CD  . GLU B 1 77 ? -2.189  -9.995  3.501   1.00 25.90 ? 77  GLU B CD  1 
ATOM   1272 O  OE1 . GLU B 1 77 ? -3.009  -9.411  4.245   1.00 28.90 ? 77  GLU B OE1 1 
ATOM   1273 O  OE2 . GLU B 1 77 ? -2.288  -9.989  2.256   1.00 26.54 ? 77  GLU B OE2 1 
ATOM   1274 N  N   . VAL B 1 78 ? 1.850   -13.962 2.367   1.00 12.79 ? 78  VAL B N   1 
ATOM   1275 C  CA  . VAL B 1 78 ? 2.537   -14.684 1.300   1.00 13.11 ? 78  VAL B CA  1 
ATOM   1276 C  C   . VAL B 1 78 ? 1.591   -15.506 0.436   1.00 12.97 ? 78  VAL B C   1 
ATOM   1277 O  O   . VAL B 1 78 ? 0.700   -16.178 0.945   1.00 11.84 ? 78  VAL B O   1 
ATOM   1278 C  CB  . VAL B 1 78 ? 3.597   -15.656 1.866   1.00 11.94 ? 78  VAL B CB  1 
ATOM   1279 C  CG1 . VAL B 1 78 ? 4.336   -16.332 0.717   1.00 13.17 ? 78  VAL B CG1 1 
ATOM   1280 C  CG2 . VAL B 1 78 ? 4.574   -14.916 2.779   1.00 13.02 ? 78  VAL B CG2 1 
ATOM   1281 N  N   . GLU B 1 79 ? 1.789   -15.437 -0.876  1.00 9.12  ? 79  GLU B N   1 
ATOM   1282 C  CA  . GLU B 1 79 ? 0.991   -16.209 -1.821  1.00 9.62  ? 79  GLU B CA  1 
ATOM   1283 C  C   . GLU B 1 79 ? 1.969   -16.813 -2.815  1.00 9.60  ? 79  GLU B C   1 
ATOM   1284 O  O   . GLU B 1 79 ? 3.098   -16.345 -2.927  1.00 8.68  ? 79  GLU B O   1 
ATOM   1285 C  CB  . GLU B 1 79 ? -0.016  -15.327 -2.550  1.00 30.53 ? 79  GLU B CB  1 
ATOM   1286 C  CG  . GLU B 1 79 ? -1.193  -14.915 -1.692  1.00 37.75 ? 79  GLU B CG  1 
ATOM   1287 C  CD  . GLU B 1 79 ? -2.352  -14.403 -2.518  1.00 37.75 ? 79  GLU B CD  1 
ATOM   1288 O  OE1 . GLU B 1 79 ? -2.738  -15.104 -3.477  1.00 37.75 ? 79  GLU B OE1 1 
ATOM   1289 O  OE2 . GLU B 1 79 ? -2.878  -13.311 -2.211  1.00 37.75 ? 79  GLU B OE2 1 
ATOM   1290 N  N   . GLU B 1 80 ? 1.542   -17.855 -3.522  1.00 12.21 ? 80  GLU B N   1 
ATOM   1291 C  CA  . GLU B 1 80 ? 2.399   -18.512 -4.505  1.00 14.25 ? 80  GLU B CA  1 
ATOM   1292 C  C   . GLU B 1 80 ? 2.099   -18.040 -5.923  1.00 15.88 ? 80  GLU B C   1 
ATOM   1293 O  O   . GLU B 1 80 ? 3.041   -17.579 -6.613  1.00 16.16 ? 80  GLU B O   1 
ATOM   1294 C  CB  . GLU B 1 80 ? 2.236   -20.036 -4.428  1.00 12.62 ? 80  GLU B CB  1 
ATOM   1295 C  CG  . GLU B 1 80 ? 3.077   -20.789 -5.450  1.00 15.16 ? 80  GLU B CG  1 
ATOM   1296 C  CD  . GLU B 1 80 ? 2.983   -22.296 -5.315  1.00 14.02 ? 80  GLU B CD  1 
ATOM   1297 O  OE1 . GLU B 1 80 ? 3.698   -23.003 -6.059  1.00 15.57 ? 80  GLU B OE1 1 
ATOM   1298 O  OE2 . GLU B 1 80 ? 2.200   -22.778 -4.472  1.00 16.72 ? 80  GLU B OE2 1 
HETATM 1299 O  O   . HOH C 2 .  ? -24.953 0.787   0.615   1.00 6.34  ? 85  HOH A O   1 
HETATM 1300 O  O   . HOH C 2 .  ? 7.588   3.872   -15.432 1.00 12.34 ? 86  HOH A O   1 
HETATM 1301 O  O   . HOH C 2 .  ? -18.931 -1.619  11.927  1.00 26.72 ? 87  HOH A O   1 
HETATM 1302 O  O   . HOH C 2 .  ? 7.416   2.624   -17.947 1.00 17.64 ? 88  HOH A O   1 
HETATM 1303 O  O   . HOH C 2 .  ? 10.483  -2.123  -12.997 1.00 25.79 ? 89  HOH A O   1 
HETATM 1304 O  O   . HOH C 2 .  ? -19.687 12.676  6.779   1.00 22.37 ? 90  HOH A O   1 
HETATM 1305 O  O   . HOH C 2 .  ? -6.591  9.055   -12.637 1.00 17.08 ? 91  HOH A O   1 
HETATM 1306 O  O   . HOH C 2 .  ? -11.642 -3.201  -7.290  1.00 17.18 ? 92  HOH A O   1 
HETATM 1307 O  O   . HOH C 2 .  ? -17.919 -6.490  6.958   1.00 23.89 ? 93  HOH A O   1 
HETATM 1308 O  O   . HOH C 2 .  ? -23.492 5.338   7.376   1.00 25.51 ? 94  HOH A O   1 
HETATM 1309 O  O   . HOH C 2 .  ? -13.477 -4.425  -6.046  1.00 20.92 ? 95  HOH A O   1 
HETATM 1310 O  O   . HOH C 2 .  ? -9.421  4.927   7.723   1.00 23.88 ? 96  HOH A O   1 
HETATM 1311 O  O   . HOH C 2 .  ? 2.833   -3.422  -9.550  1.00 23.69 ? 97  HOH A O   1 
HETATM 1312 O  O   . HOH C 2 .  ? 0.993   4.517   -18.492 1.00 24.07 ? 98  HOH A O   1 
HETATM 1313 O  O   . HOH C 2 .  ? -24.720 7.381   -7.288  1.00 21.32 ? 99  HOH A O   1 
HETATM 1314 O  O   . HOH C 2 .  ? -23.619 12.502  -1.501  1.00 32.31 ? 100 HOH A O   1 
HETATM 1315 O  O   . HOH C 2 .  ? -10.733 -2.308  -9.657  1.00 27.24 ? 101 HOH A O   1 
HETATM 1316 O  O   . HOH C 2 .  ? 1.989   6.501   -9.678  1.00 38.92 ? 102 HOH A O   1 
HETATM 1317 O  O   . HOH C 2 .  ? -0.943  -3.228  -10.805 1.00 19.07 ? 103 HOH A O   1 
HETATM 1318 O  O   . HOH C 2 .  ? -26.152 11.786  -0.490  1.00 23.94 ? 104 HOH A O   1 
HETATM 1319 O  O   . HOH C 2 .  ? -6.650  2.347   -13.115 1.00 24.11 ? 105 HOH A O   1 
HETATM 1320 O  O   . HOH C 2 .  ? 1.480   3.134   -6.799  1.00 38.26 ? 106 HOH A O   1 
HETATM 1321 O  O   . HOH C 2 .  ? -3.527  -5.396  -5.801  1.00 36.04 ? 107 HOH A O   1 
HETATM 1322 O  O   . HOH C 2 .  ? 6.722   2.406   -7.038  1.00 37.66 ? 108 HOH A O   1 
HETATM 1323 O  O   . HOH C 2 .  ? 12.785  0.158   -13.597 1.00 22.88 ? 109 HOH A O   1 
HETATM 1324 O  O   . HOH C 2 .  ? 13.546  -6.956  -11.385 1.00 27.29 ? 110 HOH A O   1 
HETATM 1325 O  O   . HOH C 2 .  ? 2.737   -2.596  -5.635  1.00 27.27 ? 111 HOH A O   1 
HETATM 1326 O  O   . HOH C 2 .  ? 20.302  1.398   -4.981  1.00 21.42 ? 112 HOH A O   1 
HETATM 1327 O  O   . HOH C 2 .  ? -7.631  -0.030  -12.084 1.00 23.04 ? 113 HOH A O   1 
HETATM 1328 O  O   . HOH C 2 .  ? -4.122  -2.351  -7.349  1.00 18.29 ? 114 HOH A O   1 
HETATM 1329 O  O   . HOH C 2 .  ? 13.849  3.749   -4.292  1.00 25.03 ? 115 HOH A O   1 
HETATM 1330 O  O   . HOH C 2 .  ? 26.410  -6.702  2.241   1.00 27.21 ? 116 HOH A O   1 
HETATM 1331 O  O   . HOH C 2 .  ? -20.998 -0.840  -11.407 1.00 38.72 ? 117 HOH A O   1 
HETATM 1332 O  O   . HOH C 2 .  ? -22.055 8.216   9.225   1.00 27.72 ? 118 HOH A O   1 
HETATM 1333 O  O   . HOH C 2 .  ? 3.743   5.190   -8.646  1.00 38.14 ? 119 HOH A O   1 
HETATM 1334 O  O   . HOH C 2 .  ? -22.982 3.916   10.008  1.00 26.85 ? 120 HOH A O   1 
HETATM 1335 O  O   . HOH C 2 .  ? -21.163 0.102   10.965  1.00 27.61 ? 121 HOH A O   1 
HETATM 1336 O  O   . HOH C 2 .  ? 17.210  -4.032  -9.471  1.00 35.81 ? 122 HOH A O   1 
HETATM 1337 O  O   . HOH C 2 .  ? -23.364 4.969   -0.095  1.00 37.90 ? 123 HOH A O   1 
HETATM 1338 O  O   . HOH C 2 .  ? -20.738 2.549   -10.837 1.00 27.39 ? 124 HOH A O   1 
HETATM 1339 O  O   . HOH C 2 .  ? -24.270 1.348   -9.068  1.00 32.23 ? 125 HOH A O   1 
HETATM 1340 O  O   . HOH C 2 .  ? -26.073 5.617   -9.394  1.00 43.88 ? 126 HOH A O   1 
HETATM 1341 O  O   . HOH C 2 .  ? 9.113   -4.340  -11.476 1.00 30.63 ? 127 HOH A O   1 
HETATM 1342 O  O   . HOH C 2 .  ? -23.624 -0.846  10.602  1.00 40.99 ? 128 HOH A O   1 
HETATM 1343 O  O   . HOH C 2 .  ? -2.273  -6.911  -14.155 1.00 38.94 ? 129 HOH A O   1 
HETATM 1344 O  O   . HOH C 2 .  ? 11.920  -5.834  -13.004 1.00 48.16 ? 130 HOH A O   1 
HETATM 1345 O  O   . HOH C 2 .  ? -10.444 -5.675  -4.853  1.00 26.54 ? 131 HOH A O   1 
HETATM 1346 O  O   . HOH C 2 .  ? -1.499  -3.948  -14.811 1.00 25.38 ? 132 HOH A O   1 
HETATM 1347 O  O   . HOH C 2 .  ? -23.966 10.480  8.140   1.00 26.01 ? 133 HOH A O   1 
HETATM 1348 O  O   . HOH C 2 .  ? 0.631   5.823   -20.962 1.00 30.38 ? 134 HOH A O   1 
HETATM 1349 O  O   . HOH C 2 .  ? -23.350 15.035  -2.430  1.00 30.70 ? 135 HOH A O   1 
HETATM 1350 O  O   . HOH C 2 .  ? 12.598  2.587   -14.919 1.00 31.64 ? 136 HOH A O   1 
HETATM 1351 O  O   . HOH C 2 .  ? 3.657   5.521   -18.100 1.00 33.52 ? 137 HOH A O   1 
HETATM 1352 O  O   . HOH C 2 .  ? 3.102   -0.880  -7.700  1.00 32.21 ? 138 HOH A O   1 
HETATM 1353 O  O   . HOH C 2 .  ? -5.205  -4.335  -8.730  1.00 34.76 ? 139 HOH A O   1 
HETATM 1354 O  O   . HOH C 2 .  ? -1.277  7.463   -6.409  1.00 28.57 ? 140 HOH A O   1 
HETATM 1355 O  O   . HOH C 2 .  ? 20.442  -16.900 1.043   1.00 47.17 ? 141 HOH A O   1 
HETATM 1356 O  O   . HOH C 2 .  ? 2.154   -4.711  -7.004  1.00 44.46 ? 142 HOH A O   1 
HETATM 1357 O  O   . HOH C 2 .  ? -28.045 5.206   -10.949 1.00 50.88 ? 143 HOH A O   1 
HETATM 1358 O  O   . HOH C 2 .  ? 19.080  -16.213 -4.419  1.00 50.55 ? 144 HOH A O   1 
HETATM 1359 O  O   . HOH C 2 .  ? -1.159  -5.384  -7.571  1.00 35.70 ? 145 HOH A O   1 
HETATM 1360 O  O   . HOH C 2 .  ? -0.599  10.078  -5.411  1.00 45.59 ? 146 HOH A O   1 
HETATM 1361 O  O   . HOH C 2 .  ? 10.933  -2.815  -10.391 1.00 58.26 ? 147 HOH A O   1 
HETATM 1362 O  O   . HOH C 2 .  ? 12.202  -7.889  -14.719 1.00 50.96 ? 148 HOH A O   1 
HETATM 1363 O  O   . HOH C 2 .  ? -8.207  -1.417  9.768   1.00 43.76 ? 149 HOH A O   1 
HETATM 1364 O  O   . HOH C 2 .  ? -4.189  -8.412  -0.700  1.00 52.90 ? 150 HOH A O   1 
HETATM 1365 O  O   . HOH C 2 .  ? 8.077   -6.466  -13.214 1.00 34.87 ? 151 HOH A O   1 
HETATM 1366 O  O   . HOH C 2 .  ? -25.331 2.854   9.420   1.00 34.40 ? 152 HOH A O   1 
HETATM 1367 O  O   . HOH C 2 .  ? 27.360  -7.097  -2.006  1.00 40.12 ? 153 HOH A O   1 
HETATM 1368 O  O   . HOH C 2 .  ? 24.961  -9.820  -3.728  1.00 37.17 ? 154 HOH A O   1 
HETATM 1369 O  O   . HOH C 2 .  ? -23.934 10.021  -8.676  1.00 45.89 ? 155 HOH A O   1 
HETATM 1370 O  O   . HOH C 2 .  ? -13.032 -2.719  5.387   1.00 45.06 ? 156 HOH A O   1 
HETATM 1371 O  O   . HOH C 2 .  ? 0.423   11.367  -15.262 1.00 48.99 ? 157 HOH A O   1 
HETATM 1372 O  O   . HOH C 2 .  ? -24.746 1.976   -2.250  1.00 34.07 ? 158 HOH A O   1 
HETATM 1373 O  O   . HOH C 2 .  ? -25.859 4.514   -1.254  1.00 41.47 ? 159 HOH A O   1 
HETATM 1374 O  O   . HOH C 2 .  ? -9.634  -4.643  -9.924  1.00 51.53 ? 160 HOH A O   1 
HETATM 1375 O  O   . HOH C 2 .  ? -10.075 -1.065  -12.080 1.00 51.38 ? 161 HOH A O   1 
HETATM 1376 O  O   . HOH C 2 .  ? 4.446   3.673   -6.605  1.00 42.90 ? 162 HOH A O   1 
HETATM 1377 O  O   . HOH C 2 .  ? 4.556   3.891   -1.030  1.00 54.46 ? 163 HOH A O   1 
HETATM 1378 O  O   . HOH C 2 .  ? 15.382  -4.339  -11.354 1.00 46.03 ? 164 HOH A O   1 
HETATM 1379 O  O   . HOH C 2 .  ? 15.285  -9.814  -11.343 1.00 36.96 ? 165 HOH A O   1 
HETATM 1380 O  O   . HOH C 2 .  ? -21.417 6.596   0.552   1.00 50.33 ? 166 HOH A O   1 
HETATM 1381 O  O   . HOH C 2 .  ? 24.496  -11.590 4.943   1.00 51.67 ? 167 HOH A O   1 
HETATM 1382 O  O   . HOH C 2 .  ? 1.439   -5.490  -9.836  1.00 53.17 ? 168 HOH A O   1 
HETATM 1383 O  O   . HOH C 2 .  ? -11.305 -6.925  -7.531  1.00 42.19 ? 169 HOH A O   1 
HETATM 1384 O  O   . HOH C 2 .  ? -27.529 13.541  -1.953  1.00 42.14 ? 170 HOH A O   1 
HETATM 1385 O  O   . HOH C 2 .  ? 6.913   -1.261  -20.494 1.00 35.49 ? 171 HOH A O   1 
HETATM 1386 O  O   . HOH C 2 .  ? -10.203 10.698  -12.548 1.00 42.27 ? 172 HOH A O   1 
HETATM 1387 O  O   . HOH C 2 .  ? -21.580 11.209  -8.381  1.00 45.00 ? 173 HOH A O   1 
HETATM 1388 O  O   . HOH C 2 .  ? 12.790  4.163   -1.854  1.00 43.10 ? 174 HOH A O   1 
HETATM 1389 O  O   . HOH D 2 .  ? -3.846  12.164  12.895  1.00 17.77 ? 85  HOH B O   1 
HETATM 1390 O  O   . HOH D 2 .  ? 3.114   -9.831  9.423   1.00 16.73 ? 86  HOH B O   1 
HETATM 1391 O  O   . HOH D 2 .  ? 1.097   12.182  7.993   1.00 14.89 ? 87  HOH B O   1 
HETATM 1392 O  O   . HOH D 2 .  ? 2.692   -18.766 -8.893  1.00 25.45 ? 88  HOH B O   1 
HETATM 1393 O  O   . HOH D 2 .  ? 22.364  -4.940  9.914   1.00 24.06 ? 89  HOH B O   1 
HETATM 1394 O  O   . HOH D 2 .  ? 2.362   12.374  17.331  1.00 15.10 ? 90  HOH B O   1 
HETATM 1395 O  O   . HOH D 2 .  ? 1.259   -2.255  8.579   1.00 22.39 ? 91  HOH B O   1 
HETATM 1396 O  O   . HOH D 2 .  ? 5.320   -4.145  13.003  1.00 24.62 ? 92  HOH B O   1 
HETATM 1397 O  O   . HOH D 2 .  ? 7.004   -8.242  -7.331  1.00 18.81 ? 93  HOH B O   1 
HETATM 1398 O  O   . HOH D 2 .  ? 13.272  -19.865 0.990   1.00 22.36 ? 94  HOH B O   1 
HETATM 1399 O  O   . HOH D 2 .  ? -0.316  -9.831  7.600   1.00 25.09 ? 95  HOH B O   1 
HETATM 1400 O  O   . HOH D 2 .  ? 14.658  -12.156 10.839  1.00 20.08 ? 96  HOH B O   1 
HETATM 1401 O  O   . HOH D 2 .  ? 16.585  -18.863 7.974   1.00 20.07 ? 97  HOH B O   1 
HETATM 1402 O  O   . HOH D 2 .  ? 17.386  -3.148  12.066  1.00 21.33 ? 98  HOH B O   1 
HETATM 1403 O  O   . HOH D 2 .  ? 17.737  -18.529 -4.370  1.00 30.24 ? 99  HOH B O   1 
HETATM 1404 O  O   . HOH D 2 .  ? 6.694   -19.461 10.269  1.00 35.27 ? 100 HOH B O   1 
HETATM 1405 O  O   . HOH D 2 .  ? -0.010  1.492   11.457  1.00 23.94 ? 101 HOH B O   1 
HETATM 1406 O  O   . HOH D 2 .  ? -18.348 19.686  -0.529  1.00 23.65 ? 102 HOH B O   1 
HETATM 1407 O  O   . HOH D 2 .  ? -6.221  19.441  2.266   1.00 21.82 ? 103 HOH B O   1 
HETATM 1408 O  O   . HOH D 2 .  ? 13.266  -0.705  10.930  1.00 19.41 ? 104 HOH B O   1 
HETATM 1409 O  O   . HOH D 2 .  ? -15.665 20.956  -5.383  1.00 28.83 ? 105 HOH B O   1 
HETATM 1410 O  O   . HOH D 2 .  ? -0.931  -19.563 -5.586  1.00 23.82 ? 106 HOH B O   1 
HETATM 1411 O  O   . HOH D 2 .  ? 2.256   8.085   20.928  1.00 41.97 ? 107 HOH B O   1 
HETATM 1412 O  O   . HOH D 2 .  ? -5.366  12.035  10.471  1.00 24.63 ? 108 HOH B O   1 
HETATM 1413 O  O   . HOH D 2 .  ? 0.789   -7.097  -5.600  1.00 26.88 ? 109 HOH B O   1 
HETATM 1414 O  O   . HOH D 2 .  ? 4.165   -16.425 -8.673  1.00 49.53 ? 110 HOH B O   1 
HETATM 1415 O  O   . HOH D 2 .  ? -21.165 15.324  -0.643  1.00 35.46 ? 111 HOH B O   1 
HETATM 1416 O  O   . HOH D 2 .  ? -3.141  18.302  7.522   1.00 23.08 ? 112 HOH B O   1 
HETATM 1417 O  O   . HOH D 2 .  ? 11.270  -20.632 -5.500  1.00 24.06 ? 113 HOH B O   1 
HETATM 1418 O  O   . HOH D 2 .  ? -1.054  -12.991 -4.268  1.00 27.57 ? 114 HOH B O   1 
HETATM 1419 O  O   . HOH D 2 .  ? -8.475  11.178  8.118   1.00 22.29 ? 115 HOH B O   1 
HETATM 1420 O  O   . HOH D 2 .  ? -11.826 8.831   12.087  1.00 48.95 ? 116 HOH B O   1 
HETATM 1421 O  O   . HOH D 2 .  ? 4.036   -25.368 -4.907  1.00 39.70 ? 117 HOH B O   1 
HETATM 1422 O  O   . HOH D 2 .  ? -0.186  -22.295 -5.665  1.00 27.20 ? 118 HOH B O   1 
HETATM 1423 O  O   . HOH D 2 .  ? 17.891  -5.754  12.241  1.00 29.45 ? 119 HOH B O   1 
HETATM 1424 O  O   . HOH D 2 .  ? -0.216  1.328   15.296  1.00 32.38 ? 120 HOH B O   1 
HETATM 1425 O  O   . HOH D 2 .  ? -1.157  7.252   12.789  1.00 38.31 ? 121 HOH B O   1 
HETATM 1426 O  O   . HOH D 2 .  ? 4.149   4.227   5.121   1.00 44.29 ? 122 HOH B O   1 
HETATM 1427 O  O   . HOH D 2 .  ? 15.230  -14.530 12.013  1.00 34.67 ? 123 HOH B O   1 
HETATM 1428 O  O   . HOH D 2 .  ? 17.634  -12.259 11.316  1.00 35.86 ? 124 HOH B O   1 
HETATM 1429 O  O   . HOH D 2 .  ? -1.562  -24.142 -6.879  1.00 37.63 ? 125 HOH B O   1 
HETATM 1430 O  O   . HOH D 2 .  ? 4.605   10.615  17.925  1.00 32.33 ? 126 HOH B O   1 
HETATM 1431 O  O   . HOH D 2 .  ? 16.906  -8.515  11.624  1.00 34.36 ? 127 HOH B O   1 
HETATM 1432 O  O   . HOH D 2 .  ? 3.540   10.591  22.235  1.00 31.89 ? 128 HOH B O   1 
HETATM 1433 O  O   . HOH D 2 .  ? -5.730  19.255  7.000   1.00 28.64 ? 129 HOH B O   1 
HETATM 1434 O  O   . HOH D 2 .  ? 15.960  -21.952 -5.827  1.00 31.24 ? 130 HOH B O   1 
HETATM 1435 O  O   . HOH D 2 .  ? -16.238 19.613  -7.497  1.00 40.38 ? 131 HOH B O   1 
HETATM 1436 O  O   . HOH D 2 .  ? -2.242  8.459   6.132   1.00 32.61 ? 132 HOH B O   1 
HETATM 1437 O  O   . HOH D 2 .  ? 1.828   -5.328  12.529  1.00 31.92 ? 133 HOH B O   1 
HETATM 1438 O  O   . HOH D 2 .  ? -0.311  -10.287 10.424  1.00 39.25 ? 134 HOH B O   1 
HETATM 1439 O  O   . HOH D 2 .  ? 4.497   -11.261 -7.769  1.00 37.62 ? 135 HOH B O   1 
HETATM 1440 O  O   . HOH D 2 .  ? 4.845   6.020   7.120   1.00 44.15 ? 136 HOH B O   1 
HETATM 1441 O  O   . HOH D 2 .  ? 8.717   2.833   18.783  1.00 40.36 ? 137 HOH B O   1 
HETATM 1442 O  O   . HOH D 2 .  ? -6.360  12.577  14.282  1.00 41.10 ? 138 HOH B O   1 
HETATM 1443 O  O   . HOH D 2 .  ? 14.518  -9.920  12.379  1.00 33.16 ? 139 HOH B O   1 
HETATM 1444 O  O   . HOH D 2 .  ? 17.846  -26.205 -2.603  1.00 49.91 ? 140 HOH B O   1 
HETATM 1445 O  O   . HOH D 2 .  ? 4.139   -8.274  11.494  1.00 40.62 ? 141 HOH B O   1 
HETATM 1446 O  O   . HOH D 2 .  ? 3.033   14.764  18.755  1.00 37.12 ? 142 HOH B O   1 
HETATM 1447 O  O   . HOH D 2 .  ? -0.134  9.056   21.455  1.00 44.93 ? 143 HOH B O   1 
HETATM 1448 O  O   . HOH D 2 .  ? 7.797   0.263   2.719   1.00 55.64 ? 144 HOH B O   1 
HETATM 1449 O  O   . HOH D 2 .  ? 18.992  -17.354 8.182   1.00 42.01 ? 145 HOH B O   1 
HETATM 1450 O  O   . HOH D 2 .  ? -5.060  9.591   9.157   1.00 39.66 ? 146 HOH B O   1 
HETATM 1451 O  O   . HOH D 2 .  ? -17.135 9.951   11.833  1.00 51.89 ? 147 HOH B O   1 
HETATM 1452 O  O   . HOH D 2 .  ? -0.022  -21.029 -8.292  1.00 43.55 ? 148 HOH B O   1 
HETATM 1453 O  O   . HOH D 2 .  ? -1.297  9.686   17.727  1.00 52.14 ? 149 HOH B O   1 
HETATM 1454 O  O   . HOH D 2 .  ? -1.177  4.443   9.072   1.00 32.20 ? 150 HOH B O   1 
HETATM 1455 O  O   . HOH D 2 .  ? -20.085 16.393  -7.250  1.00 46.48 ? 151 HOH B O   1 
HETATM 1456 O  O   . HOH D 2 .  ? 7.260   -1.271  14.931  1.00 47.91 ? 152 HOH B O   1 
HETATM 1457 O  O   . HOH D 2 .  ? 17.648  -21.309 7.352   1.00 46.66 ? 153 HOH B O   1 
HETATM 1458 O  O   . HOH D 2 .  ? 13.678  -17.412 0.181   1.00 38.26 ? 154 HOH B O   1 
HETATM 1459 O  O   . HOH D 2 .  ? -7.890  23.871  3.239   1.00 40.60 ? 155 HOH B O   1 
HETATM 1460 O  O   . HOH D 2 .  ? 3.932   7.071   4.849   1.00 41.11 ? 156 HOH B O   1 
HETATM 1461 O  O   . HOH D 2 .  ? -2.731  -11.127 -4.716  1.00 44.37 ? 157 HOH B O   1 
HETATM 1462 O  O   . HOH D 2 .  ? 17.978  -23.177 -1.036  1.00 51.66 ? 158 HOH B O   1 
HETATM 1463 O  O   . HOH D 2 .  ? -13.119 20.243  2.398   1.00 51.81 ? 159 HOH B O   1 
HETATM 1464 O  O   . HOH D 2 .  ? 9.853   4.360   6.273   1.00 49.75 ? 160 HOH B O   1 
HETATM 1465 O  O   . HOH D 2 .  ? 6.714   -6.048  14.507  1.00 37.42 ? 161 HOH B O   1 
HETATM 1466 O  O   . HOH D 2 .  ? 1.246   5.504   7.169   1.00 42.42 ? 162 HOH B O   1 
HETATM 1467 O  O   . HOH D 2 .  ? -17.649 22.556  -4.416  1.00 50.03 ? 163 HOH B O   1 
HETATM 1468 O  O   . HOH D 2 .  ? -14.012 22.944  -2.530  1.00 45.69 ? 164 HOH B O   1 
HETATM 1469 O  O   . HOH D 2 .  ? -12.706 8.176   15.107  1.00 49.14 ? 165 HOH B O   1 
HETATM 1470 O  O   . HOH D 2 .  ? -1.681  -7.979  -7.556  1.00 41.66 ? 166 HOH B O   1 
HETATM 1471 O  O   . HOH D 2 .  ? 11.072  -18.701 0.464   1.00 45.95 ? 167 HOH B O   1 
HETATM 1472 O  O   . HOH D 2 .  ? -5.473  -10.604 5.361   1.00 49.28 ? 168 HOH B O   1 
HETATM 1473 O  O   . HOH D 2 .  ? -3.000  0.400   11.847  1.00 45.92 ? 169 HOH B O   1 
HETATM 1474 O  O   . HOH D 2 .  ? 4.045   -8.317  -8.294  1.00 34.39 ? 170 HOH B O   1 
HETATM 1475 O  O   . HOH D 2 .  ? -7.821  11.674  10.969  1.00 48.13 ? 171 HOH B O   1 
HETATM 1476 O  O   . HOH D 2 .  ? -2.786  -10.525 7.529   1.00 45.78 ? 172 HOH B O   1 
HETATM 1477 O  O   . HOH D 2 .  ? 6.440   1.801   19.797  1.00 55.23 ? 173 HOH B O   1 
HETATM 1478 O  O   . HOH D 2 .  ? 10.775  1.311   0.862   1.00 51.25 ? 174 HOH B O   1 
HETATM 1479 O  O   . HOH D 2 .  ? 0.620   2.787   17.948  1.00 38.79 ? 175 HOH B O   1 
HETATM 1480 O  O   . HOH D 2 .  ? 13.603  -23.853 9.043   1.00 53.82 ? 176 HOH B O   1 
HETATM 1481 O  O   . HOH D 2 .  ? 4.507   9.886   5.546   1.00 47.13 ? 177 HOH B O   1 
HETATM 1482 O  O   . HOH D 2 .  ? 3.059   -22.055 -9.146  1.00 37.49 ? 178 HOH B O   1 
# 
